data_3CEV
#
_entry.id   3CEV
#
_cell.length_a   106.800
_cell.length_b   277.700
_cell.length_c   140.000
_cell.angle_alpha   90.00
_cell.angle_beta   90.00
_cell.angle_gamma   90.00
#
_symmetry.space_group_name_H-M   'C 2 2 21'
#
loop_
_entity.id
_entity.type
_entity.pdbx_description
1 polymer 'PROTEIN (ARGINASE)'
2 non-polymer 'MANGANESE (II) ION'
3 non-polymer ARGININE
4 water water
#
_entity_poly.entity_id   1
_entity_poly.type   'polypeptide(L)'
_entity_poly.pdbx_seq_one_letter_code
;MKPISIIGVPMDLGQTRRGVDMGPSAMRYAGVIERLERLHYDIEDLGDIPIGKAERLHEQGDSRLRNLKAVAEANEKLAA
AVDQVVQRGRFPLVLGGDHSIAIGTLAGVAKHYERLGVIWYDAHGDVNTAETSPSGNIHGMPLAASLGFGHPALTQIGGY
SPKIKPEHVVLIGVRSLDEGEKKFIREKGIKIYTMHEVDRLGMTRVMEETIAYLKERTDGVHLSLDLDGLDPSDAPGVGT
PVIGGLTYRESHLAMEMLAEAQIITSAEFVEVNPILDERNKTASVAVALMGSLFGEKLM
;
_entity_poly.pdbx_strand_id   A,B,C,D,E,F
#
# COMPACT_ATOMS: atom_id res chain seq x y z
N LYS A 2 20.72 -22.98 23.97
CA LYS A 2 20.99 -24.24 24.74
C LYS A 2 19.84 -24.54 25.71
N PRO A 3 19.39 -25.80 25.78
CA PRO A 3 18.29 -26.16 26.67
C PRO A 3 18.64 -25.83 28.11
N ILE A 4 17.63 -25.54 28.92
CA ILE A 4 17.84 -25.18 30.30
C ILE A 4 17.28 -26.22 31.24
N SER A 5 18.00 -26.45 32.33
CA SER A 5 17.57 -27.37 33.39
C SER A 5 17.57 -26.58 34.71
N ILE A 6 16.42 -26.49 35.33
CA ILE A 6 16.27 -25.79 36.59
C ILE A 6 16.45 -26.74 37.77
N ILE A 7 17.23 -26.31 38.74
CA ILE A 7 17.48 -27.11 39.94
C ILE A 7 17.23 -26.20 41.13
N GLY A 8 16.22 -26.53 41.92
CA GLY A 8 15.92 -25.76 43.10
C GLY A 8 16.74 -26.27 44.28
N VAL A 9 17.22 -25.34 45.10
CA VAL A 9 18.01 -25.69 46.27
C VAL A 9 17.45 -24.95 47.48
N PRO A 10 16.47 -25.57 48.16
CA PRO A 10 15.78 -25.05 49.35
C PRO A 10 16.70 -24.98 50.56
N MET A 11 17.71 -24.13 50.44
CA MET A 11 18.71 -23.97 51.48
C MET A 11 18.58 -22.71 52.33
N ASP A 12 18.63 -22.87 53.65
CA ASP A 12 18.60 -21.72 54.57
C ASP A 12 19.67 -21.88 55.67
N LEU A 13 20.40 -23.00 55.62
CA LEU A 13 21.46 -23.31 56.59
C LEU A 13 22.74 -22.47 56.46
N GLY A 14 22.84 -21.71 55.38
CA GLY A 14 23.99 -20.86 55.17
C GLY A 14 23.86 -19.57 55.97
N GLN A 15 22.68 -19.35 56.54
CA GLN A 15 22.42 -18.17 57.35
C GLN A 15 21.38 -18.48 58.44
N THR A 16 20.93 -17.47 59.17
CA THR A 16 20.00 -17.71 60.26
C THR A 16 18.53 -17.33 60.09
N ARG A 17 18.20 -16.56 59.07
CA ARG A 17 16.81 -16.18 58.86
C ARG A 17 16.05 -17.28 58.14
N ARG A 18 14.98 -17.76 58.74
CA ARG A 18 14.19 -18.80 58.10
C ARG A 18 13.34 -18.25 56.94
N GLY A 19 13.02 -19.11 55.98
CA GLY A 19 12.20 -18.69 54.85
C GLY A 19 12.89 -18.68 53.51
N VAL A 20 14.21 -18.47 53.49
CA VAL A 20 14.96 -18.43 52.24
C VAL A 20 14.96 -19.78 51.54
N ASP A 21 14.57 -20.80 52.28
CA ASP A 21 14.48 -22.13 51.69
C ASP A 21 13.24 -22.19 50.80
N MET A 22 12.36 -21.18 50.91
CA MET A 22 11.13 -21.11 50.10
C MET A 22 11.36 -20.36 48.81
N GLY A 23 12.59 -19.87 48.63
CA GLY A 23 12.97 -19.13 47.44
C GLY A 23 12.69 -19.84 46.13
N PRO A 24 13.17 -21.09 45.96
CA PRO A 24 12.96 -21.84 44.72
C PRO A 24 11.49 -21.88 44.29
N SER A 25 10.60 -22.19 45.23
CA SER A 25 9.20 -22.26 44.84
C SER A 25 8.51 -20.92 44.68
N ALA A 26 9.05 -19.90 45.35
CA ALA A 26 8.52 -18.54 45.26
C ALA A 26 8.75 -18.12 43.82
N MET A 27 9.93 -18.47 43.29
CA MET A 27 10.28 -18.14 41.89
C MET A 27 9.52 -18.98 40.88
N ARG A 28 9.28 -20.23 41.23
CA ARG A 28 8.49 -21.10 40.37
C ARG A 28 7.07 -20.50 40.29
N TYR A 29 6.54 -20.06 41.43
CA TYR A 29 5.22 -19.44 41.49
C TYR A 29 5.18 -18.08 40.80
N ALA A 30 6.35 -17.44 40.64
CA ALA A 30 6.40 -16.16 39.96
C ALA A 30 6.43 -16.43 38.44
N GLY A 31 6.34 -17.70 38.07
CA GLY A 31 6.30 -18.07 36.66
C GLY A 31 7.59 -18.23 35.89
N VAL A 32 8.63 -18.73 36.54
CA VAL A 32 9.91 -18.90 35.87
C VAL A 32 9.86 -19.83 34.66
N ILE A 33 9.08 -20.89 34.74
CA ILE A 33 9.00 -21.84 33.62
C ILE A 33 8.29 -21.23 32.41
N GLU A 34 7.11 -20.67 32.65
CA GLU A 34 6.32 -20.08 31.59
C GLU A 34 7.11 -18.99 30.88
N ARG A 35 7.77 -18.15 31.68
CA ARG A 35 8.58 -17.05 31.21
C ARG A 35 9.65 -17.53 30.22
N LEU A 36 10.33 -18.61 30.58
CA LEU A 36 11.39 -19.14 29.72
C LEU A 36 10.87 -19.96 28.54
N GLU A 37 9.72 -20.59 28.71
CA GLU A 37 9.15 -21.37 27.63
C GLU A 37 8.77 -20.42 26.51
N ARG A 38 8.28 -19.23 26.89
CA ARG A 38 7.88 -18.21 25.93
C ARG A 38 9.03 -17.77 25.05
N LEU A 39 10.25 -17.88 25.57
CA LEU A 39 11.44 -17.51 24.82
C LEU A 39 11.86 -18.69 23.93
N HIS A 40 10.95 -19.66 23.82
CA HIS A 40 11.11 -20.86 22.99
C HIS A 40 12.22 -21.81 23.48
N TYR A 41 12.46 -21.81 24.78
CA TYR A 41 13.48 -22.66 25.34
C TYR A 41 12.95 -24.04 25.64
N ASP A 42 13.86 -25.02 25.59
CA ASP A 42 13.57 -26.39 25.98
C ASP A 42 13.95 -26.27 27.46
N ILE A 43 12.95 -26.08 28.29
CA ILE A 43 13.18 -25.91 29.70
C ILE A 43 12.67 -27.13 30.45
N GLU A 44 13.51 -27.59 31.38
CA GLU A 44 13.25 -28.76 32.20
C GLU A 44 13.46 -28.40 33.67
N ASP A 45 12.55 -28.82 34.54
CA ASP A 45 12.68 -28.54 35.96
C ASP A 45 13.03 -29.85 36.68
N LEU A 46 14.30 -29.99 37.08
CA LEU A 46 14.75 -31.19 37.78
C LEU A 46 14.38 -31.25 39.26
N GLY A 47 13.47 -30.38 39.69
CA GLY A 47 13.08 -30.37 41.10
C GLY A 47 14.07 -29.77 42.09
N ASP A 48 13.95 -30.19 43.35
CA ASP A 48 14.80 -29.70 44.43
C ASP A 48 15.81 -30.68 45.02
N ILE A 49 16.94 -30.12 45.44
CA ILE A 49 17.99 -30.88 46.09
C ILE A 49 17.54 -31.08 47.52
N PRO A 50 17.61 -32.32 48.01
CA PRO A 50 17.21 -32.64 49.38
C PRO A 50 18.23 -31.99 50.31
N ILE A 51 17.74 -31.23 51.29
CA ILE A 51 18.61 -30.55 52.24
C ILE A 51 18.38 -31.16 53.60
N GLY A 52 19.46 -31.48 54.30
CA GLY A 52 19.37 -32.06 55.62
C GLY A 52 19.18 -31.01 56.70
N LYS A 53 18.81 -31.46 57.89
CA LYS A 53 18.61 -30.56 59.01
C LYS A 53 19.89 -30.41 59.83
N ALA A 54 20.06 -29.21 60.39
CA ALA A 54 21.23 -28.86 61.20
C ALA A 54 21.42 -29.69 62.46
N GLU A 55 22.68 -29.91 62.81
CA GLU A 55 23.03 -30.68 64.01
C GLU A 55 22.86 -29.78 65.23
N ARG A 56 22.90 -30.39 66.41
CA ARG A 56 22.77 -29.65 67.67
C ARG A 56 23.82 -28.55 67.62
N LEU A 57 23.35 -27.31 67.78
CA LEU A 57 24.22 -26.15 67.77
C LEU A 57 25.44 -26.31 68.70
N HIS A 58 25.22 -26.93 69.85
CA HIS A 58 26.25 -27.17 70.85
C HIS A 58 27.29 -28.24 70.46
N GLU A 59 26.83 -29.32 69.83
CA GLU A 59 27.73 -30.40 69.41
C GLU A 59 28.29 -30.13 68.01
N GLN A 60 27.91 -28.99 67.45
CA GLN A 60 28.32 -28.56 66.12
C GLN A 60 29.80 -28.15 66.07
N GLY A 61 30.44 -28.48 64.94
CA GLY A 61 31.86 -28.19 64.71
C GLY A 61 32.43 -26.80 65.00
N ASP A 62 31.83 -25.76 64.41
CA ASP A 62 32.32 -24.41 64.63
C ASP A 62 31.24 -23.35 64.61
N SER A 63 31.32 -22.42 65.54
CA SER A 63 30.37 -21.31 65.59
C SER A 63 30.78 -20.35 64.48
N ARG A 64 32.01 -20.55 64.00
CA ARG A 64 32.54 -19.73 62.94
C ARG A 64 32.14 -20.35 61.62
N LEU A 65 31.60 -21.55 61.68
CA LEU A 65 31.13 -22.28 60.50
C LEU A 65 29.83 -22.97 60.83
N ARG A 66 28.79 -22.19 61.04
CA ARG A 66 27.49 -22.74 61.37
C ARG A 66 26.94 -23.71 60.33
N ASN A 67 26.39 -24.83 60.80
CA ASN A 67 25.79 -25.88 59.96
C ASN A 67 26.71 -26.43 58.87
N LEU A 68 28.02 -26.44 59.14
CA LEU A 68 29.02 -26.89 58.18
C LEU A 68 28.76 -28.23 57.49
N LYS A 69 28.43 -29.26 58.26
CA LYS A 69 28.19 -30.56 57.66
C LYS A 69 26.95 -30.63 56.77
N ALA A 70 25.82 -30.08 57.22
CA ALA A 70 24.59 -30.08 56.42
C ALA A 70 24.79 -29.25 55.14
N VAL A 71 25.50 -28.13 55.28
CA VAL A 71 25.79 -27.25 54.16
C VAL A 71 26.74 -27.92 53.16
N ALA A 72 27.78 -28.57 53.66
CA ALA A 72 28.70 -29.25 52.78
C ALA A 72 28.01 -30.43 52.08
N GLU A 73 27.16 -31.16 52.81
CA GLU A 73 26.45 -32.30 52.23
C GLU A 73 25.49 -31.88 51.11
N ALA A 74 24.66 -30.88 51.38
CA ALA A 74 23.70 -30.39 50.39
C ALA A 74 24.46 -29.89 49.17
N ASN A 75 25.63 -29.30 49.40
CA ASN A 75 26.44 -28.80 48.30
C ASN A 75 27.06 -29.93 47.46
N GLU A 76 27.33 -31.09 48.07
CA GLU A 76 27.87 -32.21 47.33
C GLU A 76 26.79 -32.66 46.36
N LYS A 77 25.57 -32.80 46.88
CA LYS A 77 24.43 -33.20 46.06
C LYS A 77 24.22 -32.23 44.91
N LEU A 78 24.24 -30.94 45.21
CA LEU A 78 24.03 -29.91 44.19
C LEU A 78 25.08 -30.01 43.10
N ALA A 79 26.33 -30.15 43.52
CA ALA A 79 27.45 -30.24 42.57
C ALA A 79 27.25 -31.41 41.61
N ALA A 80 26.77 -32.53 42.13
CA ALA A 80 26.54 -33.70 41.31
C ALA A 80 25.40 -33.46 40.32
N ALA A 81 24.32 -32.88 40.78
CA ALA A 81 23.17 -32.61 39.92
C ALA A 81 23.53 -31.64 38.81
N VAL A 82 24.33 -30.63 39.15
CA VAL A 82 24.77 -29.61 38.20
C VAL A 82 25.75 -30.19 37.17
N ASP A 83 26.67 -31.01 37.66
CA ASP A 83 27.68 -31.67 36.83
C ASP A 83 27.00 -32.48 35.74
N GLN A 84 25.95 -33.20 36.14
CA GLN A 84 25.18 -34.01 35.21
C GLN A 84 24.52 -33.17 34.11
N VAL A 85 23.85 -32.09 34.50
CA VAL A 85 23.18 -31.19 33.55
C VAL A 85 24.19 -30.69 32.51
N VAL A 86 25.35 -30.27 32.97
CA VAL A 86 26.36 -29.76 32.07
C VAL A 86 26.80 -30.89 31.14
N GLN A 87 26.98 -32.07 31.70
CA GLN A 87 27.38 -33.21 30.88
C GLN A 87 26.32 -33.54 29.84
N ARG A 88 25.06 -33.23 30.14
CA ARG A 88 23.99 -33.48 29.18
C ARG A 88 23.87 -32.37 28.14
N GLY A 89 24.80 -31.42 28.20
CA GLY A 89 24.81 -30.32 27.26
C GLY A 89 23.74 -29.27 27.54
N ARG A 90 23.26 -29.20 28.77
CA ARG A 90 22.23 -28.24 29.12
C ARG A 90 22.79 -27.15 30.03
N PHE A 91 22.11 -26.00 30.02
CA PHE A 91 22.48 -24.84 30.84
C PHE A 91 21.88 -25.05 32.22
N PRO A 92 22.72 -25.01 33.27
CA PRO A 92 22.20 -25.19 34.64
C PRO A 92 21.73 -23.85 35.23
N LEU A 93 20.44 -23.79 35.58
CA LEU A 93 19.87 -22.59 36.19
C LEU A 93 19.45 -22.99 37.59
N VAL A 94 20.25 -22.58 38.56
CA VAL A 94 20.02 -22.90 39.96
C VAL A 94 19.25 -21.82 40.73
N LEU A 95 18.20 -22.23 41.41
CA LEU A 95 17.37 -21.30 42.17
C LEU A 95 17.54 -21.58 43.67
N GLY A 96 17.93 -20.54 44.41
CA GLY A 96 18.13 -20.66 45.85
C GLY A 96 17.00 -20.06 46.67
N GLY A 97 17.08 -20.14 48.01
CA GLY A 97 18.21 -20.74 48.70
C GLY A 97 19.24 -19.68 49.01
N ASP A 98 19.94 -19.77 50.14
CA ASP A 98 20.93 -18.75 50.44
C ASP A 98 22.16 -18.93 49.57
N HIS A 99 23.02 -17.92 49.54
CA HIS A 99 24.21 -17.93 48.69
C HIS A 99 25.24 -19.04 48.90
N SER A 100 25.15 -19.77 50.00
CA SER A 100 26.11 -20.86 50.24
C SER A 100 26.01 -21.97 49.18
N ILE A 101 24.91 -21.99 48.43
CA ILE A 101 24.72 -22.99 47.39
C ILE A 101 25.63 -22.75 46.20
N ALA A 102 26.21 -21.56 46.12
CA ALA A 102 27.15 -21.21 45.04
C ALA A 102 28.33 -22.17 45.07
N ILE A 103 28.67 -22.64 46.27
CA ILE A 103 29.77 -23.59 46.44
C ILE A 103 29.47 -24.84 45.61
N GLY A 104 28.25 -25.35 45.71
CA GLY A 104 27.86 -26.53 44.95
C GLY A 104 27.69 -26.26 43.46
N THR A 105 27.09 -25.13 43.10
CA THR A 105 26.90 -24.80 41.70
C THR A 105 28.24 -24.72 40.99
N LEU A 106 29.17 -23.92 41.53
CA LEU A 106 30.51 -23.76 40.95
C LEU A 106 31.30 -25.08 40.95
N ALA A 107 31.05 -25.95 41.92
CA ALA A 107 31.74 -27.24 41.99
C ALA A 107 31.30 -28.13 40.82
N GLY A 108 30.03 -28.03 40.46
CA GLY A 108 29.52 -28.85 39.37
C GLY A 108 29.83 -28.31 37.98
N VAL A 109 30.04 -26.99 37.89
CA VAL A 109 30.30 -26.34 36.61
C VAL A 109 31.77 -26.18 36.24
N ALA A 110 32.53 -25.60 37.15
CA ALA A 110 33.94 -25.31 36.92
C ALA A 110 34.79 -26.41 36.32
N LYS A 111 34.61 -27.64 36.78
CA LYS A 111 35.37 -28.79 36.25
C LYS A 111 35.25 -28.91 34.73
N HIS A 112 34.20 -28.33 34.14
CA HIS A 112 33.98 -28.39 32.71
C HIS A 112 34.60 -27.23 31.90
N TYR A 113 35.32 -26.34 32.58
CA TYR A 113 35.92 -25.21 31.86
C TYR A 113 37.39 -25.08 32.19
N GLU A 114 38.15 -24.57 31.23
CA GLU A 114 39.57 -24.36 31.45
C GLU A 114 39.82 -23.12 32.28
N ARG A 115 38.97 -22.12 32.09
CA ARG A 115 39.05 -20.85 32.80
C ARG A 115 37.66 -20.26 32.96
N LEU A 116 36.93 -20.75 33.96
CA LEU A 116 35.58 -20.26 34.22
C LEU A 116 35.65 -18.91 34.90
N GLY A 117 34.89 -17.96 34.36
CA GLY A 117 34.82 -16.63 34.96
C GLY A 117 33.56 -16.56 35.82
N VAL A 118 33.54 -15.60 36.73
CA VAL A 118 32.38 -15.44 37.60
C VAL A 118 32.01 -13.96 37.74
N ILE A 119 30.72 -13.68 37.65
CA ILE A 119 30.20 -12.33 37.87
C ILE A 119 29.38 -12.51 39.15
N TRP A 120 29.81 -11.86 40.22
CA TRP A 120 29.14 -11.92 41.51
C TRP A 120 28.37 -10.59 41.68
N TYR A 121 27.08 -10.61 41.30
CA TYR A 121 26.15 -9.46 41.38
C TYR A 121 25.61 -9.52 42.83
N ASP A 122 26.10 -8.63 43.69
CA ASP A 122 25.79 -8.75 45.10
C ASP A 122 26.13 -7.46 45.85
N ALA A 123 25.52 -7.29 47.03
CA ALA A 123 25.77 -6.12 47.89
C ALA A 123 26.97 -6.37 48.83
N HIS A 124 27.35 -7.64 48.93
CA HIS A 124 28.46 -8.10 49.77
C HIS A 124 29.53 -8.79 48.93
N GLY A 125 30.63 -9.14 49.58
CA GLY A 125 31.73 -9.80 48.88
C GLY A 125 31.68 -11.32 48.95
N ASP A 126 31.09 -11.84 50.01
CA ASP A 126 31.00 -13.28 50.22
C ASP A 126 32.37 -13.99 50.16
N VAL A 127 33.41 -13.28 50.58
CA VAL A 127 34.77 -13.82 50.59
C VAL A 127 35.36 -13.97 51.99
N ASN A 128 34.51 -14.28 52.96
CA ASN A 128 34.93 -14.48 54.34
C ASN A 128 35.32 -15.95 54.55
N THR A 129 36.06 -16.18 55.63
CA THR A 129 36.51 -17.50 56.05
C THR A 129 36.08 -17.58 57.50
N ALA A 130 36.29 -18.72 58.12
CA ALA A 130 35.92 -18.85 59.52
C ALA A 130 36.71 -17.83 60.32
N GLU A 131 37.92 -17.51 59.86
CA GLU A 131 38.76 -16.54 60.56
C GLU A 131 38.27 -15.12 60.39
N THR A 132 37.81 -14.76 59.21
CA THR A 132 37.37 -13.40 59.00
C THR A 132 35.89 -13.16 59.19
N SER A 133 35.08 -14.22 59.10
CA SER A 133 33.65 -14.07 59.24
C SER A 133 33.19 -13.47 60.57
N PRO A 134 32.42 -12.38 60.51
CA PRO A 134 31.91 -11.74 61.72
C PRO A 134 30.64 -12.43 62.23
N SER A 135 30.10 -13.37 61.45
CA SER A 135 28.84 -14.05 61.78
C SER A 135 28.86 -15.58 61.87
N GLY A 136 29.80 -16.19 61.16
CA GLY A 136 29.89 -17.64 61.15
C GLY A 136 28.92 -18.21 60.13
N ASN A 137 28.25 -17.32 59.40
CA ASN A 137 27.29 -17.72 58.38
C ASN A 137 28.00 -18.09 57.09
N ILE A 138 27.83 -19.33 56.65
CA ILE A 138 28.47 -19.82 55.44
C ILE A 138 28.02 -19.13 54.14
N HIS A 139 26.87 -18.47 54.15
CA HIS A 139 26.42 -17.79 52.93
C HIS A 139 27.28 -16.56 52.65
N GLY A 140 28.18 -16.24 53.59
CA GLY A 140 29.07 -15.11 53.42
C GLY A 140 30.49 -15.56 53.08
N MET A 141 30.62 -16.83 52.73
CA MET A 141 31.92 -17.46 52.39
C MET A 141 32.04 -18.20 51.06
N PRO A 142 30.94 -18.40 50.30
CA PRO A 142 31.01 -19.14 49.03
C PRO A 142 32.03 -18.73 47.96
N LEU A 143 32.23 -17.43 47.79
CA LEU A 143 33.17 -16.97 46.79
C LEU A 143 34.59 -17.36 47.21
N ALA A 144 34.95 -17.09 48.47
CA ALA A 144 36.28 -17.41 49.00
C ALA A 144 36.51 -18.90 48.92
N ALA A 145 35.52 -19.68 49.35
CA ALA A 145 35.60 -21.14 49.33
C ALA A 145 35.83 -21.65 47.91
N SER A 146 35.14 -21.06 46.94
CA SER A 146 35.29 -21.48 45.55
C SER A 146 36.64 -21.12 44.98
N LEU A 147 37.26 -20.07 45.53
CA LEU A 147 38.59 -19.62 45.14
C LEU A 147 39.65 -20.47 45.85
N GLY A 148 39.19 -21.38 46.70
CA GLY A 148 40.08 -22.27 47.43
C GLY A 148 40.45 -21.83 48.82
N PHE A 149 39.80 -20.79 49.34
CA PHE A 149 40.11 -20.30 50.68
C PHE A 149 38.99 -20.55 51.67
N GLY A 150 39.27 -21.40 52.64
CA GLY A 150 38.28 -21.71 53.65
C GLY A 150 38.40 -23.13 54.16
N HIS A 151 37.37 -23.59 54.84
CA HIS A 151 37.37 -24.93 55.40
C HIS A 151 37.34 -25.94 54.27
N PRO A 152 38.19 -26.97 54.34
CA PRO A 152 38.30 -28.04 53.33
C PRO A 152 36.99 -28.72 53.00
N ALA A 153 36.08 -28.80 53.96
CA ALA A 153 34.77 -29.41 53.72
C ALA A 153 34.04 -28.59 52.67
N LEU A 154 34.37 -27.31 52.58
CA LEU A 154 33.74 -26.44 51.60
C LEU A 154 34.59 -26.29 50.33
N THR A 155 35.90 -26.15 50.49
CA THR A 155 36.79 -25.96 49.35
C THR A 155 36.98 -27.18 48.49
N GLN A 156 36.73 -28.35 49.07
CA GLN A 156 36.92 -29.60 48.34
C GLN A 156 35.69 -30.24 47.75
N ILE A 157 34.55 -29.56 47.82
CA ILE A 157 33.29 -30.07 47.26
C ILE A 157 33.53 -30.47 45.80
N GLY A 158 33.05 -31.65 45.44
CA GLY A 158 33.24 -32.12 44.07
C GLY A 158 34.61 -32.77 43.88
N GLY A 159 35.44 -32.75 44.92
CA GLY A 159 36.75 -33.36 44.83
C GLY A 159 37.87 -32.63 44.12
N TYR A 160 37.83 -31.31 44.07
CA TYR A 160 38.89 -30.55 43.44
C TYR A 160 38.84 -29.11 43.88
N SER A 161 39.95 -28.40 43.69
CA SER A 161 40.01 -27.00 44.07
C SER A 161 41.27 -26.36 43.48
N PRO A 162 41.21 -25.04 43.20
CA PRO A 162 40.02 -24.21 43.42
C PRO A 162 39.15 -24.33 42.18
N LYS A 163 37.90 -23.88 42.29
CA LYS A 163 36.98 -23.93 41.17
C LYS A 163 37.28 -22.83 40.16
N ILE A 164 37.70 -21.65 40.65
CA ILE A 164 38.02 -20.51 39.78
C ILE A 164 39.22 -19.74 40.31
N LYS A 165 39.78 -18.85 39.47
CA LYS A 165 40.92 -17.99 39.80
C LYS A 165 40.42 -16.58 40.08
N PRO A 166 41.10 -15.86 41.00
CA PRO A 166 40.75 -14.48 41.39
C PRO A 166 40.66 -13.51 40.22
N GLU A 167 41.56 -13.70 39.25
CA GLU A 167 41.64 -12.83 38.06
C GLU A 167 40.52 -13.08 37.08
N HIS A 168 39.64 -14.03 37.41
CA HIS A 168 38.50 -14.38 36.57
C HIS A 168 37.17 -14.07 37.27
N VAL A 169 37.26 -13.27 38.32
CA VAL A 169 36.07 -12.89 39.08
C VAL A 169 35.83 -11.39 38.98
N VAL A 170 34.57 -10.99 38.87
CA VAL A 170 34.17 -9.58 38.85
C VAL A 170 32.97 -9.37 39.78
N LEU A 171 33.16 -8.58 40.83
CA LEU A 171 32.11 -8.27 41.78
C LEU A 171 31.43 -6.99 41.33
N ILE A 172 30.09 -6.97 41.34
CA ILE A 172 29.32 -5.79 40.93
C ILE A 172 28.21 -5.47 41.91
N GLY A 173 28.12 -4.20 42.29
CA GLY A 173 27.09 -3.74 43.21
C GLY A 173 27.41 -3.76 44.69
N VAL A 174 28.65 -4.11 45.02
CA VAL A 174 29.09 -4.22 46.41
C VAL A 174 28.99 -2.91 47.20
N ARG A 175 28.44 -3.00 48.40
CA ARG A 175 28.31 -1.82 49.23
C ARG A 175 28.45 -2.19 50.72
N SER A 176 28.90 -3.42 50.98
CA SER A 176 29.09 -3.88 52.35
C SER A 176 30.14 -4.98 52.47
N LEU A 177 31.37 -4.59 52.79
CA LEU A 177 32.48 -5.55 52.93
C LEU A 177 33.08 -5.48 54.33
N ASP A 178 33.34 -6.64 54.92
CA ASP A 178 33.99 -6.70 56.23
C ASP A 178 35.45 -6.41 55.96
N GLU A 179 36.16 -5.91 56.96
CA GLU A 179 37.56 -5.56 56.79
C GLU A 179 38.42 -6.67 56.22
N GLY A 180 38.20 -7.88 56.67
CA GLY A 180 38.96 -9.01 56.18
C GLY A 180 38.70 -9.26 54.72
N GLU A 181 37.47 -8.97 54.30
CA GLU A 181 37.10 -9.15 52.91
C GLU A 181 37.74 -8.09 52.03
N LYS A 182 37.83 -6.86 52.52
CA LYS A 182 38.48 -5.79 51.73
C LYS A 182 39.96 -6.16 51.51
N LYS A 183 40.59 -6.74 52.55
CA LYS A 183 41.97 -7.15 52.48
C LYS A 183 42.11 -8.28 51.47
N PHE A 184 41.21 -9.26 51.57
CA PHE A 184 41.17 -10.43 50.68
C PHE A 184 41.05 -10.01 49.21
N ILE A 185 40.07 -9.15 48.93
CA ILE A 185 39.82 -8.65 47.57
C ILE A 185 41.04 -7.92 47.03
N ARG A 186 41.56 -7.03 47.86
CA ARG A 186 42.72 -6.23 47.51
C ARG A 186 43.93 -7.08 47.23
N GLU A 187 44.18 -8.03 48.12
CA GLU A 187 45.33 -8.89 47.99
C GLU A 187 45.24 -9.95 46.93
N LYS A 188 44.05 -10.52 46.72
CA LYS A 188 43.91 -11.53 45.67
C LYS A 188 43.75 -10.84 44.34
N GLY A 189 43.62 -9.51 44.37
CA GLY A 189 43.47 -8.74 43.13
C GLY A 189 42.20 -9.01 42.36
N ILE A 190 41.09 -9.14 43.08
CA ILE A 190 39.80 -9.40 42.45
C ILE A 190 39.20 -8.09 41.93
N LYS A 191 38.75 -8.11 40.68
CA LYS A 191 38.13 -6.94 40.05
C LYS A 191 36.79 -6.65 40.73
N ILE A 192 36.60 -5.42 41.21
CA ILE A 192 35.37 -5.07 41.91
C ILE A 192 34.80 -3.69 41.59
N TYR A 193 33.50 -3.66 41.34
CA TYR A 193 32.78 -2.43 41.08
C TYR A 193 31.77 -2.25 42.20
N THR A 194 32.15 -1.43 43.19
CA THR A 194 31.26 -1.14 44.30
C THR A 194 30.24 -0.12 43.78
N MET A 195 29.30 0.29 44.64
CA MET A 195 28.31 1.28 44.25
C MET A 195 28.99 2.61 43.88
N HIS A 196 30.19 2.85 44.39
CA HIS A 196 30.88 4.07 44.06
C HIS A 196 31.14 4.11 42.55
N GLU A 197 31.68 3.00 42.03
CA GLU A 197 31.99 2.91 40.60
C GLU A 197 30.73 2.87 39.77
N VAL A 198 29.67 2.25 40.30
CA VAL A 198 28.42 2.19 39.57
C VAL A 198 27.89 3.62 39.47
N ASP A 199 27.90 4.33 40.59
CA ASP A 199 27.43 5.70 40.62
C ASP A 199 28.30 6.63 39.77
N ARG A 200 29.61 6.40 39.82
CA ARG A 200 30.57 7.24 39.13
C ARG A 200 30.70 6.98 37.65
N LEU A 201 30.77 5.70 37.28
CA LEU A 201 30.90 5.30 35.89
C LEU A 201 29.61 5.01 35.17
N GLY A 202 28.57 4.59 35.89
CA GLY A 202 27.33 4.25 35.24
C GLY A 202 27.29 2.75 34.95
N MET A 203 26.11 2.13 35.03
CA MET A 203 25.98 0.71 34.80
C MET A 203 26.46 0.26 33.42
N THR A 204 26.20 1.08 32.39
CA THR A 204 26.60 0.74 31.03
C THR A 204 28.09 0.50 30.94
N ARG A 205 28.86 1.44 31.46
CA ARG A 205 30.32 1.32 31.42
C ARG A 205 30.83 0.16 32.29
N VAL A 206 30.24 -0.03 33.46
CA VAL A 206 30.64 -1.11 34.32
C VAL A 206 30.43 -2.45 33.60
N MET A 207 29.27 -2.60 32.94
CA MET A 207 28.96 -3.83 32.23
C MET A 207 29.86 -4.06 31.03
N GLU A 208 30.10 -2.99 30.26
CA GLU A 208 30.98 -3.07 29.10
C GLU A 208 32.34 -3.56 29.50
N GLU A 209 32.89 -2.96 30.56
CA GLU A 209 34.21 -3.34 31.08
C GLU A 209 34.24 -4.75 31.60
N THR A 210 33.20 -5.13 32.33
CA THR A 210 33.13 -6.47 32.88
C THR A 210 33.11 -7.52 31.78
N ILE A 211 32.24 -7.31 30.80
CA ILE A 211 32.10 -8.24 29.69
C ILE A 211 33.41 -8.39 28.92
N ALA A 212 34.01 -7.27 28.56
CA ALA A 212 35.26 -7.30 27.82
C ALA A 212 36.36 -7.97 28.59
N TYR A 213 36.45 -7.67 29.88
CA TYR A 213 37.49 -8.23 30.75
C TYR A 213 37.43 -9.74 30.82
N LEU A 214 36.23 -10.26 31.02
CA LEU A 214 36.04 -11.69 31.12
C LEU A 214 36.13 -12.37 29.76
N LYS A 215 35.48 -11.76 28.77
CA LYS A 215 35.46 -12.33 27.42
C LYS A 215 36.88 -12.55 26.93
N GLU A 216 37.76 -11.68 27.39
CA GLU A 216 39.16 -11.69 27.04
C GLU A 216 40.02 -12.73 27.73
N ARG A 217 39.48 -13.43 28.73
CA ARG A 217 40.29 -14.40 29.43
C ARG A 217 39.64 -15.65 30.00
N THR A 218 38.36 -15.83 29.72
CA THR A 218 37.65 -17.00 30.22
C THR A 218 36.99 -17.78 29.07
N ASP A 219 36.71 -19.05 29.32
CA ASP A 219 36.06 -19.85 28.30
C ASP A 219 34.59 -20.14 28.65
N GLY A 220 34.13 -19.53 29.75
CA GLY A 220 32.77 -19.69 30.20
C GLY A 220 32.59 -18.72 31.33
N VAL A 221 31.36 -18.24 31.53
CA VAL A 221 31.09 -17.29 32.61
C VAL A 221 29.85 -17.70 33.40
N HIS A 222 30.00 -17.78 34.72
CA HIS A 222 28.90 -18.13 35.61
C HIS A 222 28.36 -16.87 36.29
N LEU A 223 27.05 -16.63 36.16
CA LEU A 223 26.41 -15.48 36.80
C LEU A 223 25.85 -15.93 38.14
N SER A 224 26.37 -15.32 39.21
CA SER A 224 25.90 -15.64 40.54
C SER A 224 25.22 -14.36 41.05
N LEU A 225 23.90 -14.32 40.92
CA LEU A 225 23.15 -13.15 41.32
C LEU A 225 22.39 -13.29 42.63
N ASP A 226 22.76 -12.44 43.57
CA ASP A 226 22.12 -12.36 44.89
C ASP A 226 21.16 -11.18 44.76
N LEU A 227 19.90 -11.42 45.08
CA LEU A 227 18.89 -10.37 45.00
C LEU A 227 19.19 -9.18 45.89
N ASP A 228 20.04 -9.37 46.91
CA ASP A 228 20.40 -8.25 47.78
C ASP A 228 21.28 -7.23 47.06
N GLY A 229 21.69 -7.58 45.84
CA GLY A 229 22.48 -6.68 45.03
C GLY A 229 21.58 -5.52 44.63
N LEU A 230 20.27 -5.76 44.50
CA LEU A 230 19.34 -4.68 44.17
C LEU A 230 18.97 -3.95 45.46
N ASP A 231 18.55 -2.70 45.32
CA ASP A 231 18.13 -1.92 46.46
C ASP A 231 16.94 -2.57 47.16
N PRO A 232 16.93 -2.55 48.50
CA PRO A 232 15.83 -3.16 49.25
C PRO A 232 14.44 -2.62 48.83
N SER A 233 14.37 -1.44 48.22
CA SER A 233 13.10 -0.90 47.79
C SER A 233 12.61 -1.67 46.58
N ASP A 234 13.55 -2.25 45.83
CA ASP A 234 13.20 -3.03 44.65
C ASP A 234 13.13 -4.52 44.96
N ALA A 235 13.95 -4.97 45.90
CA ALA A 235 13.97 -6.36 46.30
C ALA A 235 14.03 -6.46 47.82
N PRO A 236 12.88 -6.24 48.51
CA PRO A 236 12.81 -6.28 49.98
C PRO A 236 12.97 -7.66 50.62
N GLY A 237 12.66 -8.72 49.86
CA GLY A 237 12.72 -10.08 50.38
C GLY A 237 14.07 -10.78 50.45
N VAL A 238 15.01 -10.20 51.19
CA VAL A 238 16.35 -10.77 51.36
C VAL A 238 16.69 -10.68 52.83
N GLY A 239 17.57 -11.55 53.30
CA GLY A 239 17.95 -11.57 54.70
C GLY A 239 18.96 -10.52 55.10
N THR A 240 19.78 -10.09 54.14
CA THR A 240 20.80 -9.07 54.42
C THR A 240 20.68 -7.89 53.50
N PRO A 241 19.62 -7.11 53.66
CA PRO A 241 19.43 -5.93 52.80
C PRO A 241 20.38 -4.79 53.15
N VAL A 242 20.80 -4.03 52.15
CA VAL A 242 21.69 -2.88 52.35
C VAL A 242 21.19 -1.76 51.43
N ILE A 243 20.84 -0.61 51.99
CA ILE A 243 20.32 0.48 51.15
C ILE A 243 21.33 1.06 50.16
N GLY A 244 20.82 1.86 49.24
CA GLY A 244 21.69 2.45 48.23
C GLY A 244 22.17 1.43 47.21
N GLY A 245 21.26 0.55 46.78
CA GLY A 245 21.63 -0.46 45.82
C GLY A 245 21.26 -0.20 44.39
N LEU A 246 21.49 -1.21 43.55
CA LEU A 246 21.20 -1.13 42.14
C LEU A 246 19.69 -1.09 41.93
N THR A 247 19.27 -0.33 40.94
CA THR A 247 17.86 -0.19 40.63
C THR A 247 17.35 -1.33 39.77
N TYR A 248 16.04 -1.35 39.61
CA TYR A 248 15.35 -2.34 38.79
C TYR A 248 15.85 -2.25 37.34
N ARG A 249 15.93 -1.02 36.83
CA ARG A 249 16.38 -0.78 35.48
C ARG A 249 17.84 -1.11 35.25
N GLU A 250 18.72 -0.74 36.18
CA GLU A 250 20.15 -1.04 36.04
C GLU A 250 20.35 -2.54 35.95
N SER A 251 19.57 -3.27 36.74
CA SER A 251 19.62 -4.74 36.76
C SER A 251 19.13 -5.35 35.44
N HIS A 252 18.07 -4.79 34.87
CA HIS A 252 17.60 -5.30 33.59
C HIS A 252 18.61 -4.95 32.50
N LEU A 253 19.19 -3.76 32.57
CA LEU A 253 20.20 -3.35 31.59
C LEU A 253 21.39 -4.32 31.65
N ALA A 254 21.82 -4.64 32.86
CA ALA A 254 22.92 -5.56 33.07
C ALA A 254 22.62 -6.92 32.42
N MET A 255 21.43 -7.44 32.67
CA MET A 255 21.02 -8.74 32.13
C MET A 255 20.95 -8.69 30.61
N GLU A 256 20.43 -7.59 30.07
CA GLU A 256 20.30 -7.39 28.63
C GLU A 256 21.66 -7.33 27.95
N MET A 257 22.61 -6.65 28.57
CA MET A 257 23.96 -6.56 28.02
C MET A 257 24.68 -7.90 28.09
N LEU A 258 24.37 -8.70 29.11
CA LEU A 258 24.97 -10.01 29.25
C LEU A 258 24.39 -10.92 28.18
N ALA A 259 23.07 -10.85 28.01
CA ALA A 259 22.39 -11.64 26.99
C ALA A 259 23.03 -11.35 25.62
N GLU A 260 23.16 -10.07 25.33
CA GLU A 260 23.73 -9.59 24.08
C GLU A 260 25.13 -10.16 23.86
N ALA A 261 25.94 -10.15 24.92
CA ALA A 261 27.32 -10.63 24.87
C ALA A 261 27.42 -12.13 24.70
N GLN A 262 26.37 -12.85 25.08
CA GLN A 262 26.37 -14.29 24.96
C GLN A 262 27.53 -14.97 25.70
N ILE A 263 27.87 -14.50 26.89
CA ILE A 263 28.97 -15.08 27.64
C ILE A 263 28.54 -15.92 28.83
N ILE A 264 27.30 -15.78 29.27
CA ILE A 264 26.83 -16.52 30.44
C ILE A 264 26.53 -17.98 30.09
N THR A 265 27.25 -18.88 30.74
CA THR A 265 27.13 -20.31 30.50
C THR A 265 26.47 -21.10 31.62
N SER A 266 26.18 -20.41 32.73
CA SER A 266 25.50 -20.99 33.89
C SER A 266 25.03 -19.84 34.75
N ALA A 267 23.99 -20.05 35.54
CA ALA A 267 23.52 -18.97 36.40
C ALA A 267 22.75 -19.45 37.60
N GLU A 268 22.69 -18.59 38.62
CA GLU A 268 21.96 -18.90 39.83
C GLU A 268 21.43 -17.60 40.41
N PHE A 269 20.19 -17.66 40.88
CA PHE A 269 19.51 -16.54 41.49
C PHE A 269 19.24 -16.99 42.91
N VAL A 270 19.79 -16.26 43.87
CA VAL A 270 19.69 -16.64 45.27
C VAL A 270 19.17 -15.61 46.27
N GLU A 271 18.94 -16.10 47.49
CA GLU A 271 18.49 -15.31 48.63
C GLU A 271 17.07 -14.77 48.62
N VAL A 272 16.24 -15.28 47.72
CA VAL A 272 14.86 -14.86 47.67
C VAL A 272 14.19 -15.42 48.92
N ASN A 273 13.62 -14.56 49.74
CA ASN A 273 12.96 -15.01 50.95
C ASN A 273 11.55 -14.47 51.00
N PRO A 274 10.56 -15.31 50.63
CA PRO A 274 9.13 -14.97 50.60
C PRO A 274 8.60 -14.41 51.92
N ILE A 275 9.19 -14.90 53.01
CA ILE A 275 8.80 -14.54 54.35
C ILE A 275 9.23 -13.16 54.84
N LEU A 276 10.12 -12.53 54.10
CA LEU A 276 10.59 -11.19 54.45
C LEU A 276 10.20 -10.25 53.32
N ASP A 277 9.40 -10.76 52.39
CA ASP A 277 8.99 -10.04 51.19
C ASP A 277 7.60 -9.42 51.26
N GLU A 278 7.25 -8.68 50.21
CA GLU A 278 5.95 -8.04 50.08
C GLU A 278 5.28 -8.63 48.85
N ARG A 279 4.35 -9.56 49.06
CA ARG A 279 3.61 -10.16 47.97
C ARG A 279 4.48 -10.75 46.85
N ASN A 280 5.54 -11.47 47.23
CA ASN A 280 6.43 -12.13 46.28
C ASN A 280 7.17 -11.22 45.30
N LYS A 281 7.29 -9.94 45.65
CA LYS A 281 7.95 -8.94 44.80
C LYS A 281 9.37 -9.32 44.36
N THR A 282 10.15 -9.84 45.31
CA THR A 282 11.51 -10.24 45.04
C THR A 282 11.64 -11.43 44.09
N ALA A 283 10.79 -12.44 44.27
CA ALA A 283 10.81 -13.59 43.38
C ALA A 283 10.44 -13.11 41.99
N SER A 284 9.52 -12.14 41.93
CA SER A 284 9.07 -11.60 40.65
C SER A 284 10.18 -10.89 39.94
N VAL A 285 10.99 -10.14 40.70
CA VAL A 285 12.10 -9.40 40.11
C VAL A 285 13.09 -10.39 39.54
N ALA A 286 13.38 -11.44 40.31
CA ALA A 286 14.32 -12.48 39.90
C ALA A 286 13.89 -13.11 38.56
N VAL A 287 12.60 -13.45 38.45
CA VAL A 287 12.07 -14.05 37.23
C VAL A 287 12.13 -13.08 36.05
N ALA A 288 11.86 -11.79 36.31
CA ALA A 288 11.92 -10.78 35.27
C ALA A 288 13.37 -10.66 34.78
N LEU A 289 14.30 -10.67 35.73
CA LEU A 289 15.73 -10.58 35.43
C LEU A 289 16.18 -11.79 34.61
N MET A 290 15.65 -12.97 34.95
CA MET A 290 15.97 -14.18 34.20
C MET A 290 15.46 -14.04 32.77
N GLY A 291 14.29 -13.41 32.60
CA GLY A 291 13.73 -13.19 31.28
C GLY A 291 14.65 -12.35 30.39
N SER A 292 15.25 -11.32 30.97
CA SER A 292 16.19 -10.45 30.25
C SER A 292 17.49 -11.20 29.97
N LEU A 293 17.99 -11.90 30.96
CA LEU A 293 19.21 -12.67 30.83
C LEU A 293 19.09 -13.65 29.69
N PHE A 294 17.96 -14.34 29.64
CA PHE A 294 17.71 -15.36 28.62
C PHE A 294 17.21 -14.90 27.27
N GLY A 295 17.35 -13.61 26.99
CA GLY A 295 16.99 -13.14 25.67
C GLY A 295 15.84 -12.23 25.39
N GLU A 296 14.99 -11.94 26.38
CA GLU A 296 13.87 -11.05 26.11
C GLU A 296 14.39 -9.71 25.60
N LYS A 297 13.66 -9.12 24.66
CA LYS A 297 14.02 -7.84 24.11
C LYS A 297 12.77 -7.00 23.98
N LEU A 298 12.88 -5.73 24.37
CA LEU A 298 11.76 -4.81 24.32
C LEU A 298 11.38 -4.45 22.90
N MET A 299 12.38 -4.39 22.04
CA MET A 299 12.26 -4.02 20.62
C MET A 299 12.21 -5.24 19.68
N LYS B 2 4.16 31.79 21.03
CA LYS B 2 2.86 31.64 20.29
C LYS B 2 1.73 31.36 21.29
N PRO B 3 0.57 32.00 21.09
CA PRO B 3 -0.58 31.80 22.00
C PRO B 3 -1.01 30.35 22.00
N ILE B 4 -1.49 29.90 23.16
CA ILE B 4 -1.90 28.53 23.32
C ILE B 4 -3.42 28.44 23.45
N SER B 5 -3.98 27.38 22.86
CA SER B 5 -5.41 27.10 22.95
C SER B 5 -5.50 25.67 23.47
N ILE B 6 -6.20 25.52 24.60
CA ILE B 6 -6.38 24.24 25.22
C ILE B 6 -7.69 23.63 24.76
N ILE B 7 -7.62 22.35 24.41
CA ILE B 7 -8.80 21.61 23.99
C ILE B 7 -8.85 20.30 24.79
N GLY B 8 -9.87 20.15 25.62
CA GLY B 8 -10.03 18.94 26.41
C GLY B 8 -10.83 17.92 25.61
N VAL B 9 -10.46 16.65 25.71
CA VAL B 9 -11.14 15.60 24.98
C VAL B 9 -11.40 14.49 25.98
N PRO B 10 -12.56 14.52 26.63
CA PRO B 10 -13.03 13.55 27.65
C PRO B 10 -13.34 12.18 27.05
N MET B 11 -12.31 11.57 26.49
CA MET B 11 -12.44 10.29 25.82
C MET B 11 -11.98 9.08 26.60
N ASP B 12 -12.82 8.03 26.66
CA ASP B 12 -12.44 6.78 27.32
C ASP B 12 -12.81 5.56 26.46
N LEU B 13 -13.44 5.83 25.32
CA LEU B 13 -13.89 4.79 24.39
C LEU B 13 -12.75 4.09 23.65
N GLY B 14 -11.55 4.62 23.79
CA GLY B 14 -10.40 4.02 23.13
C GLY B 14 -9.88 2.84 23.90
N GLN B 15 -10.41 2.65 25.11
CA GLN B 15 -10.02 1.56 25.97
C GLN B 15 -11.20 1.17 26.88
N THR B 16 -10.96 0.30 27.85
CA THR B 16 -12.06 -0.18 28.70
C THR B 16 -12.17 0.30 30.12
N ARG B 17 -11.13 0.92 30.65
CA ARG B 17 -11.14 1.42 32.02
C ARG B 17 -11.82 2.78 32.09
N ARG B 18 -12.89 2.88 32.85
CA ARG B 18 -13.60 4.14 32.98
C ARG B 18 -12.82 5.12 33.82
N GLY B 19 -13.05 6.42 33.58
CA GLY B 19 -12.38 7.45 34.36
C GLY B 19 -11.40 8.31 33.59
N VAL B 20 -10.77 7.75 32.56
CA VAL B 20 -9.80 8.50 31.78
C VAL B 20 -10.46 9.70 31.06
N ASP B 21 -11.80 9.69 31.03
CA ASP B 21 -12.53 10.79 30.44
C ASP B 21 -12.51 12.00 31.38
N MET B 22 -12.07 11.78 32.61
CA MET B 22 -11.96 12.82 33.63
C MET B 22 -10.58 13.49 33.62
N GLY B 23 -9.69 12.98 32.77
CA GLY B 23 -8.34 13.52 32.64
C GLY B 23 -8.26 15.00 32.34
N PRO B 24 -8.99 15.52 31.33
CA PRO B 24 -8.94 16.95 31.01
C PRO B 24 -9.21 17.83 32.22
N SER B 25 -10.28 17.53 32.96
CA SER B 25 -10.60 18.32 34.13
C SER B 25 -9.69 18.10 35.33
N ALA B 26 -9.10 16.91 35.43
CA ALA B 26 -8.17 16.62 36.51
C ALA B 26 -6.94 17.53 36.30
N MET B 27 -6.53 17.69 35.03
CA MET B 27 -5.40 18.54 34.71
C MET B 27 -5.73 20.01 34.89
N ARG B 28 -6.97 20.40 34.56
CA ARG B 28 -7.39 21.77 34.74
C ARG B 28 -7.36 22.06 36.23
N TYR B 29 -7.79 21.10 37.03
CA TYR B 29 -7.80 21.26 38.47
C TYR B 29 -6.40 21.21 39.05
N ALA B 30 -5.44 20.65 38.30
CA ALA B 30 -4.06 20.60 38.77
C ALA B 30 -3.38 21.94 38.45
N GLY B 31 -4.17 22.87 37.88
CA GLY B 31 -3.69 24.21 37.57
C GLY B 31 -2.99 24.48 36.26
N VAL B 32 -3.42 23.81 35.19
CA VAL B 32 -2.79 23.99 33.90
C VAL B 32 -2.85 25.42 33.36
N ILE B 33 -3.97 26.09 33.53
CA ILE B 33 -4.11 27.45 33.06
C ILE B 33 -3.18 28.44 33.80
N GLU B 34 -3.22 28.38 35.12
CA GLU B 34 -2.44 29.23 36.00
C GLU B 34 -0.96 29.06 35.72
N ARG B 35 -0.56 27.81 35.54
CA ARG B 35 0.81 27.44 35.27
C ARG B 35 1.34 28.13 34.01
N LEU B 36 0.53 28.07 32.96
CA LEU B 36 0.92 28.63 31.69
C LEU B 36 0.78 30.13 31.64
N GLU B 37 -0.20 30.67 32.36
CA GLU B 37 -0.36 32.11 32.38
C GLU B 37 0.88 32.75 32.99
N ARG B 38 1.43 32.12 34.03
CA ARG B 38 2.62 32.62 34.72
C ARG B 38 3.80 32.74 33.78
N LEU B 39 3.81 31.92 32.72
CA LEU B 39 4.90 31.94 31.74
C LEU B 39 4.60 33.03 30.73
N HIS B 40 3.65 33.88 31.11
CA HIS B 40 3.21 35.02 30.34
C HIS B 40 2.61 34.66 28.99
N TYR B 41 1.98 33.51 28.92
CA TYR B 41 1.35 33.08 27.69
C TYR B 41 -0.06 33.62 27.56
N ASP B 42 -0.48 33.78 26.31
CA ASP B 42 -1.86 34.17 25.98
C ASP B 42 -2.50 32.77 25.89
N ILE B 43 -3.13 32.37 26.98
CA ILE B 43 -3.71 31.04 27.03
C ILE B 43 -5.21 31.12 27.00
N GLU B 44 -5.78 30.28 26.16
CA GLU B 44 -7.21 30.20 25.96
C GLU B 44 -7.66 28.76 26.14
N ASP B 45 -8.78 28.55 26.83
CA ASP B 45 -9.30 27.20 27.03
C ASP B 45 -10.58 27.05 26.21
N LEU B 46 -10.50 26.33 25.10
CA LEU B 46 -11.65 26.12 24.22
C LEU B 46 -12.66 25.07 24.72
N GLY B 47 -12.51 24.65 25.97
CA GLY B 47 -13.41 23.66 26.54
C GLY B 47 -13.17 22.24 26.10
N ASP B 48 -14.24 21.44 26.10
CA ASP B 48 -14.16 20.04 25.72
C ASP B 48 -14.92 19.63 24.46
N ILE B 49 -14.37 18.63 23.78
CA ILE B 49 -14.97 18.07 22.58
C ILE B 49 -16.08 17.14 23.07
N PRO B 50 -17.29 17.24 22.49
CA PRO B 50 -18.42 16.39 22.87
C PRO B 50 -18.13 14.98 22.41
N ILE B 51 -18.21 14.02 23.32
CA ILE B 51 -17.93 12.64 22.98
C ILE B 51 -19.24 11.89 23.09
N GLY B 52 -19.51 11.05 22.10
CA GLY B 52 -20.74 10.26 22.07
C GLY B 52 -20.61 8.95 22.84
N LYS B 53 -21.73 8.30 23.10
CA LYS B 53 -21.70 7.04 23.83
C LYS B 53 -21.67 5.82 22.90
N ALA B 54 -21.14 4.74 23.45
CA ALA B 54 -21.01 3.47 22.75
C ALA B 54 -22.26 2.62 22.85
N GLU B 55 -22.64 2.03 21.72
CA GLU B 55 -23.81 1.16 21.65
C GLU B 55 -23.39 -0.25 22.12
N ARG B 56 -24.36 -1.13 22.36
CA ARG B 56 -24.09 -2.49 22.80
C ARG B 56 -23.03 -3.12 21.91
N LEU B 57 -21.99 -3.67 22.53
CA LEU B 57 -20.90 -4.32 21.79
C LEU B 57 -21.45 -5.37 20.85
N HIS B 58 -22.37 -6.17 21.38
CA HIS B 58 -23.02 -7.24 20.62
C HIS B 58 -23.93 -6.68 19.53
N GLU B 59 -24.50 -5.50 19.77
CA GLU B 59 -25.36 -4.87 18.80
C GLU B 59 -24.52 -4.19 17.72
N GLN B 60 -23.30 -3.77 18.03
CA GLN B 60 -22.52 -3.16 16.95
C GLN B 60 -21.09 -3.50 16.62
N GLY B 61 -20.91 -3.23 15.34
CA GLY B 61 -19.71 -3.40 14.55
C GLY B 61 -18.35 -3.94 14.90
N ASP B 62 -17.78 -3.60 16.06
CA ASP B 62 -16.40 -3.98 16.33
C ASP B 62 -15.83 -4.48 17.67
N SER B 63 -15.13 -5.61 17.65
CA SER B 63 -14.51 -6.18 18.84
C SER B 63 -12.99 -6.05 18.65
N ARG B 64 -12.53 -6.13 17.40
CA ARG B 64 -11.13 -5.93 17.08
C ARG B 64 -10.96 -4.43 16.99
N LEU B 65 -12.09 -3.71 16.92
CA LEU B 65 -12.10 -2.27 16.84
C LEU B 65 -13.21 -1.75 17.72
N ARG B 66 -13.12 -1.97 19.02
CA ARG B 66 -14.14 -1.55 19.96
C ARG B 66 -14.46 -0.06 19.85
N ASN B 67 -15.76 0.26 19.87
CA ASN B 67 -16.29 1.64 19.80
C ASN B 67 -15.81 2.45 18.61
N LEU B 68 -15.58 1.80 17.48
CA LEU B 68 -15.06 2.47 16.29
C LEU B 68 -15.79 3.72 15.82
N LYS B 69 -17.12 3.64 15.76
CA LYS B 69 -17.93 4.75 15.29
C LYS B 69 -17.81 5.97 16.19
N ALA B 70 -18.03 5.79 17.49
CA ALA B 70 -17.94 6.88 18.46
C ALA B 70 -16.53 7.47 18.52
N VAL B 71 -15.53 6.60 18.38
CA VAL B 71 -14.13 7.01 18.40
C VAL B 71 -13.80 7.79 17.13
N ALA B 72 -14.30 7.32 16.00
CA ALA B 72 -14.04 8.03 14.75
C ALA B 72 -14.77 9.37 14.72
N GLU B 73 -15.98 9.41 15.27
CA GLU B 73 -16.75 10.65 15.27
C GLU B 73 -16.16 11.71 16.17
N ALA B 74 -15.78 11.31 17.39
CA ALA B 74 -15.16 12.22 18.34
C ALA B 74 -13.85 12.75 17.73
N ASN B 75 -13.12 11.88 17.05
CA ASN B 75 -11.88 12.30 16.41
C ASN B 75 -12.09 13.28 15.23
N GLU B 76 -13.22 13.18 14.55
CA GLU B 76 -13.49 14.11 13.47
C GLU B 76 -13.67 15.48 14.08
N LYS B 77 -14.43 15.53 15.18
CA LYS B 77 -14.68 16.79 15.87
C LYS B 77 -13.38 17.44 16.35
N LEU B 78 -12.53 16.63 16.97
CA LEU B 78 -11.26 17.11 17.49
C LEU B 78 -10.38 17.64 16.36
N ALA B 79 -10.32 16.89 15.26
CA ALA B 79 -9.52 17.28 14.11
C ALA B 79 -9.96 18.66 13.62
N ALA B 80 -11.26 18.92 13.63
CA ALA B 80 -11.76 20.20 13.16
C ALA B 80 -11.38 21.34 14.11
N ALA B 81 -11.55 21.10 15.40
CA ALA B 81 -11.23 22.09 16.42
C ALA B 81 -9.76 22.44 16.38
N VAL B 82 -8.91 21.41 16.25
CA VAL B 82 -7.47 21.59 16.20
C VAL B 82 -7.03 22.34 14.93
N ASP B 83 -7.61 21.96 13.79
CA ASP B 83 -7.32 22.58 12.51
C ASP B 83 -7.57 24.09 12.60
N GLN B 84 -8.67 24.44 13.24
CA GLN B 84 -9.05 25.82 13.42
C GLN B 84 -8.04 26.60 14.26
N VAL B 85 -7.63 26.03 15.39
CA VAL B 85 -6.65 26.68 16.27
C VAL B 85 -5.35 26.97 15.50
N VAL B 86 -4.89 26.00 14.71
CA VAL B 86 -3.68 26.17 13.93
C VAL B 86 -3.88 27.27 12.92
N GLN B 87 -5.06 27.29 12.30
CA GLN B 87 -5.38 28.31 11.32
C GLN B 87 -5.38 29.68 11.97
N ARG B 88 -5.72 29.74 13.25
CA ARG B 88 -5.72 31.01 13.97
C ARG B 88 -4.32 31.38 14.41
N GLY B 89 -3.34 30.55 14.04
CA GLY B 89 -1.94 30.79 14.40
C GLY B 89 -1.63 30.55 15.86
N ARG B 90 -2.38 29.67 16.49
CA ARG B 90 -2.18 29.35 17.87
C ARG B 90 -1.66 27.91 18.01
N PHE B 91 -0.98 27.63 19.12
CA PHE B 91 -0.43 26.31 19.44
C PHE B 91 -1.56 25.50 20.06
N PRO B 92 -1.87 24.33 19.47
CA PRO B 92 -2.94 23.48 20.01
C PRO B 92 -2.42 22.55 21.13
N LEU B 93 -2.97 22.69 22.33
CA LEU B 93 -2.57 21.87 23.46
C LEU B 93 -3.79 21.03 23.83
N VAL B 94 -3.73 19.77 23.43
CA VAL B 94 -4.81 18.80 23.64
C VAL B 94 -4.63 17.98 24.94
N LEU B 95 -5.66 17.99 25.79
CA LEU B 95 -5.66 17.26 27.06
C LEU B 95 -6.64 16.10 27.01
N GLY B 96 -6.13 14.88 27.19
CA GLY B 96 -6.96 13.68 27.14
C GLY B 96 -7.36 13.16 28.51
N GLY B 97 -8.11 12.05 28.58
CA GLY B 97 -8.55 11.32 27.38
C GLY B 97 -7.55 10.23 26.99
N ASP B 98 -8.05 9.10 26.52
CA ASP B 98 -7.13 8.05 26.12
C ASP B 98 -6.39 8.41 24.82
N HIS B 99 -5.33 7.67 24.53
CA HIS B 99 -4.49 7.98 23.39
C HIS B 99 -5.13 7.94 22.00
N SER B 100 -6.36 7.43 21.90
CA SER B 100 -7.00 7.35 20.59
C SER B 100 -7.28 8.72 20.04
N ILE B 101 -7.24 9.73 20.90
CA ILE B 101 -7.48 11.10 20.47
C ILE B 101 -6.34 11.66 19.62
N ALA B 102 -5.17 11.01 19.66
CA ALA B 102 -4.02 11.41 18.86
C ALA B 102 -4.38 11.37 17.38
N ILE B 103 -5.33 10.49 17.01
CA ILE B 103 -5.80 10.36 15.63
C ILE B 103 -6.41 11.70 15.21
N GLY B 104 -7.24 12.29 16.06
CA GLY B 104 -7.85 13.57 15.75
C GLY B 104 -6.88 14.74 15.81
N THR B 105 -6.00 14.75 16.81
CA THR B 105 -5.03 15.82 16.96
C THR B 105 -4.12 15.88 15.73
N LEU B 106 -3.55 14.76 15.34
CA LEU B 106 -2.65 14.73 14.19
C LEU B 106 -3.40 15.04 12.90
N ALA B 107 -4.68 14.70 12.85
CA ALA B 107 -5.49 14.96 11.68
C ALA B 107 -5.67 16.46 11.50
N GLY B 108 -5.80 17.18 12.63
CA GLY B 108 -5.97 18.62 12.56
C GLY B 108 -4.68 19.39 12.36
N VAL B 109 -3.57 18.79 12.77
CA VAL B 109 -2.29 19.46 12.66
C VAL B 109 -1.49 19.19 11.41
N ALA B 110 -1.31 17.92 11.12
CA ALA B 110 -0.51 17.47 9.98
C ALA B 110 -0.70 18.18 8.64
N LYS B 111 -1.96 18.46 8.29
CA LYS B 111 -2.28 19.13 7.03
C LYS B 111 -1.54 20.46 6.88
N HIS B 112 -1.17 21.07 8.01
CA HIS B 112 -0.48 22.35 7.99
C HIS B 112 1.03 22.29 7.87
N TYR B 113 1.59 21.08 7.73
CA TYR B 113 3.04 20.92 7.63
C TYR B 113 3.45 20.05 6.47
N GLU B 114 4.60 20.38 5.90
CA GLU B 114 5.18 19.66 4.77
C GLU B 114 5.64 18.31 5.26
N ARG B 115 6.32 18.32 6.40
CA ARG B 115 6.87 17.11 7.02
C ARG B 115 6.76 17.19 8.53
N LEU B 116 5.59 16.86 9.06
CA LEU B 116 5.39 16.89 10.50
C LEU B 116 6.07 15.71 11.17
N GLY B 117 6.86 16.02 12.20
CA GLY B 117 7.56 15.00 12.97
C GLY B 117 6.75 14.70 14.23
N VAL B 118 6.94 13.53 14.80
CA VAL B 118 6.21 13.14 15.99
C VAL B 118 7.12 12.47 17.00
N ILE B 119 6.97 12.88 18.26
CA ILE B 119 7.72 12.27 19.35
C ILE B 119 6.63 11.58 20.18
N TRP B 120 6.70 10.26 20.22
CA TRP B 120 5.73 9.44 20.94
C TRP B 120 6.37 9.01 22.28
N TYR B 121 6.11 9.78 23.32
CA TYR B 121 6.64 9.54 24.67
C TYR B 121 5.64 8.57 25.29
N ASP B 122 6.03 7.30 25.40
CA ASP B 122 5.08 6.28 25.80
C ASP B 122 5.77 4.95 26.20
N ALA B 123 5.07 4.13 26.97
CA ALA B 123 5.57 2.81 27.39
C ALA B 123 5.27 1.77 26.30
N HIS B 124 4.32 2.10 25.42
CA HIS B 124 3.87 1.21 24.34
C HIS B 124 4.16 1.82 22.98
N GLY B 125 3.85 1.06 21.93
CA GLY B 125 4.07 1.54 20.58
C GLY B 125 2.86 2.16 19.92
N ASP B 126 1.68 1.74 20.36
CA ASP B 126 0.44 2.26 19.78
C ASP B 126 0.40 2.16 18.26
N VAL B 127 1.01 1.10 17.74
CA VAL B 127 1.03 0.87 16.29
C VAL B 127 0.31 -0.42 15.85
N ASN B 128 -0.72 -0.80 16.60
CA ASN B 128 -1.50 -2.00 16.26
C ASN B 128 -2.59 -1.66 15.25
N THR B 129 -3.12 -2.72 14.63
CA THR B 129 -4.22 -2.63 13.67
C THR B 129 -5.21 -3.63 14.21
N ALA B 130 -6.38 -3.72 13.61
CA ALA B 130 -7.39 -4.68 14.06
C ALA B 130 -6.79 -6.09 13.95
N GLU B 131 -5.90 -6.27 12.98
CA GLU B 131 -5.27 -7.55 12.76
C GLU B 131 -4.26 -7.89 13.82
N THR B 132 -3.49 -6.91 14.24
CA THR B 132 -2.46 -7.17 15.24
C THR B 132 -2.87 -6.92 16.69
N SER B 133 -3.90 -6.11 16.89
CA SER B 133 -4.30 -5.79 18.24
C SER B 133 -4.71 -7.00 19.08
N PRO B 134 -4.14 -7.12 20.28
CA PRO B 134 -4.47 -8.24 21.15
C PRO B 134 -5.70 -7.90 22.05
N SER B 135 -6.15 -6.65 22.00
CA SER B 135 -7.25 -6.19 22.84
C SER B 135 -8.45 -5.58 22.12
N GLY B 136 -8.24 -5.07 20.92
CA GLY B 136 -9.30 -4.44 20.18
C GLY B 136 -9.50 -3.00 20.65
N ASN B 137 -8.63 -2.54 21.54
CA ASN B 137 -8.71 -1.18 22.07
C ASN B 137 -8.03 -0.21 21.11
N ILE B 138 -8.79 0.76 20.63
CA ILE B 138 -8.27 1.71 19.66
C ILE B 138 -7.15 2.60 20.19
N HIS B 139 -7.05 2.78 21.51
CA HIS B 139 -5.99 3.61 22.07
C HIS B 139 -4.62 3.00 21.84
N GLY B 140 -4.61 1.76 21.34
CA GLY B 140 -3.37 1.08 21.03
C GLY B 140 -3.09 1.08 19.54
N MET B 141 -3.82 1.90 18.78
CA MET B 141 -3.66 1.99 17.33
C MET B 141 -3.46 3.38 16.72
N PRO B 142 -3.55 4.47 17.50
CA PRO B 142 -3.39 5.82 16.94
C PRO B 142 -2.16 6.15 16.10
N LEU B 143 -1.00 5.64 16.49
CA LEU B 143 0.21 5.93 15.74
C LEU B 143 0.14 5.25 14.39
N ALA B 144 -0.22 3.96 14.38
CA ALA B 144 -0.35 3.20 13.13
C ALA B 144 -1.38 3.86 12.21
N ALA B 145 -2.53 4.20 12.77
CA ALA B 145 -3.59 4.83 12.04
C ALA B 145 -3.13 6.16 11.42
N SER B 146 -2.38 6.93 12.19
CA SER B 146 -1.89 8.22 11.68
C SER B 146 -0.87 8.03 10.55
N LEU B 147 -0.15 6.92 10.58
CA LEU B 147 0.84 6.59 9.56
C LEU B 147 0.14 6.02 8.33
N GLY B 148 -1.19 5.88 8.40
CA GLY B 148 -1.95 5.37 7.29
C GLY B 148 -2.25 3.88 7.31
N PHE B 149 -2.03 3.23 8.45
CA PHE B 149 -2.28 1.79 8.57
C PHE B 149 -3.41 1.49 9.58
N GLY B 150 -4.50 0.94 9.08
CA GLY B 150 -5.62 0.60 9.93
C GLY B 150 -6.96 0.77 9.24
N HIS B 151 -8.03 0.75 10.02
CA HIS B 151 -9.37 0.92 9.47
C HIS B 151 -9.50 2.32 8.88
N PRO B 152 -10.07 2.42 7.67
CA PRO B 152 -10.28 3.67 6.96
C PRO B 152 -11.06 4.71 7.75
N ALA B 153 -11.93 4.26 8.65
CA ALA B 153 -12.68 5.18 9.49
C ALA B 153 -11.71 5.92 10.38
N LEU B 154 -10.56 5.32 10.64
CA LEU B 154 -9.54 5.93 11.47
C LEU B 154 -8.44 6.61 10.66
N THR B 155 -8.02 5.97 9.56
CA THR B 155 -6.95 6.55 8.74
C THR B 155 -7.37 7.74 7.88
N GLN B 156 -8.67 7.88 7.65
CA GLN B 156 -9.16 8.97 6.83
C GLN B 156 -9.73 10.16 7.57
N ILE B 157 -9.60 10.20 8.88
CA ILE B 157 -10.11 11.34 9.66
C ILE B 157 -9.53 12.62 9.08
N GLY B 158 -10.38 13.62 8.91
CA GLY B 158 -9.94 14.88 8.33
C GLY B 158 -9.90 14.86 6.81
N GLY B 159 -10.18 13.70 6.23
CA GLY B 159 -10.17 13.59 4.78
C GLY B 159 -8.85 13.44 4.04
N TYR B 160 -7.84 12.89 4.70
CA TYR B 160 -6.54 12.70 4.04
C TYR B 160 -5.69 11.73 4.83
N SER B 161 -4.72 11.14 4.15
CA SER B 161 -3.80 10.21 4.80
C SER B 161 -2.59 9.92 3.91
N PRO B 162 -1.43 9.60 4.53
CA PRO B 162 -1.28 9.52 5.97
C PRO B 162 -0.97 10.89 6.51
N LYS B 163 -1.12 11.07 7.82
CA LYS B 163 -0.81 12.35 8.44
C LYS B 163 0.69 12.55 8.54
N ILE B 164 1.43 11.47 8.83
CA ILE B 164 2.89 11.57 8.95
C ILE B 164 3.58 10.36 8.31
N LYS B 165 4.90 10.45 8.21
CA LYS B 165 5.75 9.40 7.63
C LYS B 165 6.58 8.71 8.73
N PRO B 166 6.84 7.40 8.60
CA PRO B 166 7.59 6.62 9.57
C PRO B 166 8.93 7.20 9.93
N GLU B 167 9.61 7.76 8.93
CA GLU B 167 10.94 8.34 9.11
C GLU B 167 10.90 9.66 9.87
N HIS B 168 9.71 10.10 10.23
CA HIS B 168 9.59 11.34 10.97
C HIS B 168 9.04 11.07 12.37
N VAL B 169 9.06 9.80 12.76
CA VAL B 169 8.55 9.40 14.06
C VAL B 169 9.66 8.90 14.97
N VAL B 170 9.60 9.30 16.25
CA VAL B 170 10.57 8.84 17.23
C VAL B 170 9.83 8.38 18.50
N LEU B 171 9.93 7.09 18.79
CA LEU B 171 9.32 6.53 19.99
C LEU B 171 10.32 6.62 21.14
N ILE B 172 9.87 7.05 22.32
CA ILE B 172 10.76 7.17 23.50
C ILE B 172 10.11 6.60 24.74
N GLY B 173 10.83 5.73 25.43
CA GLY B 173 10.35 5.15 26.67
C GLY B 173 9.61 3.82 26.56
N VAL B 174 9.58 3.24 25.36
CA VAL B 174 8.86 2.00 25.12
C VAL B 174 9.41 0.81 25.90
N ARG B 175 8.52 0.03 26.49
CA ARG B 175 8.92 -1.14 27.26
C ARG B 175 7.88 -2.25 27.14
N SER B 176 6.92 -2.05 26.26
CA SER B 176 5.87 -3.04 26.03
C SER B 176 5.32 -2.97 24.61
N LEU B 177 5.78 -3.88 23.77
CA LEU B 177 5.36 -3.94 22.37
C LEU B 177 4.81 -5.32 22.04
N ASP B 178 3.70 -5.36 21.32
CA ASP B 178 3.14 -6.62 20.89
C ASP B 178 3.97 -7.09 19.69
N GLU B 179 3.97 -8.39 19.42
CA GLU B 179 4.79 -8.94 18.34
C GLU B 179 4.54 -8.27 17.02
N GLY B 180 3.26 -8.07 16.71
CA GLY B 180 2.93 -7.41 15.46
C GLY B 180 3.50 -5.99 15.41
N GLU B 181 3.55 -5.33 16.55
CA GLU B 181 4.08 -3.97 16.63
C GLU B 181 5.60 -3.95 16.43
N LYS B 182 6.29 -4.95 16.98
CA LYS B 182 7.74 -5.02 16.82
C LYS B 182 8.05 -5.15 15.35
N LYS B 183 7.26 -5.98 14.67
CA LYS B 183 7.44 -6.21 13.24
C LYS B 183 7.16 -4.92 12.48
N PHE B 184 6.10 -4.23 12.85
CA PHE B 184 5.68 -2.96 12.24
C PHE B 184 6.77 -1.91 12.34
N ILE B 185 7.25 -1.73 13.55
CA ILE B 185 8.29 -0.75 13.82
C ILE B 185 9.53 -1.05 13.01
N ARG B 186 9.94 -2.32 13.09
CA ARG B 186 11.13 -2.82 12.40
C ARG B 186 11.02 -2.61 10.91
N GLU B 187 9.90 -3.03 10.34
CA GLU B 187 9.67 -2.94 8.91
C GLU B 187 9.42 -1.55 8.38
N LYS B 188 8.76 -0.69 9.16
CA LYS B 188 8.50 0.67 8.69
C LYS B 188 9.73 1.52 8.94
N GLY B 189 10.69 0.94 9.68
CA GLY B 189 11.91 1.65 9.99
C GLY B 189 11.71 2.85 10.90
N ILE B 190 10.83 2.71 11.90
CA ILE B 190 10.57 3.79 12.85
C ILE B 190 11.65 3.85 13.92
N LYS B 191 12.18 5.05 14.16
CA LYS B 191 13.23 5.27 15.15
C LYS B 191 12.63 5.08 16.53
N ILE B 192 13.23 4.17 17.30
CA ILE B 192 12.73 3.86 18.63
C ILE B 192 13.79 3.71 19.70
N TYR B 193 13.54 4.36 20.84
CA TYR B 193 14.40 4.30 22.01
C TYR B 193 13.60 3.66 23.13
N THR B 194 13.81 2.37 23.32
CA THR B 194 13.13 1.65 24.38
C THR B 194 13.89 1.97 25.67
N MET B 195 13.42 1.42 26.78
CA MET B 195 14.06 1.62 28.07
C MET B 195 15.48 1.09 28.07
N HIS B 196 15.77 0.12 27.19
CA HIS B 196 17.13 -0.40 27.09
C HIS B 196 18.07 0.73 26.65
N GLU B 197 17.66 1.48 25.63
CA GLU B 197 18.45 2.59 25.11
C GLU B 197 18.49 3.75 26.10
N VAL B 198 17.38 3.98 26.78
CA VAL B 198 17.37 5.05 27.77
C VAL B 198 18.34 4.68 28.91
N ASP B 199 18.29 3.44 29.34
CA ASP B 199 19.16 2.96 30.41
C ASP B 199 20.61 2.97 29.96
N ARG B 200 20.83 2.51 28.73
CA ARG B 200 22.17 2.39 28.15
C ARG B 200 22.84 3.68 27.74
N LEU B 201 22.09 4.55 27.04
CA LEU B 201 22.62 5.81 26.57
C LEU B 201 22.38 6.98 27.50
N GLY B 202 21.27 6.95 28.24
CA GLY B 202 20.94 8.05 29.14
C GLY B 202 19.97 8.99 28.43
N MET B 203 19.07 9.59 29.21
CA MET B 203 18.07 10.49 28.63
C MET B 203 18.64 11.68 27.88
N THR B 204 19.78 12.22 28.33
CA THR B 204 20.38 13.37 27.64
C THR B 204 20.72 13.01 26.21
N ARG B 205 21.42 11.89 26.02
CA ARG B 205 21.81 11.46 24.68
C ARG B 205 20.60 11.10 23.81
N VAL B 206 19.60 10.45 24.40
CA VAL B 206 18.41 10.07 23.67
C VAL B 206 17.71 11.31 23.13
N MET B 207 17.58 12.33 23.97
CA MET B 207 16.95 13.58 23.59
C MET B 207 17.77 14.37 22.58
N GLU B 208 19.08 14.44 22.78
CA GLU B 208 19.94 15.12 21.83
C GLU B 208 19.77 14.51 20.42
N GLU B 209 19.85 13.19 20.34
CA GLU B 209 19.71 12.46 19.09
C GLU B 209 18.33 12.64 18.47
N THR B 210 17.29 12.57 19.29
CA THR B 210 15.92 12.73 18.82
C THR B 210 15.73 14.12 18.23
N ILE B 211 16.12 15.14 18.98
CA ILE B 211 16.00 16.52 18.55
C ILE B 211 16.77 16.77 17.24
N ALA B 212 18.01 16.33 17.18
CA ALA B 212 18.82 16.52 15.98
C ALA B 212 18.23 15.80 14.77
N TYR B 213 17.78 14.57 14.98
CA TYR B 213 17.20 13.74 13.94
C TYR B 213 15.98 14.39 13.31
N LEU B 214 15.05 14.82 14.15
CA LEU B 214 13.85 15.46 13.65
C LEU B 214 14.10 16.86 13.09
N LYS B 215 14.90 17.67 13.80
CA LYS B 215 15.19 19.04 13.39
C LYS B 215 15.76 19.03 11.98
N GLU B 216 16.46 17.96 11.68
CA GLU B 216 17.11 17.79 10.41
C GLU B 216 16.20 17.38 9.27
N ARG B 217 14.96 17.02 9.56
CA ARG B 217 14.11 16.59 8.47
C ARG B 217 12.62 16.91 8.53
N THR B 218 12.21 17.74 9.48
CA THR B 218 10.80 18.06 9.62
C THR B 218 10.63 19.58 9.71
N ASP B 219 9.43 20.05 9.46
CA ASP B 219 9.16 21.48 9.56
C ASP B 219 8.23 21.77 10.74
N GLY B 220 7.97 20.73 11.52
CA GLY B 220 7.13 20.86 12.70
C GLY B 220 7.26 19.58 13.48
N VAL B 221 7.07 19.64 14.80
CA VAL B 221 7.14 18.44 15.62
C VAL B 221 6.00 18.43 16.63
N HIS B 222 5.24 17.34 16.63
CA HIS B 222 4.13 17.16 17.53
C HIS B 222 4.57 16.25 18.67
N LEU B 223 4.34 16.70 19.91
CA LEU B 223 4.67 15.89 21.08
C LEU B 223 3.41 15.18 21.52
N SER B 224 3.45 13.85 21.50
CA SER B 224 2.33 13.05 21.92
C SER B 224 2.82 12.32 23.16
N LEU B 225 2.49 12.88 24.33
CA LEU B 225 2.92 12.31 25.59
C LEU B 225 1.85 11.56 26.38
N ASP B 226 2.10 10.26 26.56
CA ASP B 226 1.20 9.39 27.31
C ASP B 226 1.86 9.31 28.69
N LEU B 227 1.09 9.56 29.73
CA LEU B 227 1.62 9.51 31.08
C LEU B 227 2.17 8.14 31.48
N ASP B 228 1.73 7.08 30.78
CA ASP B 228 2.22 5.73 31.08
C ASP B 228 3.70 5.58 30.70
N GLY B 229 4.23 6.60 30.02
CA GLY B 229 5.63 6.58 29.66
C GLY B 229 6.45 6.71 30.94
N LEU B 230 5.90 7.39 31.95
CA LEU B 230 6.60 7.51 33.23
C LEU B 230 6.34 6.26 34.07
N ASP B 231 7.25 5.97 34.99
CA ASP B 231 7.10 4.80 35.84
C ASP B 231 5.82 4.95 36.68
N PRO B 232 5.11 3.83 36.90
CA PRO B 232 3.86 3.83 37.68
C PRO B 232 4.00 4.45 39.09
N SER B 233 5.22 4.49 39.61
CA SER B 233 5.47 5.07 40.92
C SER B 233 5.42 6.57 40.84
N ASP B 234 5.68 7.11 39.65
CA ASP B 234 5.64 8.54 39.43
C ASP B 234 4.29 8.97 38.86
N ALA B 235 3.70 8.09 38.05
CA ALA B 235 2.41 8.37 37.41
C ALA B 235 1.50 7.14 37.52
N PRO B 236 0.94 6.89 38.72
CA PRO B 236 0.05 5.74 38.93
C PRO B 236 -1.33 5.78 38.27
N GLY B 237 -1.83 6.96 37.98
CA GLY B 237 -3.15 7.11 37.36
C GLY B 237 -3.26 6.89 35.85
N VAL B 238 -2.91 5.70 35.40
CA VAL B 238 -2.99 5.34 33.98
C VAL B 238 -3.60 3.92 33.92
N GLY B 239 -4.30 3.63 32.82
CA GLY B 239 -4.95 2.34 32.64
C GLY B 239 -4.02 1.22 32.25
N THR B 240 -2.92 1.53 31.59
CA THR B 240 -1.96 0.50 31.17
C THR B 240 -0.56 0.76 31.73
N PRO B 241 -0.38 0.61 33.05
CA PRO B 241 0.92 0.85 33.69
C PRO B 241 1.90 -0.27 33.41
N VAL B 242 3.18 0.07 33.28
CA VAL B 242 4.24 -0.91 33.05
C VAL B 242 5.45 -0.44 33.87
N ILE B 243 5.89 -1.27 34.80
CA ILE B 243 7.02 -0.93 35.64
C ILE B 243 8.34 -0.76 34.88
N GLY B 244 9.32 -0.15 35.56
CA GLY B 244 10.62 0.12 34.96
C GLY B 244 10.52 1.25 33.93
N GLY B 245 9.77 2.29 34.28
CA GLY B 245 9.61 3.43 33.37
C GLY B 245 10.49 4.63 33.62
N LEU B 246 10.28 5.66 32.80
CA LEU B 246 11.05 6.89 32.91
C LEU B 246 10.74 7.58 34.22
N THR B 247 11.74 8.20 34.84
CA THR B 247 11.55 8.91 36.10
C THR B 247 11.00 10.33 35.92
N TYR B 248 10.62 10.92 37.06
CA TYR B 248 10.09 12.28 37.10
C TYR B 248 11.14 13.23 36.54
N ARG B 249 12.38 13.05 36.96
CA ARG B 249 13.49 13.89 36.52
C ARG B 249 13.83 13.75 35.04
N GLU B 250 13.90 12.50 34.56
CA GLU B 250 14.21 12.27 33.15
C GLU B 250 13.16 12.95 32.28
N SER B 251 11.91 12.94 32.74
CA SER B 251 10.81 13.54 32.01
C SER B 251 10.90 15.06 31.96
N HIS B 252 11.30 15.66 33.09
CA HIS B 252 11.45 17.11 33.12
C HIS B 252 12.66 17.50 32.26
N LEU B 253 13.71 16.67 32.30
CA LEU B 253 14.88 16.94 31.48
C LEU B 253 14.47 16.93 30.01
N ALA B 254 13.69 15.92 29.62
CA ALA B 254 13.21 15.77 28.24
C ALA B 254 12.44 16.99 27.79
N MET B 255 11.50 17.44 28.64
CA MET B 255 10.69 18.60 28.35
C MET B 255 11.54 19.85 28.26
N GLU B 256 12.53 19.99 29.14
CA GLU B 256 13.42 21.15 29.15
C GLU B 256 14.29 21.19 27.92
N MET B 257 14.77 20.03 27.46
CA MET B 257 15.59 20.00 26.27
C MET B 257 14.74 20.30 25.03
N LEU B 258 13.47 19.88 25.05
CA LEU B 258 12.58 20.17 23.93
C LEU B 258 12.30 21.68 23.85
N ALA B 259 12.03 22.27 25.00
CA ALA B 259 11.75 23.71 25.09
C ALA B 259 12.94 24.46 24.53
N GLU B 260 14.13 24.08 25.00
CA GLU B 260 15.37 24.68 24.58
C GLU B 260 15.51 24.63 23.06
N ALA B 261 15.19 23.48 22.47
CA ALA B 261 15.32 23.28 21.03
C ALA B 261 14.29 24.05 20.22
N GLN B 262 13.18 24.37 20.87
CA GLN B 262 12.13 25.10 20.22
C GLN B 262 11.60 24.40 18.98
N ILE B 263 11.44 23.07 19.04
CA ILE B 263 10.93 22.33 17.89
C ILE B 263 9.47 21.89 18.02
N ILE B 264 8.92 21.90 19.24
CA ILE B 264 7.55 21.46 19.44
C ILE B 264 6.53 22.50 18.99
N THR B 265 5.71 22.11 18.00
CA THR B 265 4.69 22.98 17.44
C THR B 265 3.25 22.63 17.80
N SER B 266 3.07 21.53 18.52
CA SER B 266 1.76 21.08 19.01
C SER B 266 2.02 19.98 20.04
N ALA B 267 1.08 19.79 20.94
CA ALA B 267 1.28 18.76 21.96
C ALA B 267 -0.03 18.26 22.58
N GLU B 268 0.04 17.05 23.12
CA GLU B 268 -1.07 16.44 23.81
C GLU B 268 -0.57 15.57 24.95
N PHE B 269 -1.25 15.70 26.09
CA PHE B 269 -0.94 14.92 27.29
C PHE B 269 -2.15 14.06 27.51
N VAL B 270 -1.95 12.74 27.47
CA VAL B 270 -3.05 11.79 27.57
C VAL B 270 -2.97 10.69 28.61
N GLU B 271 -4.10 9.98 28.74
CA GLU B 271 -4.26 8.85 29.64
C GLU B 271 -4.31 9.12 31.12
N VAL B 272 -4.46 10.38 31.50
CA VAL B 272 -4.58 10.72 32.91
C VAL B 272 -5.94 10.20 33.39
N ASN B 273 -5.92 9.31 34.39
CA ASN B 273 -7.17 8.75 34.90
C ASN B 273 -7.21 8.97 36.42
N PRO B 274 -7.98 9.98 36.87
CA PRO B 274 -8.16 10.37 38.27
C PRO B 274 -8.62 9.22 39.15
N ILE B 275 -9.40 8.33 38.56
CA ILE B 275 -9.99 7.21 39.25
C ILE B 275 -9.04 6.05 39.59
N LEU B 276 -7.87 6.04 38.96
CA LEU B 276 -6.86 5.01 39.19
C LEU B 276 -5.63 5.64 39.84
N ASP B 277 -5.76 6.93 40.15
CA ASP B 277 -4.70 7.74 40.72
C ASP B 277 -4.70 7.89 42.24
N GLU B 278 -3.66 8.55 42.75
CA GLU B 278 -3.54 8.82 44.17
C GLU B 278 -3.53 10.32 44.34
N ARG B 279 -4.66 10.88 44.78
CA ARG B 279 -4.81 12.31 45.00
C ARG B 279 -4.35 13.20 43.84
N ASN B 280 -4.75 12.86 42.62
CA ASN B 280 -4.43 13.64 41.42
C ASN B 280 -2.93 13.78 41.07
N LYS B 281 -2.12 12.87 41.59
CA LYS B 281 -0.68 12.89 41.36
C LYS B 281 -0.28 12.93 39.88
N THR B 282 -0.93 12.10 39.08
CA THR B 282 -0.66 11.99 37.65
C THR B 282 -1.01 13.25 36.87
N ALA B 283 -2.15 13.86 37.20
CA ALA B 283 -2.55 15.09 36.52
C ALA B 283 -1.53 16.18 36.87
N SER B 284 -1.07 16.17 38.11
CA SER B 284 -0.08 17.14 38.58
C SER B 284 1.25 16.98 37.86
N VAL B 285 1.68 15.74 37.64
CA VAL B 285 2.92 15.50 36.92
C VAL B 285 2.78 16.06 35.50
N ALA B 286 1.64 15.82 34.87
CA ALA B 286 1.38 16.28 33.52
C ALA B 286 1.51 17.80 33.44
N VAL B 287 0.85 18.49 34.36
CA VAL B 287 0.91 19.94 34.41
C VAL B 287 2.33 20.45 34.63
N ALA B 288 3.07 19.82 35.53
CA ALA B 288 4.47 20.20 35.79
C ALA B 288 5.28 20.03 34.52
N LEU B 289 5.08 18.91 33.81
CA LEU B 289 5.78 18.60 32.56
C LEU B 289 5.44 19.64 31.51
N MET B 290 4.18 20.08 31.49
CA MET B 290 3.76 21.11 30.57
C MET B 290 4.49 22.43 30.89
N GLY B 291 4.72 22.68 32.18
CA GLY B 291 5.42 23.87 32.60
C GLY B 291 6.83 23.91 32.06
N SER B 292 7.49 22.76 32.09
CA SER B 292 8.83 22.64 31.59
C SER B 292 8.84 22.80 30.08
N LEU B 293 7.95 22.06 29.42
CA LEU B 293 7.82 22.09 27.96
C LEU B 293 7.63 23.51 27.46
N PHE B 294 6.77 24.26 28.15
CA PHE B 294 6.48 25.62 27.76
C PHE B 294 7.42 26.72 28.24
N GLY B 295 8.62 26.31 28.66
CA GLY B 295 9.61 27.29 29.04
C GLY B 295 10.10 27.52 30.44
N GLU B 296 9.51 26.87 31.44
CA GLU B 296 9.99 27.08 32.80
C GLU B 296 11.44 26.73 32.93
N LYS B 297 12.16 27.53 33.71
CA LYS B 297 13.56 27.30 33.93
C LYS B 297 13.89 27.45 35.41
N LEU B 298 14.70 26.53 35.92
CA LEU B 298 15.10 26.54 37.32
C LEU B 298 16.06 27.70 37.63
N MET B 299 16.92 27.99 36.65
CA MET B 299 17.93 29.06 36.75
C MET B 299 17.41 30.38 36.15
N LYS C 2 42.50 15.61 60.37
CA LYS C 2 42.34 16.74 61.36
C LYS C 2 41.19 16.44 62.34
N PRO C 3 41.43 16.66 63.64
CA PRO C 3 40.40 16.39 64.65
C PRO C 3 39.15 17.18 64.33
N ILE C 4 38.02 16.64 64.75
CA ILE C 4 36.76 17.28 64.50
C ILE C 4 36.10 17.73 65.80
N SER C 5 35.44 18.89 65.72
CA SER C 5 34.68 19.44 66.85
C SER C 5 33.25 19.66 66.35
N ILE C 6 32.30 18.99 67.00
CA ILE C 6 30.91 19.12 66.65
C ILE C 6 30.27 20.22 67.48
N ILE C 7 29.47 21.05 66.80
CA ILE C 7 28.77 22.14 67.44
C ILE C 7 27.32 22.09 67.00
N GLY C 8 26.43 21.84 67.95
CA GLY C 8 25.01 21.79 67.64
C GLY C 8 24.40 23.16 67.76
N VAL C 9 23.49 23.48 66.85
CA VAL C 9 22.83 24.79 66.87
C VAL C 9 21.33 24.56 66.73
N PRO C 10 20.65 24.38 67.87
CA PRO C 10 19.20 24.12 67.94
C PRO C 10 18.35 25.32 67.53
N MET C 11 18.50 25.73 66.27
CA MET C 11 17.83 26.90 65.71
C MET C 11 16.60 26.61 64.83
N ASP C 12 15.51 27.31 65.09
CA ASP C 12 14.32 27.19 64.26
C ASP C 12 13.74 28.56 63.93
N LEU C 13 14.36 29.60 64.47
CA LEU C 13 13.94 30.98 64.26
C LEU C 13 14.17 31.53 62.86
N GLY C 14 14.91 30.78 62.04
CA GLY C 14 15.17 31.21 60.68
C GLY C 14 13.97 30.93 59.79
N GLN C 15 13.02 30.16 60.32
CA GLN C 15 11.82 29.81 59.59
C GLN C 15 10.64 29.63 60.55
N THR C 16 9.51 29.17 60.04
CA THR C 16 8.31 29.02 60.87
C THR C 16 7.89 27.63 61.36
N ARG C 17 8.47 26.57 60.80
CA ARG C 17 8.10 25.23 61.21
C ARG C 17 8.85 24.82 62.46
N ARG C 18 8.15 24.48 63.53
CA ARG C 18 8.83 24.07 64.74
C ARG C 18 9.39 22.66 64.60
N GLY C 19 10.43 22.38 65.37
CA GLY C 19 11.01 21.04 65.32
C GLY C 19 12.40 20.95 64.76
N VAL C 20 12.77 21.85 63.85
CA VAL C 20 14.09 21.83 63.23
C VAL C 20 15.18 22.12 64.27
N ASP C 21 14.76 22.59 65.43
CA ASP C 21 15.70 22.85 66.52
C ASP C 21 16.12 21.52 67.17
N MET C 22 15.40 20.46 66.83
CA MET C 22 15.68 19.11 67.33
C MET C 22 16.67 18.38 66.44
N GLY C 23 17.01 19.01 65.32
CA GLY C 23 17.95 18.43 64.36
C GLY C 23 19.28 17.99 64.92
N PRO C 24 19.99 18.86 65.68
CA PRO C 24 21.30 18.47 66.24
C PRO C 24 21.26 17.17 67.01
N SER C 25 20.27 17.00 67.89
CA SER C 25 20.16 15.78 68.68
C SER C 25 19.63 14.57 67.94
N ALA C 26 18.82 14.81 66.91
CA ALA C 26 18.29 13.73 66.08
C ALA C 26 19.51 13.10 65.39
N MET C 27 20.45 13.94 64.95
CA MET C 27 21.66 13.45 64.30
C MET C 27 22.61 12.77 65.29
N ARG C 28 22.65 13.29 66.51
CA ARG C 28 23.47 12.70 67.56
C ARG C 28 22.90 11.30 67.81
N TYR C 29 21.58 11.21 67.89
CA TYR C 29 20.91 9.93 68.13
C TYR C 29 21.03 8.99 66.93
N ALA C 30 21.29 9.55 65.74
CA ALA C 30 21.46 8.72 64.56
C ALA C 30 22.89 8.18 64.53
N GLY C 31 23.66 8.50 65.57
CA GLY C 31 25.02 7.99 65.70
C GLY C 31 26.17 8.73 65.06
N VAL C 32 26.08 10.05 65.02
CA VAL C 32 27.14 10.82 64.41
C VAL C 32 28.53 10.63 65.06
N ILE C 33 28.59 10.55 66.38
CA ILE C 33 29.87 10.40 67.06
C ILE C 33 30.50 9.06 66.79
N GLU C 34 29.73 7.99 66.97
CA GLU C 34 30.28 6.66 66.75
C GLU C 34 30.75 6.47 65.32
N ARG C 35 29.95 6.97 64.38
CA ARG C 35 30.26 6.89 62.97
C ARG C 35 31.64 7.48 62.67
N LEU C 36 31.89 8.65 63.23
CA LEU C 36 33.14 9.33 63.01
C LEU C 36 34.31 8.76 63.81
N GLU C 37 34.03 8.28 65.02
CA GLU C 37 35.07 7.67 65.84
C GLU C 37 35.61 6.46 65.09
N ARG C 38 34.71 5.73 64.41
CA ARG C 38 35.07 4.54 63.65
C ARG C 38 36.06 4.83 62.53
N LEU C 39 36.05 6.06 62.04
CA LEU C 39 36.98 6.46 60.99
C LEU C 39 38.30 6.89 61.60
N HIS C 40 38.44 6.60 62.88
CA HIS C 40 39.64 6.90 63.64
C HIS C 40 39.88 8.36 63.91
N TYR C 41 38.82 9.14 63.92
CA TYR C 41 38.93 10.56 64.19
C TYR C 41 38.96 10.89 65.69
N ASP C 42 39.61 12.01 65.99
CA ASP C 42 39.62 12.54 67.34
C ASP C 42 38.41 13.45 67.21
N ILE C 43 37.29 13.00 67.74
CA ILE C 43 36.05 13.73 67.65
C ILE C 43 35.65 14.24 69.02
N GLU C 44 35.21 15.48 69.02
CA GLU C 44 34.82 16.16 70.24
C GLU C 44 33.47 16.83 69.99
N ASP C 45 32.57 16.71 70.96
CA ASP C 45 31.24 17.32 70.84
C ASP C 45 31.17 18.53 71.79
N LEU C 46 31.25 19.74 71.26
CA LEU C 46 31.21 20.93 72.10
C LEU C 46 29.80 21.32 72.56
N GLY C 47 28.83 20.44 72.34
CA GLY C 47 27.47 20.73 72.75
C GLY C 47 26.69 21.65 71.84
N ASP C 48 25.74 22.38 72.43
CA ASP C 48 24.88 23.29 71.69
C ASP C 48 25.01 24.77 72.01
N ILE C 49 24.83 25.58 70.98
CA ILE C 49 24.84 27.02 71.11
C ILE C 49 23.47 27.40 71.69
N PRO C 50 23.46 28.22 72.74
CA PRO C 50 22.21 28.67 73.37
C PRO C 50 21.47 29.57 72.40
N ILE C 51 20.20 29.28 72.18
CA ILE C 51 19.41 30.11 71.27
C ILE C 51 18.34 30.80 72.10
N GLY C 52 18.16 32.10 71.86
CA GLY C 52 17.16 32.85 72.60
C GLY C 52 15.80 32.75 71.93
N LYS C 53 14.77 33.22 72.63
CA LYS C 53 13.42 33.20 72.11
C LYS C 53 13.13 34.54 71.45
N ALA C 54 12.35 34.53 70.37
CA ALA C 54 12.02 35.76 69.64
C ALA C 54 11.11 36.72 70.43
N GLU C 55 11.24 38.02 70.17
CA GLU C 55 10.41 39.01 70.85
C GLU C 55 9.06 39.10 70.11
N ARG C 56 8.08 39.75 70.72
CA ARG C 56 6.76 39.89 70.10
C ARG C 56 6.85 40.40 68.69
N LEU C 57 6.30 39.62 67.77
CA LEU C 57 6.34 39.93 66.36
C LEU C 57 5.92 41.37 66.06
N HIS C 58 4.85 41.84 66.70
CA HIS C 58 4.39 43.20 66.47
C HIS C 58 5.38 44.22 67.01
N GLU C 59 6.21 43.81 67.97
CA GLU C 59 7.21 44.72 68.53
C GLU C 59 8.54 44.55 67.83
N GLN C 60 8.59 43.62 66.89
CA GLN C 60 9.79 43.37 66.09
C GLN C 60 9.93 44.44 65.01
N GLY C 61 11.18 44.68 64.60
CA GLY C 61 11.49 45.69 63.60
C GLY C 61 11.12 45.49 62.12
N ASP C 62 11.14 44.26 61.63
CA ASP C 62 10.83 44.04 60.23
C ASP C 62 10.16 42.68 60.01
N SER C 63 9.03 42.70 59.30
CA SER C 63 8.30 41.48 58.99
C SER C 63 8.99 40.74 57.85
N ARG C 64 9.86 41.46 57.14
CA ARG C 64 10.63 40.91 56.02
C ARG C 64 11.86 40.26 56.59
N LEU C 65 12.04 40.39 57.90
CA LEU C 65 13.19 39.81 58.57
C LEU C 65 12.74 39.26 59.92
N ARG C 66 11.93 38.22 59.87
CA ARG C 66 11.41 37.58 61.08
C ARG C 66 12.49 37.07 62.03
N ASN C 67 12.31 37.40 63.32
CA ASN C 67 13.21 37.01 64.41
C ASN C 67 14.67 37.48 64.22
N LEU C 68 14.83 38.64 63.58
CA LEU C 68 16.17 39.17 63.30
C LEU C 68 17.13 39.24 64.48
N LYS C 69 16.68 39.76 65.62
CA LYS C 69 17.54 39.88 66.80
C LYS C 69 18.05 38.55 67.30
N ALA C 70 17.11 37.64 67.56
CA ALA C 70 17.45 36.32 68.08
C ALA C 70 18.35 35.55 67.13
N VAL C 71 18.08 35.68 65.84
CA VAL C 71 18.87 34.99 64.84
C VAL C 71 20.27 35.58 64.74
N ALA C 72 20.37 36.90 64.81
CA ALA C 72 21.66 37.54 64.74
C ALA C 72 22.48 37.21 66.01
N GLU C 73 21.81 37.21 67.16
CA GLU C 73 22.46 36.92 68.44
C GLU C 73 23.03 35.51 68.47
N ALA C 74 22.18 34.53 68.16
CA ALA C 74 22.56 33.13 68.13
C ALA C 74 23.71 32.96 67.13
N ASN C 75 23.66 33.71 66.03
CA ASN C 75 24.71 33.63 65.03
C ASN C 75 26.04 34.18 65.52
N GLU C 76 25.99 35.21 66.36
CA GLU C 76 27.24 35.76 66.91
C GLU C 76 27.91 34.72 67.79
N LYS C 77 27.09 34.04 68.59
CA LYS C 77 27.59 32.99 69.47
C LYS C 77 28.22 31.86 68.67
N LEU C 78 27.52 31.43 67.62
CA LEU C 78 28.01 30.36 66.77
C LEU C 78 29.35 30.73 66.14
N ALA C 79 29.42 31.94 65.59
CA ALA C 79 30.62 32.46 64.94
C ALA C 79 31.81 32.41 65.88
N ALA C 80 31.55 32.71 67.15
CA ALA C 80 32.61 32.72 68.15
C ALA C 80 33.12 31.33 68.46
N ALA C 81 32.17 30.40 68.59
CA ALA C 81 32.50 29.02 68.91
C ALA C 81 33.25 28.39 67.76
N VAL C 82 32.80 28.67 66.55
CA VAL C 82 33.45 28.13 65.36
C VAL C 82 34.86 28.69 65.18
N ASP C 83 35.00 30.00 65.34
CA ASP C 83 36.29 30.70 65.24
C ASP C 83 37.30 30.03 66.17
N GLN C 84 36.83 29.73 67.37
CA GLN C 84 37.66 29.10 68.37
C GLN C 84 38.14 27.71 67.95
N VAL C 85 37.24 26.89 67.42
CA VAL C 85 37.61 25.54 66.96
C VAL C 85 38.69 25.59 65.86
N VAL C 86 38.52 26.53 64.92
CA VAL C 86 39.48 26.70 63.83
C VAL C 86 40.81 27.10 64.41
N GLN C 87 40.79 28.05 65.34
CA GLN C 87 42.00 28.49 66.00
C GLN C 87 42.71 27.35 66.70
N ARG C 88 41.95 26.38 67.19
CA ARG C 88 42.54 25.22 67.86
C ARG C 88 43.06 24.20 66.88
N GLY C 89 42.95 24.49 65.59
CA GLY C 89 43.42 23.58 64.56
C GLY C 89 42.50 22.40 64.32
N ARG C 90 41.22 22.56 64.66
CA ARG C 90 40.26 21.48 64.46
C ARG C 90 39.25 21.84 63.36
N PHE C 91 38.64 20.81 62.79
CA PHE C 91 37.64 20.97 61.74
C PHE C 91 36.28 21.20 62.40
N PRO C 92 35.61 22.32 62.07
CA PRO C 92 34.30 22.60 62.66
C PRO C 92 33.15 21.88 61.90
N LEU C 93 32.43 21.01 62.60
CA LEU C 93 31.30 20.29 62.01
C LEU C 93 30.05 20.77 62.74
N VAL C 94 29.30 21.64 62.07
CA VAL C 94 28.12 22.24 62.65
C VAL C 94 26.81 21.51 62.28
N LEU C 95 26.03 21.17 63.29
CA LEU C 95 24.76 20.48 63.09
C LEU C 95 23.58 21.38 63.41
N GLY C 96 22.68 21.54 62.43
CA GLY C 96 21.52 22.40 62.63
C GLY C 96 20.22 21.61 62.77
N GLY C 97 19.09 22.31 62.91
CA GLY C 97 19.06 23.77 62.93
C GLY C 97 18.79 24.28 61.53
N ASP C 98 17.98 25.33 61.38
CA ASP C 98 17.71 25.81 60.04
C ASP C 98 18.94 26.45 59.39
N HIS C 99 18.89 26.64 58.08
CA HIS C 99 20.02 27.17 57.33
C HIS C 99 20.51 28.56 57.70
N SER C 100 19.78 29.28 58.54
CA SER C 100 20.20 30.62 58.92
C SER C 100 21.51 30.57 59.71
N ILE C 101 21.84 29.41 60.26
CA ILE C 101 23.05 29.24 61.05
C ILE C 101 24.32 29.32 60.19
N ALA C 102 24.16 29.16 58.87
CA ALA C 102 25.30 29.25 57.97
C ALA C 102 25.96 30.62 58.10
N ILE C 103 25.16 31.63 58.45
CA ILE C 103 25.65 32.99 58.64
C ILE C 103 26.71 32.99 59.75
N GLY C 104 26.42 32.28 60.84
CA GLY C 104 27.35 32.17 61.94
C GLY C 104 28.54 31.27 61.65
N THR C 105 28.29 30.14 60.97
CA THR C 105 29.37 29.22 60.64
C THR C 105 30.39 29.89 59.73
N LEU C 106 29.93 30.52 58.65
CA LEU C 106 30.80 31.21 57.71
C LEU C 106 31.52 32.39 58.37
N ALA C 107 30.87 33.04 59.34
CA ALA C 107 31.47 34.16 60.06
C ALA C 107 32.69 33.69 60.88
N GLY C 108 32.59 32.50 61.48
CA GLY C 108 33.68 31.99 62.28
C GLY C 108 34.79 31.38 61.46
N VAL C 109 34.46 30.92 60.26
CA VAL C 109 35.42 30.26 59.40
C VAL C 109 36.19 31.17 58.46
N ALA C 110 35.44 31.90 57.66
CA ALA C 110 35.98 32.76 56.60
C ALA C 110 37.17 33.63 56.97
N LYS C 111 37.15 34.19 58.19
CA LYS C 111 38.23 35.06 58.64
C LYS C 111 39.59 34.36 58.63
N HIS C 112 39.56 33.03 58.62
CA HIS C 112 40.79 32.26 58.60
C HIS C 112 41.31 31.89 57.23
N TYR C 113 40.62 32.30 56.17
CA TYR C 113 41.06 31.96 54.83
C TYR C 113 41.16 33.17 53.94
N GLU C 114 42.11 33.13 53.00
CA GLU C 114 42.28 34.23 52.06
C GLU C 114 41.19 34.20 51.02
N ARG C 115 40.81 32.99 50.62
CA ARG C 115 39.76 32.81 49.62
C ARG C 115 38.94 31.56 49.91
N LEU C 116 38.00 31.67 50.84
CA LEU C 116 37.16 30.55 51.19
C LEU C 116 36.10 30.29 50.14
N GLY C 117 36.04 29.05 49.67
CA GLY C 117 35.06 28.64 48.68
C GLY C 117 33.89 28.03 49.44
N VAL C 118 32.72 28.00 48.79
CA VAL C 118 31.51 27.43 49.39
C VAL C 118 30.74 26.57 48.38
N ILE C 119 30.33 25.38 48.85
CA ILE C 119 29.52 24.47 48.05
C ILE C 119 28.19 24.46 48.80
N TRP C 120 27.16 24.97 48.13
CA TRP C 120 25.82 25.04 48.72
C TRP C 120 24.97 23.93 48.09
N TYR C 121 24.93 22.79 48.78
CA TYR C 121 24.19 21.60 48.36
C TYR C 121 22.77 21.88 48.88
N ASP C 122 21.88 22.28 47.99
CA ASP C 122 20.56 22.72 48.43
C ASP C 122 19.54 22.72 47.26
N ALA C 123 18.24 22.71 47.57
CA ALA C 123 17.18 22.75 46.55
C ALA C 123 16.82 24.20 46.22
N HIS C 124 17.26 25.11 47.11
CA HIS C 124 17.01 26.55 46.99
C HIS C 124 18.33 27.30 46.88
N GLY C 125 18.23 28.62 46.64
CA GLY C 125 19.42 29.44 46.52
C GLY C 125 19.86 30.12 47.80
N ASP C 126 18.90 30.37 48.69
CA ASP C 126 19.19 31.05 49.96
C ASP C 126 19.94 32.37 49.78
N VAL C 127 19.61 33.08 48.69
CA VAL C 127 20.22 34.36 48.37
C VAL C 127 19.21 35.51 48.36
N ASN C 128 18.19 35.42 49.21
CA ASN C 128 17.20 36.48 49.29
C ASN C 128 17.65 37.56 50.28
N THR C 129 16.99 38.72 50.22
CA THR C 129 17.22 39.85 51.12
C THR C 129 15.83 40.19 51.60
N ALA C 130 15.70 41.18 52.47
CA ALA C 130 14.38 41.56 52.97
C ALA C 130 13.57 42.08 51.81
N GLU C 131 14.27 42.63 50.82
CA GLU C 131 13.59 43.17 49.64
C GLU C 131 13.09 42.09 48.73
N THR C 132 13.87 41.04 48.52
CA THR C 132 13.44 39.98 47.61
C THR C 132 12.73 38.81 48.25
N SER C 133 12.88 38.63 49.56
CA SER C 133 12.27 37.51 50.25
C SER C 133 10.75 37.47 50.17
N PRO C 134 10.19 36.35 49.73
CA PRO C 134 8.74 36.20 49.62
C PRO C 134 8.13 35.74 50.95
N SER C 135 8.98 35.42 51.92
CA SER C 135 8.52 34.90 53.20
C SER C 135 8.94 35.64 54.43
N GLY C 136 10.09 36.31 54.35
CA GLY C 136 10.63 37.01 55.51
C GLY C 136 11.41 36.06 56.43
N ASN C 137 11.57 34.81 55.99
CA ASN C 137 12.29 33.79 56.75
C ASN C 137 13.77 33.92 56.47
N ILE C 138 14.54 34.20 57.51
CA ILE C 138 15.98 34.38 57.37
C ILE C 138 16.76 33.15 56.87
N HIS C 139 16.19 31.94 57.00
CA HIS C 139 16.86 30.73 56.53
C HIS C 139 16.97 30.72 55.00
N GLY C 140 16.33 31.69 54.36
CA GLY C 140 16.37 31.81 52.91
C GLY C 140 17.28 32.95 52.47
N MET C 141 18.06 33.48 53.42
CA MET C 141 18.98 34.60 53.17
C MET C 141 20.46 34.43 53.54
N PRO C 142 20.86 33.33 54.22
CA PRO C 142 22.26 33.16 54.61
C PRO C 142 23.36 33.29 53.58
N LEU C 143 23.15 32.76 52.37
CA LEU C 143 24.16 32.86 51.31
C LEU C 143 24.36 34.31 50.88
N ALA C 144 23.27 35.02 50.62
CA ALA C 144 23.36 36.43 50.24
C ALA C 144 24.00 37.22 51.38
N ALA C 145 23.55 37.00 52.62
CA ALA C 145 24.11 37.68 53.78
C ALA C 145 25.61 37.48 53.91
N SER C 146 26.05 36.24 53.69
CA SER C 146 27.46 35.91 53.79
C SER C 146 28.26 36.56 52.67
N LEU C 147 27.59 36.81 51.54
CA LEU C 147 28.21 37.45 50.39
C LEU C 147 28.23 38.97 50.59
N GLY C 148 27.64 39.42 51.70
CA GLY C 148 27.61 40.84 51.99
C GLY C 148 26.34 41.56 51.57
N PHE C 149 25.30 40.82 51.17
CA PHE C 149 24.05 41.43 50.75
C PHE C 149 22.89 41.13 51.69
N GLY C 150 22.35 42.17 52.32
CA GLY C 150 21.24 42.00 53.25
C GLY C 150 21.35 42.97 54.42
N HIS C 151 20.58 42.71 55.47
CA HIS C 151 20.58 43.54 56.65
C HIS C 151 21.93 43.45 57.36
N PRO C 152 22.48 44.60 57.74
CA PRO C 152 23.78 44.69 58.41
C PRO C 152 23.87 43.83 59.65
N ALA C 153 22.74 43.61 60.32
CA ALA C 153 22.72 42.76 61.52
C ALA C 153 23.15 41.34 61.14
N LEU C 154 22.91 41.01 59.87
CA LEU C 154 23.28 39.70 59.37
C LEU C 154 24.60 39.70 58.64
N THR C 155 24.85 40.76 57.86
CA THR C 155 26.09 40.85 57.09
C THR C 155 27.34 41.18 57.90
N GLN C 156 27.15 41.73 59.09
CA GLN C 156 28.28 42.11 59.92
C GLN C 156 28.63 41.18 61.04
N ILE C 157 27.98 40.02 61.11
CA ILE C 157 28.24 39.02 62.14
C ILE C 157 29.74 38.73 62.20
N GLY C 158 30.30 38.73 63.39
CA GLY C 158 31.72 38.47 63.52
C GLY C 158 32.54 39.74 63.29
N GLY C 159 31.87 40.84 62.96
CA GLY C 159 32.52 42.12 62.72
C GLY C 159 33.25 42.36 61.40
N TYR C 160 32.88 41.66 60.33
CA TYR C 160 33.53 41.85 59.03
C TYR C 160 32.62 41.38 57.94
N SER C 161 32.93 41.78 56.72
CA SER C 161 32.13 41.42 55.56
C SER C 161 32.86 41.80 54.28
N PRO C 162 32.65 41.03 53.19
CA PRO C 162 31.77 39.87 53.17
C PRO C 162 32.61 38.67 53.59
N LYS C 163 31.98 37.56 53.91
CA LYS C 163 32.73 36.38 54.31
C LYS C 163 33.34 35.68 53.11
N ILE C 164 32.60 35.64 51.98
CA ILE C 164 33.10 35.01 50.76
C ILE C 164 32.73 35.83 49.52
N LYS C 165 33.35 35.48 48.38
CA LYS C 165 33.12 36.17 47.10
C LYS C 165 32.25 35.27 46.22
N PRO C 166 31.42 35.87 45.36
CA PRO C 166 30.50 35.17 44.45
C PRO C 166 31.19 34.15 43.57
N GLU C 167 32.39 34.50 43.11
CA GLU C 167 33.15 33.64 42.23
C GLU C 167 33.72 32.41 42.93
N HIS C 168 33.50 32.32 44.23
CA HIS C 168 34.00 31.19 44.99
C HIS C 168 32.85 30.35 45.52
N VAL C 169 31.65 30.56 44.97
CA VAL C 169 30.48 29.83 45.41
C VAL C 169 29.96 28.92 44.30
N VAL C 170 29.55 27.73 44.70
CA VAL C 170 28.98 26.76 43.76
C VAL C 170 27.69 26.17 44.36
N LEU C 171 26.56 26.43 43.69
CA LEU C 171 25.26 25.91 44.11
C LEU C 171 25.00 24.60 43.38
N ILE C 172 24.60 23.57 44.12
CA ILE C 172 24.32 22.24 43.54
C ILE C 172 22.98 21.68 44.02
N GLY C 173 22.17 21.25 43.05
CA GLY C 173 20.88 20.63 43.34
C GLY C 173 19.70 21.56 43.38
N VAL C 174 19.91 22.82 42.98
CA VAL C 174 18.85 23.82 43.03
C VAL C 174 17.68 23.52 42.11
N ARG C 175 16.47 23.74 42.61
CA ARG C 175 15.28 23.44 41.83
C ARG C 175 14.14 24.38 42.25
N SER C 176 14.47 25.38 43.07
CA SER C 176 13.48 26.34 43.52
C SER C 176 14.10 27.69 43.86
N LEU C 177 14.05 28.60 42.92
CA LEU C 177 14.61 29.94 43.09
C LEU C 177 13.53 30.97 42.88
N ASP C 178 13.52 31.99 43.73
CA ASP C 178 12.57 33.08 43.59
C ASP C 178 13.15 33.96 42.49
N GLU C 179 12.31 34.75 41.84
CA GLU C 179 12.77 35.61 40.77
C GLU C 179 13.94 36.49 41.15
N GLY C 180 13.84 37.09 42.35
CA GLY C 180 14.90 37.95 42.84
C GLY C 180 16.21 37.22 42.97
N GLU C 181 16.12 35.96 43.34
CA GLU C 181 17.30 35.14 43.50
C GLU C 181 17.92 34.77 42.16
N LYS C 182 17.08 34.55 41.14
CA LYS C 182 17.61 34.20 39.82
C LYS C 182 18.39 35.38 39.29
N LYS C 183 17.88 36.57 39.54
CA LYS C 183 18.54 37.79 39.10
C LYS C 183 19.85 37.95 39.86
N PHE C 184 19.82 37.71 41.17
CA PHE C 184 21.00 37.79 42.04
C PHE C 184 22.13 36.87 41.58
N ILE C 185 21.80 35.60 41.39
CA ILE C 185 22.77 34.60 40.95
C ILE C 185 23.34 34.98 39.60
N ARG C 186 22.46 35.36 38.68
CA ARG C 186 22.85 35.73 37.33
C ARG C 186 23.79 36.93 37.33
N GLU C 187 23.39 37.96 38.06
CA GLU C 187 24.17 39.17 38.13
C GLU C 187 25.43 39.07 38.95
N LYS C 188 25.43 38.29 40.02
CA LYS C 188 26.66 38.16 40.81
C LYS C 188 27.59 37.15 40.14
N GLY C 189 27.08 36.46 39.12
CA GLY C 189 27.87 35.48 38.40
C GLY C 189 28.22 34.25 39.23
N ILE C 190 27.28 33.80 40.04
CA ILE C 190 27.51 32.63 40.90
C ILE C 190 27.32 31.34 40.11
N LYS C 191 28.30 30.44 40.22
CA LYS C 191 28.25 29.16 39.52
C LYS C 191 27.11 28.33 40.12
N ILE C 192 26.22 27.83 39.27
CA ILE C 192 25.09 27.06 39.73
C ILE C 192 24.74 25.87 38.86
N TYR C 193 24.50 24.75 39.53
CA TYR C 193 24.12 23.52 38.88
C TYR C 193 22.76 23.16 39.41
N THR C 194 21.71 23.49 38.64
CA THR C 194 20.35 23.16 39.00
C THR C 194 20.10 21.68 38.66
N MET C 195 18.91 21.19 38.96
CA MET C 195 18.58 19.80 38.65
C MET C 195 18.66 19.53 37.13
N HIS C 196 18.50 20.57 36.33
CA HIS C 196 18.62 20.43 34.87
C HIS C 196 20.03 19.96 34.53
N GLU C 197 21.03 20.65 35.10
CA GLU C 197 22.42 20.29 34.85
C GLU C 197 22.76 18.96 35.45
N VAL C 198 22.24 18.66 36.63
CA VAL C 198 22.52 17.37 37.26
C VAL C 198 21.91 16.25 36.41
N ASP C 199 20.72 16.50 35.89
CA ASP C 199 20.04 15.52 35.04
C ASP C 199 20.75 15.39 33.71
N ARG C 200 21.18 16.53 33.19
CA ARG C 200 21.84 16.60 31.89
C ARG C 200 23.28 16.12 31.86
N LEU C 201 24.08 16.57 32.82
CA LEU C 201 25.48 16.22 32.89
C LEU C 201 25.80 15.01 33.73
N GLY C 202 25.01 14.78 34.77
CA GLY C 202 25.27 13.65 35.65
C GLY C 202 26.06 14.14 36.86
N MET C 203 25.81 13.55 38.02
CA MET C 203 26.48 14.00 39.23
C MET C 203 27.98 13.92 39.15
N THR C 204 28.53 12.88 38.56
CA THR C 204 29.99 12.75 38.46
C THR C 204 30.61 13.99 37.82
N ARG C 205 30.08 14.40 36.67
CA ARG C 205 30.59 15.56 35.96
C ARG C 205 30.37 16.86 36.72
N VAL C 206 29.23 17.00 37.36
CA VAL C 206 28.96 18.21 38.13
C VAL C 206 29.99 18.33 39.27
N MET C 207 30.27 17.21 39.93
CA MET C 207 31.25 17.19 41.02
C MET C 207 32.67 17.41 40.55
N GLU C 208 33.04 16.79 39.43
CA GLU C 208 34.38 16.97 38.89
C GLU C 208 34.63 18.45 38.59
N GLU C 209 33.67 19.09 37.92
CA GLU C 209 33.76 20.50 37.56
C GLU C 209 33.77 21.40 38.80
N THR C 210 32.90 21.11 39.76
CA THR C 210 32.83 21.89 40.99
C THR C 210 34.17 21.84 41.73
N ILE C 211 34.69 20.63 41.92
CA ILE C 211 35.95 20.44 42.62
C ILE C 211 37.10 21.14 41.92
N ALA C 212 37.20 20.96 40.61
CA ALA C 212 38.27 21.57 39.83
C ALA C 212 38.18 23.11 39.85
N TYR C 213 36.96 23.62 39.78
CA TYR C 213 36.74 25.05 39.78
C TYR C 213 37.20 25.71 41.07
N LEU C 214 36.78 25.14 42.19
CA LEU C 214 37.14 25.68 43.50
C LEU C 214 38.59 25.42 43.83
N LYS C 215 39.06 24.21 43.56
CA LYS C 215 40.44 23.83 43.87
C LYS C 215 41.40 24.81 43.22
N GLU C 216 40.99 25.31 42.08
CA GLU C 216 41.74 26.23 41.26
C GLU C 216 41.75 27.68 41.74
N ARG C 217 40.92 28.04 42.72
CA ARG C 217 40.90 29.43 43.16
C ARG C 217 40.61 29.74 44.62
N THR C 218 40.56 28.72 45.46
CA THR C 218 40.28 28.93 46.87
C THR C 218 41.35 28.26 47.74
N ASP C 219 41.46 28.67 49.00
CA ASP C 219 42.42 28.05 49.90
C ASP C 219 41.74 27.23 51.00
N GLY C 220 40.42 27.09 50.87
CA GLY C 220 39.62 26.33 51.81
C GLY C 220 38.23 26.25 51.23
N VAL C 221 37.52 25.16 51.52
CA VAL C 221 36.16 25.03 51.01
C VAL C 221 35.22 24.59 52.12
N HIS C 222 34.15 25.34 52.29
CA HIS C 222 33.15 25.03 53.30
C HIS C 222 31.95 24.36 52.60
N LEU C 223 31.53 23.20 53.11
CA LEU C 223 30.34 22.49 52.60
C LEU C 223 29.13 22.87 53.47
N SER C 224 28.13 23.47 52.84
CA SER C 224 26.92 23.85 53.55
C SER C 224 25.84 23.00 52.92
N LEU C 225 25.54 21.89 53.57
CA LEU C 225 24.56 20.95 53.06
C LEU C 225 23.21 20.99 53.77
N ASP C 226 22.20 21.34 52.98
CA ASP C 226 20.81 21.38 53.43
C ASP C 226 20.21 20.04 52.97
N LEU C 227 19.62 19.32 53.90
CA LEU C 227 19.02 18.04 53.56
C LEU C 227 17.89 18.14 52.52
N ASP C 228 17.31 19.32 52.33
CA ASP C 228 16.25 19.49 51.33
C ASP C 228 16.81 19.37 49.92
N GLY C 229 18.13 19.32 49.81
CA GLY C 229 18.76 19.17 48.52
C GLY C 229 18.46 17.78 48.02
N LEU C 230 18.22 16.83 48.94
CA LEU C 230 17.89 15.46 48.53
C LEU C 230 16.39 15.42 48.29
N ASP C 231 15.95 14.45 47.49
CA ASP C 231 14.55 14.30 47.18
C ASP C 231 13.80 14.00 48.46
N PRO C 232 12.58 14.55 48.61
CA PRO C 232 11.76 14.34 49.80
C PRO C 232 11.51 12.85 50.10
N SER C 233 11.64 11.99 49.09
CA SER C 233 11.43 10.58 49.29
C SER C 233 12.63 9.99 50.03
N ASP C 234 13.78 10.64 49.92
CA ASP C 234 14.99 10.19 50.59
C ASP C 234 15.17 10.92 51.92
N ALA C 235 14.77 12.18 51.94
CA ALA C 235 14.90 13.02 53.12
C ALA C 235 13.61 13.78 53.35
N PRO C 236 12.59 13.10 53.90
CA PRO C 236 11.29 13.74 54.16
C PRO C 236 11.23 14.77 55.30
N GLY C 237 12.18 14.67 56.24
CA GLY C 237 12.21 15.55 57.41
C GLY C 237 12.76 16.95 57.25
N VAL C 238 12.21 17.72 56.31
CA VAL C 238 12.65 19.09 56.07
C VAL C 238 11.40 19.98 55.99
N GLY C 239 11.57 21.26 56.28
CA GLY C 239 10.45 22.18 56.26
C GLY C 239 10.08 22.71 54.89
N THR C 240 11.04 22.73 53.96
CA THR C 240 10.81 23.20 52.59
C THR C 240 11.16 22.16 51.54
N PRO C 241 10.42 21.03 51.50
CA PRO C 241 10.70 19.97 50.53
C PRO C 241 10.29 20.34 49.11
N VAL C 242 11.06 19.87 48.14
CA VAL C 242 10.76 20.14 46.73
C VAL C 242 11.06 18.84 45.99
N ILE C 243 10.05 18.31 45.30
CA ILE C 243 10.25 17.05 44.56
C ILE C 243 11.23 17.14 43.40
N GLY C 244 11.64 15.99 42.89
CA GLY C 244 12.58 15.93 41.79
C GLY C 244 13.98 16.29 42.27
N GLY C 245 14.33 15.81 43.47
CA GLY C 245 15.64 16.09 44.03
C GLY C 245 16.74 15.06 43.80
N LEU C 246 17.88 15.32 44.42
CA LEU C 246 19.04 14.45 44.31
C LEU C 246 18.77 13.16 45.07
N THR C 247 19.26 12.04 44.55
CA THR C 247 19.05 10.73 45.18
C THR C 247 20.04 10.44 46.28
N TYR C 248 19.76 9.37 47.01
CA TYR C 248 20.59 8.92 48.10
C TYR C 248 21.98 8.61 47.54
N ARG C 249 22.02 7.88 46.43
CA ARG C 249 23.25 7.51 45.79
C ARG C 249 24.06 8.67 45.24
N GLU C 250 23.40 9.62 44.58
CA GLU C 250 24.09 10.80 44.03
C GLU C 250 24.77 11.59 45.17
N SER C 251 24.08 11.67 46.30
CA SER C 251 24.59 12.38 47.46
C SER C 251 25.82 11.67 48.05
N HIS C 252 25.78 10.35 48.14
CA HIS C 252 26.95 9.64 48.66
C HIS C 252 28.10 9.77 47.68
N LEU C 253 27.81 9.71 46.38
CA LEU C 253 28.86 9.87 45.37
C LEU C 253 29.51 11.24 45.54
N ALA C 254 28.69 12.28 45.69
CA ALA C 254 29.16 13.64 45.87
C ALA C 254 30.10 13.73 47.08
N MET C 255 29.68 13.18 48.21
CA MET C 255 30.47 13.22 49.42
C MET C 255 31.78 12.45 49.24
N GLU C 256 31.70 11.32 48.55
CA GLU C 256 32.87 10.48 48.29
C GLU C 256 33.87 11.18 47.38
N MET C 257 33.39 11.90 46.38
CA MET C 257 34.30 12.62 45.50
C MET C 257 34.92 13.82 46.21
N LEU C 258 34.21 14.40 47.17
CA LEU C 258 34.74 15.52 47.94
C LEU C 258 35.82 15.00 48.89
N ALA C 259 35.56 13.86 49.52
CA ALA C 259 36.52 13.26 50.44
C ALA C 259 37.78 12.97 49.66
N GLU C 260 37.59 12.42 48.47
CA GLU C 260 38.71 12.07 47.61
C GLU C 260 39.57 13.28 47.25
N ALA C 261 38.90 14.40 46.97
CA ALA C 261 39.56 15.65 46.60
C ALA C 261 40.27 16.34 47.75
N GLN C 262 39.85 16.01 48.97
CA GLN C 262 40.44 16.59 50.16
C GLN C 262 40.38 18.11 50.14
N ILE C 263 39.25 18.69 49.75
CA ILE C 263 39.14 20.15 49.71
C ILE C 263 38.23 20.73 50.77
N ILE C 264 37.43 19.90 51.42
CA ILE C 264 36.52 20.38 52.44
C ILE C 264 37.22 20.65 53.77
N THR C 265 37.20 21.92 54.20
CA THR C 265 37.83 22.36 55.44
C THR C 265 36.87 22.68 56.60
N SER C 266 35.57 22.67 56.32
CA SER C 266 34.55 22.92 57.34
C SER C 266 33.25 22.47 56.72
N ALA C 267 32.27 22.13 57.54
CA ALA C 267 31.00 21.67 57.01
C ALA C 267 29.87 21.82 58.01
N GLU C 268 28.65 21.79 57.48
CA GLU C 268 27.46 21.89 58.30
C GLU C 268 26.34 21.18 57.57
N PHE C 269 25.53 20.49 58.36
CA PHE C 269 24.41 19.72 57.87
C PHE C 269 23.22 20.34 58.57
N VAL C 270 22.27 20.85 57.78
CA VAL C 270 21.14 21.58 58.34
C VAL C 270 19.74 21.17 57.88
N GLU C 271 18.75 21.76 58.56
CA GLU C 271 17.34 21.59 58.30
C GLU C 271 16.72 20.25 58.65
N VAL C 272 17.44 19.40 59.38
CA VAL C 272 16.87 18.12 59.78
C VAL C 272 15.75 18.42 60.78
N ASN C 273 14.54 17.96 60.50
CA ASN C 273 13.44 18.22 61.41
C ASN C 273 12.77 16.89 61.73
N PRO C 274 13.07 16.32 62.90
CA PRO C 274 12.53 15.04 63.38
C PRO C 274 10.99 14.99 63.38
N ILE C 275 10.40 16.16 63.63
CA ILE C 275 8.96 16.29 63.72
C ILE C 275 8.20 16.21 62.40
N LEU C 276 8.91 16.33 61.28
CA LEU C 276 8.30 16.24 59.96
C LEU C 276 8.84 14.99 59.26
N ASP C 277 9.62 14.21 59.99
CA ASP C 277 10.31 13.02 59.49
C ASP C 277 9.60 11.70 59.76
N GLU C 278 10.14 10.64 59.17
CA GLU C 278 9.64 9.27 59.35
C GLU C 278 10.73 8.45 60.05
N ARG C 279 10.51 8.20 61.33
CA ARG C 279 11.46 7.43 62.15
C ARG C 279 12.92 7.87 62.03
N ASN C 280 13.16 9.17 62.09
CA ASN C 280 14.52 9.73 62.04
C ASN C 280 15.32 9.45 60.74
N LYS C 281 14.62 9.12 59.65
CA LYS C 281 15.21 8.82 58.36
C LYS C 281 16.17 9.89 57.85
N THR C 282 15.74 11.15 57.94
CA THR C 282 16.54 12.28 57.47
C THR C 282 17.86 12.46 58.28
N ALA C 283 17.78 12.32 59.61
CA ALA C 283 18.97 12.45 60.46
C ALA C 283 19.96 11.34 60.13
N SER C 284 19.41 10.17 59.80
CA SER C 284 20.22 9.03 59.44
C SER C 284 20.94 9.24 58.14
N VAL C 285 20.26 9.87 57.18
CA VAL C 285 20.85 10.14 55.88
C VAL C 285 22.02 11.10 56.07
N ALA C 286 21.79 12.15 56.86
CA ALA C 286 22.80 13.15 57.13
C ALA C 286 24.05 12.48 57.72
N VAL C 287 23.85 11.63 58.73
CA VAL C 287 24.95 10.93 59.36
C VAL C 287 25.69 10.04 58.38
N ALA C 288 24.96 9.35 57.51
CA ALA C 288 25.58 8.46 56.51
C ALA C 288 26.38 9.30 55.50
N LEU C 289 25.85 10.46 55.12
CA LEU C 289 26.55 11.35 54.21
C LEU C 289 27.81 11.85 54.87
N MET C 290 27.73 12.18 56.17
CA MET C 290 28.91 12.64 56.91
C MET C 290 29.98 11.56 56.90
N GLY C 291 29.56 10.30 57.05
CA GLY C 291 30.49 9.18 57.03
C GLY C 291 31.27 9.13 55.72
N SER C 292 30.59 9.38 54.60
CA SER C 292 31.21 9.38 53.28
C SER C 292 32.13 10.56 53.13
N LEU C 293 31.64 11.74 53.53
CA LEU C 293 32.41 12.97 53.46
C LEU C 293 33.73 12.83 54.21
N PHE C 294 33.66 12.21 55.38
CA PHE C 294 34.83 12.04 56.23
C PHE C 294 35.71 10.84 55.95
N GLY C 295 35.55 10.22 54.78
CA GLY C 295 36.44 9.14 54.43
C GLY C 295 36.02 7.70 54.29
N GLU C 296 34.78 7.36 54.62
CA GLU C 296 34.35 5.98 54.48
C GLU C 296 34.50 5.54 53.04
N LYS C 297 34.87 4.29 52.85
CA LYS C 297 35.02 3.77 51.52
C LYS C 297 34.44 2.37 51.50
N LEU C 298 33.74 2.04 50.42
CA LEU C 298 33.11 0.72 50.30
C LEU C 298 34.14 -0.38 50.02
N MET C 299 35.18 -0.04 49.25
CA MET C 299 36.25 -0.96 48.87
C MET C 299 37.44 -0.88 49.82
N LYS D 2 5.02 -30.62 -29.68
CA LYS D 2 5.76 -30.57 -28.39
C LYS D 2 4.74 -30.48 -27.25
N PRO D 3 4.97 -31.24 -26.15
CA PRO D 3 4.05 -31.20 -25.01
C PRO D 3 3.92 -29.76 -24.52
N ILE D 4 2.79 -29.45 -23.92
CA ILE D 4 2.52 -28.13 -23.41
C ILE D 4 2.34 -28.17 -21.89
N SER D 5 2.81 -27.11 -21.22
CA SER D 5 2.65 -26.96 -19.78
C SER D 5 2.02 -25.61 -19.57
N ILE D 6 0.85 -25.61 -18.94
CA ILE D 6 0.10 -24.40 -18.66
C ILE D 6 0.50 -23.86 -17.29
N ILE D 7 0.74 -22.55 -17.23
CA ILE D 7 1.07 -21.86 -16.00
C ILE D 7 0.15 -20.65 -15.88
N GLY D 8 -0.73 -20.68 -14.89
CA GLY D 8 -1.63 -19.57 -14.64
C GLY D 8 -0.91 -18.54 -13.77
N VAL D 9 -1.16 -17.26 -14.06
CA VAL D 9 -0.56 -16.17 -13.32
C VAL D 9 -1.66 -15.17 -12.98
N PRO D 10 -2.32 -15.38 -11.83
CA PRO D 10 -3.42 -14.55 -11.32
C PRO D 10 -2.96 -13.17 -10.88
N MET D 11 -2.46 -12.41 -11.84
CA MET D 11 -1.93 -11.07 -11.59
C MET D 11 -2.83 -9.90 -12.00
N ASP D 12 -3.02 -8.95 -11.09
CA ASP D 12 -3.78 -7.74 -11.40
C ASP D 12 -3.07 -6.46 -10.91
N LEU D 13 -1.89 -6.64 -10.28
CA LEU D 13 -1.07 -5.56 -9.74
C LEU D 13 -0.40 -4.73 -10.83
N GLY D 14 -0.40 -5.23 -12.05
CA GLY D 14 0.20 -4.48 -13.14
C GLY D 14 -0.72 -3.35 -13.62
N GLN D 15 -1.92 -3.25 -13.06
CA GLN D 15 -2.87 -2.21 -13.41
C GLN D 15 -3.82 -2.02 -12.24
N THR D 16 -4.87 -1.25 -12.42
CA THR D 16 -5.77 -0.94 -11.33
C THR D 16 -7.17 -1.58 -11.26
N ARG D 17 -7.61 -2.18 -12.36
CA ARG D 17 -8.94 -2.78 -12.40
C ARG D 17 -8.89 -4.18 -11.81
N ARG D 18 -9.71 -4.43 -10.81
CA ARG D 18 -9.71 -5.74 -10.18
C ARG D 18 -10.41 -6.75 -11.06
N GLY D 19 -10.04 -8.02 -10.91
CA GLY D 19 -10.68 -9.05 -11.68
C GLY D 19 -9.82 -9.76 -12.70
N VAL D 20 -8.81 -9.07 -13.25
CA VAL D 20 -7.96 -9.68 -14.25
C VAL D 20 -7.15 -10.85 -13.68
N ASP D 21 -7.13 -10.96 -12.36
CA ASP D 21 -6.44 -12.04 -11.72
C ASP D 21 -7.28 -13.32 -11.86
N MET D 22 -8.54 -13.16 -12.27
CA MET D 22 -9.45 -14.29 -12.49
C MET D 22 -9.36 -14.83 -13.91
N GLY D 23 -8.50 -14.21 -14.73
CA GLY D 23 -8.32 -14.62 -16.10
C GLY D 23 -7.90 -16.06 -16.30
N PRO D 24 -6.84 -16.53 -15.59
CA PRO D 24 -6.39 -17.91 -15.75
C PRO D 24 -7.52 -18.92 -15.58
N SER D 25 -8.33 -18.76 -14.54
CA SER D 25 -9.40 -19.71 -14.30
C SER D 25 -10.61 -19.54 -15.19
N ALA D 26 -10.82 -18.33 -15.69
CA ALA D 26 -11.91 -18.06 -16.61
C ALA D 26 -11.58 -18.83 -17.89
N MET D 27 -10.30 -18.85 -18.27
CA MET D 27 -9.85 -19.57 -19.46
C MET D 27 -9.88 -21.08 -19.25
N ARG D 28 -9.54 -21.51 -18.04
CA ARG D 28 -9.60 -22.95 -17.75
C ARG D 28 -11.08 -23.39 -17.86
N TYR D 29 -12.00 -22.57 -17.34
CA TYR D 29 -13.44 -22.85 -17.37
C TYR D 29 -13.97 -22.76 -18.80
N ALA D 30 -13.27 -22.03 -19.67
CA ALA D 30 -13.65 -21.91 -21.06
C ALA D 30 -13.24 -23.19 -21.81
N GLY D 31 -12.57 -24.10 -21.10
CA GLY D 31 -12.17 -25.36 -21.68
C GLY D 31 -10.83 -25.45 -22.36
N VAL D 32 -9.83 -24.72 -21.84
CA VAL D 32 -8.51 -24.74 -22.47
C VAL D 32 -7.85 -26.12 -22.49
N ILE D 33 -7.95 -26.86 -21.40
CA ILE D 33 -7.34 -28.19 -21.35
C ILE D 33 -7.99 -29.14 -22.37
N GLU D 34 -9.31 -29.24 -22.31
CA GLU D 34 -10.09 -30.10 -23.20
C GLU D 34 -9.81 -29.81 -24.66
N ARG D 35 -9.73 -28.52 -24.97
CA ARG D 35 -9.48 -28.04 -26.33
C ARG D 35 -8.15 -28.56 -26.86
N LEU D 36 -7.12 -28.44 -26.03
CA LEU D 36 -5.78 -28.88 -26.41
C LEU D 36 -5.63 -30.39 -26.38
N GLU D 37 -6.30 -31.06 -25.44
CA GLU D 37 -6.23 -32.51 -25.40
C GLU D 37 -6.80 -33.10 -26.67
N ARG D 38 -7.85 -32.48 -27.19
CA ARG D 38 -8.48 -32.92 -28.43
C ARG D 38 -7.54 -32.87 -29.60
N LEU D 39 -6.56 -31.97 -29.57
CA LEU D 39 -5.57 -31.86 -30.64
C LEU D 39 -4.45 -32.91 -30.43
N HIS D 40 -4.71 -33.83 -29.49
CA HIS D 40 -3.83 -34.92 -29.08
C HIS D 40 -2.55 -34.50 -28.42
N TYR D 41 -2.61 -33.36 -27.72
CA TYR D 41 -1.44 -32.85 -27.02
C TYR D 41 -1.28 -33.45 -25.64
N ASP D 42 -0.04 -33.53 -25.19
CA ASP D 42 0.25 -33.98 -23.84
C ASP D 42 0.24 -32.62 -23.17
N ILE D 43 -0.88 -32.35 -22.53
CA ILE D 43 -1.04 -31.07 -21.87
C ILE D 43 -1.04 -31.26 -20.37
N GLU D 44 -0.25 -30.42 -19.71
CA GLU D 44 -0.06 -30.45 -18.27
C GLU D 44 -0.33 -29.07 -17.68
N ASP D 45 -1.13 -29.01 -16.63
CA ASP D 45 -1.45 -27.74 -15.98
C ASP D 45 -0.64 -27.63 -14.70
N LEU D 46 0.39 -26.79 -14.69
CA LEU D 46 1.22 -26.62 -13.50
C LEU D 46 0.59 -25.70 -12.46
N GLY D 47 -0.67 -25.33 -12.64
CA GLY D 47 -1.34 -24.48 -11.68
C GLY D 47 -1.02 -23.01 -11.78
N ASP D 48 -1.11 -22.31 -10.65
CA ASP D 48 -0.87 -20.87 -10.61
C ASP D 48 0.35 -20.39 -9.81
N ILE D 49 0.93 -19.29 -10.27
CA ILE D 49 2.06 -18.68 -9.59
C ILE D 49 1.45 -17.88 -8.45
N PRO D 50 2.01 -18.00 -7.24
CA PRO D 50 1.52 -17.29 -6.06
C PRO D 50 1.89 -15.82 -6.26
N ILE D 51 0.90 -14.95 -6.09
CA ILE D 51 1.11 -13.51 -6.26
C ILE D 51 0.90 -12.88 -4.90
N GLY D 52 1.82 -12.00 -4.52
CA GLY D 52 1.72 -11.34 -3.24
C GLY D 52 0.85 -10.11 -3.30
N LYS D 53 0.52 -9.57 -2.15
CA LYS D 53 -0.32 -8.37 -2.09
C LYS D 53 0.57 -7.15 -2.04
N ALA D 54 0.22 -6.14 -2.84
CA ALA D 54 1.00 -4.93 -2.92
C ALA D 54 1.01 -4.23 -1.59
N GLU D 55 2.04 -3.40 -1.38
CA GLU D 55 2.09 -2.64 -0.13
C GLU D 55 1.33 -1.34 -0.33
N ARG D 56 1.01 -0.65 0.77
CA ARG D 56 0.27 0.61 0.71
C ARG D 56 0.87 1.52 -0.34
N LEU D 57 0.02 1.94 -1.24
CA LEU D 57 0.43 2.83 -2.31
C LEU D 57 1.22 4.00 -1.74
N HIS D 58 0.76 4.55 -0.62
CA HIS D 58 1.40 5.69 0.02
C HIS D 58 2.79 5.39 0.56
N GLU D 59 3.06 4.11 0.84
CA GLU D 59 4.36 3.72 1.37
C GLU D 59 5.28 3.21 0.28
N GLN D 60 4.76 3.13 -0.95
CA GLN D 60 5.56 2.65 -2.07
C GLN D 60 6.60 3.67 -2.53
N GLY D 61 7.69 3.17 -3.14
CA GLY D 61 8.77 4.03 -3.61
C GLY D 61 8.50 5.06 -4.70
N ASP D 62 7.86 4.67 -5.79
CA ASP D 62 7.57 5.59 -6.88
C ASP D 62 6.14 5.45 -7.40
N SER D 63 5.45 6.58 -7.48
CA SER D 63 4.09 6.57 -7.99
C SER D 63 4.03 6.27 -9.50
N ARG D 64 5.19 6.20 -10.15
CA ARG D 64 5.28 5.93 -11.58
C ARG D 64 5.50 4.47 -11.83
N LEU D 65 5.59 3.70 -10.76
CA LEU D 65 5.82 2.26 -10.84
C LEU D 65 5.02 1.61 -9.74
N ARG D 66 3.70 1.65 -9.88
CA ARG D 66 2.83 1.08 -8.88
C ARG D 66 3.01 -0.43 -8.67
N ASN D 67 3.04 -0.83 -7.40
CA ASN D 67 3.20 -2.22 -7.00
C ASN D 67 4.46 -2.90 -7.52
N LEU D 68 5.53 -2.12 -7.69
CA LEU D 68 6.79 -2.63 -8.23
C LEU D 68 7.35 -3.87 -7.55
N LYS D 69 7.32 -3.89 -6.23
CA LYS D 69 7.86 -5.01 -5.45
C LYS D 69 7.11 -6.31 -5.74
N ALA D 70 5.79 -6.27 -5.54
CA ALA D 70 4.95 -7.44 -5.75
C ALA D 70 4.97 -7.92 -7.19
N VAL D 71 5.02 -6.97 -8.12
CA VAL D 71 5.07 -7.30 -9.55
C VAL D 71 6.43 -7.92 -9.90
N ALA D 72 7.50 -7.40 -9.32
CA ALA D 72 8.83 -7.92 -9.57
C ALA D 72 9.00 -9.31 -8.96
N GLU D 73 8.42 -9.51 -7.76
CA GLU D 73 8.55 -10.82 -7.11
C GLU D 73 7.77 -11.90 -7.83
N ALA D 74 6.53 -11.58 -8.16
CA ALA D 74 5.69 -12.52 -8.88
C ALA D 74 6.35 -12.89 -10.19
N ASN D 75 6.96 -11.91 -10.85
CA ASN D 75 7.62 -12.15 -12.11
C ASN D 75 8.87 -13.02 -11.98
N GLU D 76 9.55 -12.95 -10.83
CA GLU D 76 10.74 -13.78 -10.61
C GLU D 76 10.29 -15.23 -10.57
N LYS D 77 9.22 -15.47 -9.80
CA LYS D 77 8.63 -16.78 -9.66
C LYS D 77 8.22 -17.33 -11.02
N LEU D 78 7.51 -16.53 -11.80
CA LEU D 78 7.07 -16.96 -13.12
C LEU D 78 8.24 -17.34 -14.01
N ALA D 79 9.28 -16.50 -14.00
CA ALA D 79 10.48 -16.73 -14.81
C ALA D 79 11.09 -18.09 -14.49
N ALA D 80 11.11 -18.44 -13.20
CA ALA D 80 11.67 -19.71 -12.75
C ALA D 80 10.83 -20.88 -13.24
N ALA D 81 9.51 -20.76 -13.09
CA ALA D 81 8.57 -21.80 -13.51
C ALA D 81 8.65 -22.05 -15.00
N VAL D 82 8.74 -20.96 -15.76
CA VAL D 82 8.81 -21.02 -17.23
C VAL D 82 10.13 -21.61 -17.69
N ASP D 83 11.21 -21.17 -17.06
CA ASP D 83 12.57 -21.64 -17.35
C ASP D 83 12.61 -23.16 -17.22
N GLN D 84 12.01 -23.66 -16.14
CA GLN D 84 11.95 -25.09 -15.86
C GLN D 84 11.20 -25.85 -16.96
N VAL D 85 10.05 -25.32 -17.38
CA VAL D 85 9.25 -25.95 -18.41
C VAL D 85 10.06 -26.08 -19.70
N VAL D 86 10.78 -25.02 -20.04
CA VAL D 86 11.56 -25.03 -21.25
C VAL D 86 12.66 -26.05 -21.13
N GLN D 87 13.27 -26.11 -19.96
CA GLN D 87 14.33 -27.07 -19.70
C GLN D 87 13.82 -28.49 -19.83
N ARG D 88 12.56 -28.71 -19.50
CA ARG D 88 11.97 -30.05 -19.62
C ARG D 88 11.58 -30.36 -21.05
N GLY D 89 11.88 -29.44 -21.97
CA GLY D 89 11.55 -29.61 -23.39
C GLY D 89 10.07 -29.45 -23.74
N ARG D 90 9.33 -28.70 -22.91
CA ARG D 90 7.92 -28.49 -23.15
C ARG D 90 7.68 -27.03 -23.53
N PHE D 91 6.57 -26.81 -24.23
CA PHE D 91 6.14 -25.47 -24.67
C PHE D 91 5.45 -24.81 -23.50
N PRO D 92 5.88 -23.61 -23.11
CA PRO D 92 5.23 -22.91 -21.99
C PRO D 92 4.03 -22.08 -22.45
N LEU D 93 2.85 -22.40 -21.92
CA LEU D 93 1.65 -21.65 -22.27
C LEU D 93 1.20 -20.93 -20.99
N VAL D 94 1.44 -19.62 -20.97
CA VAL D 94 1.14 -18.80 -19.82
C VAL D 94 -0.21 -18.09 -19.91
N LEU D 95 -1.03 -18.25 -18.89
CA LEU D 95 -2.34 -17.62 -18.88
C LEU D 95 -2.40 -16.52 -17.82
N GLY D 96 -2.74 -15.30 -18.24
CA GLY D 96 -2.85 -14.18 -17.31
C GLY D 96 -4.28 -13.76 -16.96
N GLY D 97 -4.45 -12.72 -16.16
CA GLY D 97 -3.32 -11.97 -15.61
C GLY D 97 -2.99 -10.78 -16.52
N ASP D 98 -2.69 -9.62 -15.95
CA ASP D 98 -2.38 -8.47 -16.78
C ASP D 98 -1.05 -8.66 -17.50
N HIS D 99 -0.82 -7.83 -18.51
CA HIS D 99 0.37 -7.93 -19.33
C HIS D 99 1.74 -7.79 -18.67
N SER D 100 1.79 -7.35 -17.42
CA SER D 100 3.08 -7.22 -16.75
C SER D 100 3.76 -8.60 -16.57
N ILE D 101 2.99 -9.69 -16.68
CA ILE D 101 3.57 -11.02 -16.53
C ILE D 101 4.50 -11.39 -17.68
N ALA D 102 4.42 -10.65 -18.79
CA ALA D 102 5.27 -10.88 -19.96
C ALA D 102 6.74 -10.73 -19.55
N ILE D 103 6.98 -9.89 -18.55
CA ILE D 103 8.34 -9.68 -18.05
C ILE D 103 8.86 -11.04 -17.54
N GLY D 104 8.06 -11.75 -16.75
CA GLY D 104 8.46 -13.05 -16.24
C GLY D 104 8.54 -14.15 -17.30
N THR D 105 7.56 -14.18 -18.21
CA THR D 105 7.54 -15.19 -19.26
C THR D 105 8.79 -15.05 -20.13
N LEU D 106 9.06 -13.84 -20.60
CA LEU D 106 10.22 -13.59 -21.45
C LEU D 106 11.53 -13.86 -20.72
N ALA D 107 11.54 -13.61 -19.41
CA ALA D 107 12.74 -13.86 -18.61
C ALA D 107 13.03 -15.34 -18.54
N GLY D 108 11.97 -16.18 -18.49
CA GLY D 108 12.15 -17.62 -18.41
C GLY D 108 12.45 -18.31 -19.74
N VAL D 109 12.04 -17.68 -20.83
CA VAL D 109 12.21 -18.23 -22.16
C VAL D 109 13.45 -17.77 -22.91
N ALA D 110 13.63 -16.46 -22.94
CA ALA D 110 14.71 -15.83 -23.68
C ALA D 110 16.09 -16.43 -23.50
N LYS D 111 16.45 -16.74 -22.26
CA LYS D 111 17.77 -17.33 -21.98
C LYS D 111 18.03 -18.59 -22.79
N HIS D 112 16.98 -19.23 -23.26
CA HIS D 112 17.11 -20.45 -24.03
C HIS D 112 17.26 -20.27 -25.54
N TYR D 113 17.30 -19.04 -26.02
CA TYR D 113 17.43 -18.81 -27.45
C TYR D 113 18.52 -17.81 -27.76
N GLU D 114 19.15 -17.99 -28.93
CA GLU D 114 20.18 -17.09 -29.40
C GLU D 114 19.58 -15.78 -29.82
N ARG D 115 18.45 -15.86 -30.51
CA ARG D 115 17.73 -14.69 -31.00
C ARG D 115 16.20 -14.89 -30.93
N LEU D 116 15.64 -14.70 -29.73
CA LEU D 116 14.20 -14.85 -29.56
C LEU D 116 13.44 -13.71 -30.20
N GLY D 117 12.47 -14.06 -31.03
CA GLY D 117 11.63 -13.06 -31.67
C GLY D 117 10.35 -12.92 -30.84
N VAL D 118 9.65 -11.80 -30.97
CA VAL D 118 8.42 -11.58 -30.23
C VAL D 118 7.35 -10.95 -31.12
N ILE D 119 6.13 -11.45 -31.02
CA ILE D 119 4.99 -10.90 -31.75
C ILE D 119 4.09 -10.39 -30.62
N TRP D 120 3.92 -9.08 -30.57
CA TRP D 120 3.10 -8.44 -29.57
C TRP D 120 1.75 -8.07 -30.22
N TYR D 121 0.76 -8.95 -30.07
CA TYR D 121 -0.61 -8.79 -30.62
C TYR D 121 -1.35 -7.97 -29.55
N ASP D 122 -1.53 -6.68 -29.81
CA ASP D 122 -2.03 -5.80 -28.77
C ASP D 122 -2.54 -4.49 -29.37
N ALA D 123 -3.39 -3.77 -28.63
CA ALA D 123 -3.92 -2.46 -29.06
C ALA D 123 -2.97 -1.31 -28.63
N HIS D 124 -2.05 -1.64 -27.72
CA HIS D 124 -1.08 -0.72 -27.15
C HIS D 124 0.37 -1.18 -27.43
N GLY D 125 1.34 -0.33 -27.11
CA GLY D 125 2.72 -0.69 -27.34
C GLY D 125 3.41 -1.34 -26.15
N ASP D 126 2.94 -1.01 -24.96
CA ASP D 126 3.49 -1.55 -23.71
C ASP D 126 4.99 -1.32 -23.60
N VAL D 127 5.45 -0.18 -24.12
CA VAL D 127 6.88 0.18 -24.11
C VAL D 127 7.17 1.43 -23.30
N ASN D 128 6.36 1.67 -22.28
CA ASN D 128 6.56 2.82 -21.39
C ASN D 128 7.56 2.51 -20.30
N THR D 129 8.07 3.57 -19.69
CA THR D 129 9.01 3.50 -18.59
C THR D 129 8.36 4.34 -17.52
N ALA D 130 9.00 4.47 -16.37
CA ALA D 130 8.44 5.30 -15.30
C ALA D 130 8.43 6.74 -15.79
N GLU D 131 9.39 7.08 -16.64
CA GLU D 131 9.49 8.41 -17.19
C GLU D 131 8.44 8.73 -18.20
N THR D 132 8.10 7.76 -19.04
CA THR D 132 7.09 8.02 -20.06
C THR D 132 5.68 7.61 -19.70
N SER D 133 5.53 6.74 -18.71
CA SER D 133 4.20 6.25 -18.36
C SER D 133 3.24 7.30 -17.89
N PRO D 134 2.06 7.35 -18.51
CA PRO D 134 1.06 8.33 -18.13
C PRO D 134 0.21 7.85 -16.96
N SER D 135 0.38 6.56 -16.59
CA SER D 135 -0.42 5.94 -15.53
C SER D 135 0.35 5.32 -14.34
N GLY D 136 1.59 4.93 -14.58
CA GLY D 136 2.35 4.30 -13.54
C GLY D 136 2.02 2.82 -13.46
N ASN D 137 1.16 2.33 -14.36
CA ASN D 137 0.77 0.93 -14.38
C ASN D 137 1.83 0.09 -15.12
N ILE D 138 2.38 -0.89 -14.42
CA ILE D 138 3.42 -1.72 -14.99
C ILE D 138 3.01 -2.59 -16.18
N HIS D 139 1.71 -2.82 -16.35
CA HIS D 139 1.25 -3.64 -17.47
C HIS D 139 1.44 -2.91 -18.81
N GLY D 140 1.83 -1.64 -18.73
CA GLY D 140 2.10 -0.84 -19.91
C GLY D 140 3.59 -0.68 -20.16
N MET D 141 4.40 -1.46 -19.44
CA MET D 141 5.85 -1.41 -19.55
C MET D 141 6.61 -2.71 -19.83
N PRO D 142 5.93 -3.90 -19.84
CA PRO D 142 6.65 -5.16 -20.09
C PRO D 142 7.53 -5.30 -21.33
N LEU D 143 7.10 -4.77 -22.47
CA LEU D 143 7.89 -4.87 -23.69
C LEU D 143 9.18 -4.06 -23.53
N ALA D 144 9.05 -2.81 -23.08
CA ALA D 144 10.22 -1.97 -22.88
C ALA D 144 11.18 -2.62 -21.89
N ALA D 145 10.65 -3.05 -20.74
CA ALA D 145 11.45 -3.70 -19.71
C ALA D 145 12.17 -4.92 -20.26
N SER D 146 11.50 -5.71 -21.08
CA SER D 146 12.10 -6.90 -21.69
C SER D 146 13.22 -6.53 -22.68
N LEU D 147 13.10 -5.34 -23.29
CA LEU D 147 14.11 -4.84 -24.23
C LEU D 147 15.27 -4.22 -23.46
N GLY D 148 15.15 -4.21 -22.13
CA GLY D 148 16.19 -3.67 -21.28
C GLY D 148 15.99 -2.23 -20.81
N PHE D 149 14.82 -1.67 -21.11
CA PHE D 149 14.53 -0.29 -20.72
C PHE D 149 13.50 -0.17 -19.61
N GLY D 150 13.91 0.36 -18.47
CA GLY D 150 13.00 0.53 -17.36
C GLY D 150 13.70 0.32 -16.01
N HIS D 151 12.92 0.19 -14.96
CA HIS D 151 13.47 -0.01 -13.65
C HIS D 151 14.23 -1.36 -13.59
N PRO D 152 15.43 -1.36 -12.98
CA PRO D 152 16.27 -2.56 -12.84
C PRO D 152 15.57 -3.75 -12.20
N ALA D 153 14.62 -3.48 -11.31
CA ALA D 153 13.87 -4.54 -10.65
C ALA D 153 13.07 -5.34 -11.69
N LEU D 154 12.71 -4.67 -12.79
CA LEU D 154 11.97 -5.31 -13.84
C LEU D 154 12.88 -5.78 -14.98
N THR D 155 13.88 -4.99 -15.33
CA THR D 155 14.78 -5.34 -16.43
C THR D 155 15.76 -6.47 -16.11
N GLN D 156 16.00 -6.70 -14.83
CA GLN D 156 16.92 -7.73 -14.43
C GLN D 156 16.30 -9.03 -13.95
N ILE D 157 14.99 -9.19 -14.09
CA ILE D 157 14.32 -10.42 -13.67
C ILE D 157 15.04 -11.60 -14.31
N GLY D 158 15.26 -12.65 -13.54
CA GLY D 158 15.96 -13.81 -14.07
C GLY D 158 17.49 -13.66 -14.09
N GLY D 159 17.98 -12.49 -13.69
CA GLY D 159 19.42 -12.25 -13.66
C GLY D 159 20.14 -11.91 -14.96
N TYR D 160 19.45 -11.42 -15.98
CA TYR D 160 20.09 -11.06 -17.24
C TYR D 160 19.23 -10.06 -17.98
N SER D 161 19.83 -9.37 -18.95
CA SER D 161 19.14 -8.36 -19.75
C SER D 161 20.00 -7.97 -20.93
N PRO D 162 19.38 -7.62 -22.05
CA PRO D 162 17.91 -7.60 -22.20
C PRO D 162 17.49 -8.98 -22.62
N LYS D 163 16.19 -9.25 -22.61
CA LYS D 163 15.71 -10.55 -23.02
C LYS D 163 15.64 -10.67 -24.55
N ILE D 164 15.30 -9.58 -25.22
CA ILE D 164 15.21 -9.59 -26.69
C ILE D 164 15.70 -8.27 -27.29
N LYS D 165 15.94 -8.30 -28.61
CA LYS D 165 16.41 -7.13 -29.36
C LYS D 165 15.24 -6.50 -30.11
N PRO D 166 15.24 -5.16 -30.26
CA PRO D 166 14.18 -4.40 -30.95
C PRO D 166 13.92 -4.86 -32.38
N GLU D 167 14.97 -5.33 -33.05
CA GLU D 167 14.85 -5.78 -34.43
C GLU D 167 14.22 -7.15 -34.52
N HIS D 168 13.90 -7.74 -33.38
CA HIS D 168 13.29 -9.05 -33.35
C HIS D 168 11.87 -8.97 -32.81
N VAL D 169 11.35 -7.75 -32.71
CA VAL D 169 10.00 -7.55 -32.22
C VAL D 169 9.08 -7.06 -33.32
N VAL D 170 7.83 -7.53 -33.30
CA VAL D 170 6.82 -7.09 -34.25
C VAL D 170 5.52 -6.85 -33.50
N LEU D 171 5.06 -5.60 -33.52
CA LEU D 171 3.80 -5.19 -32.90
C LEU D 171 2.67 -5.29 -33.96
N ILE D 172 1.54 -5.88 -33.59
CA ILE D 172 0.41 -6.03 -34.49
C ILE D 172 -0.92 -5.67 -33.82
N GLY D 173 -1.68 -4.79 -34.47
CA GLY D 173 -2.97 -4.38 -33.96
C GLY D 173 -2.99 -3.10 -33.15
N VAL D 174 -1.84 -2.42 -33.06
CA VAL D 174 -1.72 -1.19 -32.26
C VAL D 174 -2.62 -0.03 -32.74
N ARG D 175 -3.27 0.60 -31.78
CA ARG D 175 -4.17 1.70 -32.09
C ARG D 175 -4.18 2.71 -30.94
N SER D 176 -3.25 2.56 -30.02
CA SER D 176 -3.15 3.47 -28.90
C SER D 176 -1.75 3.48 -28.29
N LEU D 177 -0.96 4.47 -28.70
CA LEU D 177 0.42 4.65 -28.25
C LEU D 177 0.60 6.01 -27.62
N ASP D 178 1.27 6.06 -26.48
CA ASP D 178 1.53 7.34 -25.82
C ASP D 178 2.67 7.98 -26.60
N GLU D 179 2.82 9.29 -26.51
CA GLU D 179 3.87 9.98 -27.26
C GLU D 179 5.28 9.45 -27.02
N GLY D 180 5.59 9.16 -25.76
CA GLY D 180 6.89 8.62 -25.44
C GLY D 180 7.11 7.28 -26.10
N GLU D 181 6.03 6.51 -26.25
CA GLU D 181 6.09 5.19 -26.86
C GLU D 181 6.30 5.28 -28.35
N LYS D 182 5.67 6.26 -28.98
CA LYS D 182 5.82 6.46 -30.40
C LYS D 182 7.30 6.75 -30.70
N LYS D 183 7.89 7.58 -29.83
CA LYS D 183 9.29 7.95 -29.96
C LYS D 183 10.17 6.74 -29.78
N PHE D 184 9.86 5.93 -28.75
CA PHE D 184 10.60 4.70 -28.42
C PHE D 184 10.58 3.73 -29.58
N ILE D 185 9.40 3.49 -30.14
CA ILE D 185 9.25 2.55 -31.24
C ILE D 185 10.00 3.03 -32.46
N ARG D 186 9.85 4.31 -32.75
CA ARG D 186 10.49 4.95 -33.89
C ARG D 186 12.01 4.87 -33.77
N GLU D 187 12.52 5.29 -32.62
CA GLU D 187 13.94 5.30 -32.38
C GLU D 187 14.57 3.94 -32.18
N LYS D 188 13.87 2.99 -31.56
CA LYS D 188 14.49 1.68 -31.40
C LYS D 188 14.32 0.90 -32.69
N GLY D 189 13.58 1.46 -33.64
CA GLY D 189 13.38 0.79 -34.91
C GLY D 189 12.59 -0.50 -34.86
N ILE D 190 11.58 -0.52 -34.00
CA ILE D 190 10.72 -1.69 -33.84
C ILE D 190 9.69 -1.75 -34.97
N LYS D 191 9.53 -2.94 -35.56
CA LYS D 191 8.59 -3.16 -36.65
C LYS D 191 7.19 -3.13 -36.06
N ILE D 192 6.32 -2.29 -36.63
CA ILE D 192 4.98 -2.13 -36.12
C ILE D 192 3.91 -2.01 -37.16
N TYR D 193 2.84 -2.79 -36.97
CA TYR D 193 1.69 -2.76 -37.85
C TYR D 193 0.50 -2.28 -37.03
N THR D 194 0.18 -1.00 -37.15
CA THR D 194 -0.97 -0.43 -36.46
C THR D 194 -2.22 -0.80 -37.26
N MET D 195 -3.38 -0.39 -36.75
CA MET D 195 -4.63 -0.68 -37.43
C MET D 195 -4.65 -0.04 -38.81
N HIS D 196 -3.85 1.01 -39.02
CA HIS D 196 -3.79 1.63 -40.34
C HIS D 196 -3.24 0.62 -41.35
N GLU D 197 -2.17 -0.08 -41.00
CA GLU D 197 -1.55 -1.07 -41.88
C GLU D 197 -2.43 -2.29 -42.02
N VAL D 198 -3.09 -2.69 -40.94
CA VAL D 198 -3.98 -3.85 -40.99
C VAL D 198 -5.12 -3.53 -41.96
N ASP D 199 -5.67 -2.32 -41.85
CA ASP D 199 -6.76 -1.88 -42.73
C ASP D 199 -6.27 -1.71 -44.15
N ARG D 200 -5.06 -1.17 -44.29
CA ARG D 200 -4.49 -0.88 -45.58
C ARG D 200 -3.96 -2.09 -46.34
N LEU D 201 -3.23 -2.94 -45.63
CA LEU D 201 -2.62 -4.12 -46.21
C LEU D 201 -3.44 -5.40 -46.09
N GLY D 202 -4.25 -5.50 -45.04
CA GLY D 202 -5.04 -6.70 -44.83
C GLY D 202 -4.25 -7.61 -43.90
N MET D 203 -4.96 -8.41 -43.11
CA MET D 203 -4.31 -9.29 -42.13
C MET D 203 -3.39 -10.35 -42.76
N THR D 204 -3.79 -10.90 -43.91
CA THR D 204 -2.99 -11.89 -44.60
C THR D 204 -1.58 -11.33 -44.88
N ARG D 205 -1.50 -10.16 -45.51
CA ARG D 205 -0.21 -9.53 -45.83
C ARG D 205 0.61 -9.21 -44.59
N VAL D 206 -0.06 -8.69 -43.56
CA VAL D 206 0.63 -8.33 -42.32
C VAL D 206 1.28 -9.59 -41.71
N MET D 207 0.51 -10.67 -41.69
CA MET D 207 1.00 -11.93 -41.15
C MET D 207 2.13 -12.51 -41.99
N GLU D 208 1.94 -12.53 -43.31
CA GLU D 208 2.96 -13.03 -44.22
C GLU D 208 4.29 -12.30 -43.98
N GLU D 209 4.22 -10.97 -43.94
CA GLU D 209 5.39 -10.17 -43.72
C GLU D 209 6.00 -10.42 -42.34
N THR D 210 5.17 -10.50 -41.32
CA THR D 210 5.64 -10.72 -39.96
C THR D 210 6.37 -12.06 -39.85
N ILE D 211 5.74 -13.11 -40.35
CA ILE D 211 6.30 -14.45 -40.33
C ILE D 211 7.65 -14.51 -41.05
N ALA D 212 7.68 -14.00 -42.27
CA ALA D 212 8.90 -14.00 -43.04
C ALA D 212 10.02 -13.19 -42.37
N TYR D 213 9.67 -12.04 -41.81
CA TYR D 213 10.65 -11.17 -41.17
C TYR D 213 11.32 -11.83 -39.97
N LEU D 214 10.53 -12.47 -39.13
CA LEU D 214 11.04 -13.13 -37.95
C LEU D 214 11.71 -14.44 -38.28
N LYS D 215 11.09 -15.21 -39.16
CA LYS D 215 11.63 -16.52 -39.55
C LYS D 215 13.05 -16.35 -40.10
N GLU D 216 13.28 -15.20 -40.70
CA GLU D 216 14.55 -14.86 -41.33
C GLU D 216 15.63 -14.42 -40.35
N ARG D 217 15.27 -14.15 -39.09
CA ARG D 217 16.30 -13.69 -38.18
C ARG D 217 16.26 -14.13 -36.73
N THR D 218 15.37 -15.05 -36.40
CA THR D 218 15.26 -15.51 -35.01
C THR D 218 15.32 -17.03 -34.94
N ASP D 219 15.64 -17.57 -33.77
CA ASP D 219 15.67 -19.02 -33.60
C ASP D 219 14.50 -19.52 -32.77
N GLY D 220 13.58 -18.60 -32.48
CA GLY D 220 12.40 -18.92 -31.71
C GLY D 220 11.51 -17.70 -31.71
N VAL D 221 10.21 -17.90 -31.59
CA VAL D 221 9.27 -16.77 -31.53
C VAL D 221 8.24 -16.95 -30.42
N HIS D 222 8.15 -15.94 -29.57
CA HIS D 222 7.20 -15.91 -28.46
C HIS D 222 5.99 -15.05 -28.87
N LEU D 223 4.79 -15.63 -28.73
CA LEU D 223 3.54 -14.90 -29.03
C LEU D 223 3.02 -14.34 -27.71
N SER D 224 2.93 -13.01 -27.63
CA SER D 224 2.43 -12.33 -26.43
C SER D 224 1.11 -11.68 -26.87
N LEU D 225 0.00 -12.39 -26.65
CA LEU D 225 -1.29 -11.89 -27.08
C LEU D 225 -2.17 -11.29 -26.00
N ASP D 226 -2.45 -10.00 -26.17
CA ASP D 226 -3.30 -9.27 -25.26
C ASP D 226 -4.67 -9.28 -25.92
N LEU D 227 -5.69 -9.72 -25.19
CA LEU D 227 -7.04 -9.78 -25.74
C LEU D 227 -7.55 -8.42 -26.13
N ASP D 228 -6.94 -7.34 -25.61
CA ASP D 228 -7.37 -6.00 -26.00
C ASP D 228 -7.00 -5.69 -27.45
N GLY D 229 -6.20 -6.58 -28.04
CA GLY D 229 -5.83 -6.44 -29.45
C GLY D 229 -7.07 -6.61 -30.30
N LEU D 230 -8.04 -7.39 -29.80
CA LEU D 230 -9.28 -7.58 -30.54
C LEU D 230 -10.21 -6.44 -30.20
N ASP D 231 -11.15 -6.16 -31.10
CA ASP D 231 -12.14 -5.10 -30.89
C ASP D 231 -12.98 -5.42 -29.65
N PRO D 232 -13.31 -4.41 -28.85
CA PRO D 232 -14.12 -4.58 -27.63
C PRO D 232 -15.46 -5.33 -27.88
N SER D 233 -15.95 -5.28 -29.11
CA SER D 233 -17.20 -5.96 -29.43
C SER D 233 -16.96 -7.46 -29.47
N ASP D 234 -15.72 -7.85 -29.76
CA ASP D 234 -15.37 -9.27 -29.81
C ASP D 234 -14.80 -9.74 -28.48
N ALA D 235 -14.11 -8.85 -27.79
CA ALA D 235 -13.47 -9.17 -26.54
C ALA D 235 -13.68 -8.02 -25.56
N PRO D 236 -14.90 -7.92 -24.99
CA PRO D 236 -15.22 -6.86 -24.03
C PRO D 236 -14.54 -6.94 -22.66
N GLY D 237 -14.16 -8.14 -22.24
CA GLY D 237 -13.56 -8.32 -20.93
C GLY D 237 -12.12 -7.94 -20.75
N VAL D 238 -11.77 -6.69 -21.04
CA VAL D 238 -10.40 -6.21 -20.87
C VAL D 238 -10.46 -4.88 -20.13
N GLY D 239 -9.39 -4.55 -19.40
CA GLY D 239 -9.34 -3.32 -18.63
C GLY D 239 -9.07 -2.09 -19.47
N THR D 240 -8.37 -2.25 -20.60
CA THR D 240 -8.05 -1.12 -21.48
C THR D 240 -8.57 -1.33 -22.91
N PRO D 241 -9.89 -1.32 -23.08
CA PRO D 241 -10.46 -1.51 -24.42
C PRO D 241 -10.28 -0.28 -25.30
N VAL D 242 -10.09 -0.51 -26.61
CA VAL D 242 -9.97 0.58 -27.57
C VAL D 242 -10.75 0.15 -28.81
N ILE D 243 -11.69 0.95 -29.26
CA ILE D 243 -12.49 0.58 -30.43
C ILE D 243 -11.70 0.58 -31.72
N GLY D 244 -12.29 -0.03 -32.73
CA GLY D 244 -11.66 -0.13 -34.03
C GLY D 244 -10.52 -1.13 -33.99
N GLY D 245 -10.76 -2.30 -33.37
CA GLY D 245 -9.73 -3.32 -33.28
C GLY D 245 -9.89 -4.48 -34.22
N LEU D 246 -9.03 -5.47 -34.02
CA LEU D 246 -9.02 -6.66 -34.85
C LEU D 246 -10.26 -7.51 -34.65
N THR D 247 -10.75 -8.10 -35.73
CA THR D 247 -11.95 -8.92 -35.63
C THR D 247 -11.64 -10.33 -35.16
N TYR D 248 -12.71 -11.06 -34.86
CA TYR D 248 -12.63 -12.45 -34.43
C TYR D 248 -11.99 -13.29 -35.55
N ARG D 249 -12.44 -13.08 -36.79
CA ARG D 249 -11.91 -13.79 -37.96
C ARG D 249 -10.44 -13.46 -38.30
N GLU D 250 -10.04 -12.18 -38.22
CA GLU D 250 -8.67 -11.78 -38.50
C GLU D 250 -7.74 -12.42 -37.49
N SER D 251 -8.22 -12.55 -36.25
CA SER D 251 -7.45 -13.16 -35.18
C SER D 251 -7.28 -14.65 -35.39
N HIS D 252 -8.34 -15.32 -35.83
CA HIS D 252 -8.24 -16.74 -36.10
C HIS D 252 -7.31 -16.97 -37.29
N LEU D 253 -7.40 -16.10 -38.29
CA LEU D 253 -6.54 -16.21 -39.46
C LEU D 253 -5.09 -16.07 -39.03
N ALA D 254 -4.80 -15.07 -38.20
CA ALA D 254 -3.44 -14.82 -37.69
C ALA D 254 -2.91 -16.08 -36.97
N MET D 255 -3.73 -16.68 -36.10
CA MET D 255 -3.33 -17.87 -35.37
C MET D 255 -3.13 -19.05 -36.30
N GLU D 256 -3.97 -19.16 -37.33
CA GLU D 256 -3.87 -20.24 -38.32
C GLU D 256 -2.61 -20.10 -39.18
N MET D 257 -2.24 -18.88 -39.51
CA MET D 257 -1.05 -18.66 -40.31
C MET D 257 0.21 -18.91 -39.46
N LEU D 258 0.12 -18.63 -38.17
CA LEU D 258 1.25 -18.85 -37.27
C LEU D 258 1.44 -20.35 -37.10
N ALA D 259 0.34 -21.08 -36.95
CA ALA D 259 0.40 -22.51 -36.75
C ALA D 259 1.04 -23.15 -37.97
N GLU D 260 0.63 -22.66 -39.13
CA GLU D 260 1.11 -23.16 -40.40
C GLU D 260 2.61 -22.95 -40.52
N ALA D 261 3.06 -21.77 -40.09
CA ALA D 261 4.47 -21.39 -40.16
C ALA D 261 5.35 -22.15 -39.19
N GLN D 262 4.75 -22.65 -38.11
CA GLN D 262 5.47 -23.40 -37.11
C GLN D 262 6.64 -22.62 -36.52
N ILE D 263 6.41 -21.36 -36.22
CA ILE D 263 7.46 -20.55 -35.63
C ILE D 263 7.26 -20.22 -34.15
N ILE D 264 6.03 -20.39 -33.66
CA ILE D 264 5.75 -20.07 -32.25
C ILE D 264 6.29 -21.12 -31.28
N THR D 265 7.20 -20.69 -30.41
CA THR D 265 7.86 -21.57 -29.45
C THR D 265 7.46 -21.38 -28.00
N SER D 266 6.64 -20.37 -27.76
CA SER D 266 6.11 -20.08 -26.43
C SER D 266 4.99 -19.07 -26.62
N ALA D 267 4.04 -19.02 -25.70
CA ALA D 267 2.94 -18.09 -25.84
C ALA D 267 2.25 -17.79 -24.52
N GLU D 268 1.58 -16.64 -24.50
CA GLU D 268 0.81 -16.18 -23.35
C GLU D 268 -0.39 -15.38 -23.82
N PHE D 269 -1.51 -15.61 -23.15
CA PHE D 269 -2.77 -14.94 -23.45
C PHE D 269 -3.09 -14.19 -22.17
N VAL D 270 -3.16 -12.87 -22.26
CA VAL D 270 -3.36 -12.04 -21.09
C VAL D 270 -4.50 -11.04 -21.10
N GLU D 271 -4.72 -10.43 -19.94
CA GLU D 271 -5.73 -9.40 -19.72
C GLU D 271 -7.19 -9.80 -19.73
N VAL D 272 -7.46 -11.11 -19.72
CA VAL D 272 -8.83 -11.60 -19.67
C VAL D 272 -9.37 -11.21 -18.27
N ASN D 273 -10.41 -10.40 -18.25
CA ASN D 273 -11.03 -9.99 -16.99
C ASN D 273 -12.52 -10.39 -16.98
N PRO D 274 -12.87 -11.51 -16.32
CA PRO D 274 -14.25 -12.03 -16.23
C PRO D 274 -15.24 -11.02 -15.66
N ILE D 275 -14.72 -10.15 -14.79
CA ILE D 275 -15.53 -9.15 -14.14
C ILE D 275 -15.94 -7.96 -15.00
N LEU D 276 -15.30 -7.80 -16.16
CA LEU D 276 -15.64 -6.72 -17.09
C LEU D 276 -16.18 -7.33 -18.37
N ASP D 277 -16.43 -8.63 -18.32
CA ASP D 277 -16.89 -9.41 -19.46
C ASP D 277 -18.38 -9.70 -19.50
N GLU D 278 -18.82 -10.32 -20.59
CA GLU D 278 -20.20 -10.72 -20.79
C GLU D 278 -20.21 -12.24 -20.95
N ARG D 279 -20.61 -12.93 -19.88
CA ARG D 279 -20.72 -14.39 -19.87
C ARG D 279 -19.46 -15.12 -20.39
N ASN D 280 -18.30 -14.72 -19.90
CA ASN D 280 -17.03 -15.35 -20.26
C ASN D 280 -16.65 -15.34 -21.73
N LYS D 281 -17.23 -14.41 -22.47
CA LYS D 281 -16.98 -14.27 -23.90
C LYS D 281 -15.51 -14.12 -24.26
N THR D 282 -14.80 -13.27 -23.52
CA THR D 282 -13.38 -13.01 -23.75
C THR D 282 -12.50 -14.23 -23.46
N ALA D 283 -12.76 -14.95 -22.38
CA ALA D 283 -11.97 -16.15 -22.09
C ALA D 283 -12.20 -17.17 -23.18
N SER D 284 -13.43 -17.21 -23.68
CA SER D 284 -13.81 -18.13 -24.75
C SER D 284 -13.06 -17.85 -26.04
N VAL D 285 -12.93 -16.57 -26.37
CA VAL D 285 -12.22 -16.16 -27.58
C VAL D 285 -10.76 -16.59 -27.45
N ALA D 286 -10.19 -16.37 -26.27
CA ALA D 286 -8.81 -16.72 -26.01
C ALA D 286 -8.59 -18.20 -26.27
N VAL D 287 -9.45 -19.03 -25.70
CA VAL D 287 -9.35 -20.48 -25.85
C VAL D 287 -9.51 -20.90 -27.32
N ALA D 288 -10.45 -20.28 -28.03
CA ALA D 288 -10.65 -20.59 -29.45
C ALA D 288 -9.40 -20.24 -30.24
N LEU D 289 -8.80 -19.09 -29.93
CA LEU D 289 -7.59 -18.65 -30.59
C LEU D 289 -6.46 -19.62 -30.25
N MET D 290 -6.40 -20.08 -29.01
CA MET D 290 -5.37 -21.05 -28.65
C MET D 290 -5.56 -22.31 -29.49
N GLY D 291 -6.82 -22.69 -29.75
CA GLY D 291 -7.11 -23.86 -30.55
C GLY D 291 -6.56 -23.77 -31.97
N SER D 292 -6.70 -22.60 -32.59
CA SER D 292 -6.17 -22.37 -33.93
C SER D 292 -4.64 -22.33 -33.90
N LEU D 293 -4.09 -21.65 -32.90
CA LEU D 293 -2.66 -21.50 -32.76
C LEU D 293 -2.00 -22.86 -32.68
N PHE D 294 -2.60 -23.73 -31.88
CA PHE D 294 -2.08 -25.06 -31.69
C PHE D 294 -2.47 -26.11 -32.70
N GLY D 295 -2.95 -25.66 -33.87
CA GLY D 295 -3.23 -26.61 -34.91
C GLY D 295 -4.60 -26.94 -35.46
N GLU D 296 -5.66 -26.47 -34.84
CA GLU D 296 -6.99 -26.78 -35.36
C GLU D 296 -7.10 -26.31 -36.79
N LYS D 297 -7.78 -27.12 -37.59
CA LYS D 297 -8.00 -26.79 -39.00
C LYS D 297 -9.44 -27.04 -39.34
N LEU D 298 -10.04 -26.16 -40.13
CA LEU D 298 -11.45 -26.28 -40.52
C LEU D 298 -11.64 -27.38 -41.58
N MET D 299 -10.66 -27.52 -42.47
CA MET D 299 -10.65 -28.52 -43.54
C MET D 299 -9.97 -29.81 -43.08
N LYS E 2 -35.13 -15.14 -67.53
CA LYS E 2 -36.00 -16.37 -67.50
C LYS E 2 -37.01 -16.26 -66.36
N PRO E 3 -38.28 -16.60 -66.64
CA PRO E 3 -39.32 -16.55 -65.63
C PRO E 3 -38.93 -17.43 -64.46
N ILE E 4 -39.40 -17.04 -63.28
CA ILE E 4 -39.10 -17.77 -62.06
C ILE E 4 -40.37 -18.39 -61.50
N SER E 5 -40.23 -19.61 -60.96
CA SER E 5 -41.33 -20.28 -60.30
C SER E 5 -40.82 -20.59 -58.89
N ILE E 6 -41.56 -20.14 -57.88
CA ILE E 6 -41.22 -20.36 -56.49
C ILE E 6 -41.94 -21.60 -55.99
N ILE E 7 -41.21 -22.41 -55.24
CA ILE E 7 -41.75 -23.61 -54.67
C ILE E 7 -41.34 -23.64 -53.21
N GLY E 8 -42.32 -23.55 -52.31
CA GLY E 8 -42.03 -23.59 -50.90
C GLY E 8 -42.02 -25.04 -50.42
N VAL E 9 -41.12 -25.36 -49.51
CA VAL E 9 -41.01 -26.71 -48.98
C VAL E 9 -40.91 -26.64 -47.48
N PRO E 10 -42.06 -26.60 -46.79
CA PRO E 10 -42.17 -26.51 -45.34
C PRO E 10 -41.67 -27.77 -44.63
N MET E 11 -40.37 -28.03 -44.76
CA MET E 11 -39.73 -29.20 -44.19
C MET E 11 -38.89 -28.94 -42.93
N ASP E 12 -39.10 -29.74 -41.89
CA ASP E 12 -38.32 -29.65 -40.65
C ASP E 12 -37.86 -31.02 -40.17
N LEU E 13 -38.28 -32.07 -40.89
CA LEU E 13 -37.95 -33.45 -40.58
C LEU E 13 -36.49 -33.83 -40.86
N GLY E 14 -35.76 -32.93 -41.50
CA GLY E 14 -34.35 -33.19 -41.79
C GLY E 14 -33.51 -32.92 -40.55
N GLN E 15 -34.11 -32.35 -39.53
CA GLN E 15 -33.42 -32.03 -38.27
C GLN E 15 -34.46 -32.04 -37.14
N THR E 16 -34.04 -31.65 -35.95
CA THR E 16 -34.91 -31.71 -34.77
C THR E 16 -35.57 -30.44 -34.23
N ARG E 17 -35.06 -29.27 -34.63
CA ARG E 17 -35.60 -28.00 -34.15
C ARG E 17 -36.86 -27.63 -34.92
N ARG E 18 -37.98 -27.46 -34.21
CA ARG E 18 -39.21 -27.09 -34.87
C ARG E 18 -39.21 -25.62 -35.29
N GLY E 19 -39.95 -25.31 -36.35
CA GLY E 19 -40.03 -23.93 -36.81
C GLY E 19 -39.45 -23.67 -38.19
N VAL E 20 -38.45 -24.45 -38.61
CA VAL E 20 -37.84 -24.27 -39.92
C VAL E 20 -38.84 -24.52 -41.04
N ASP E 21 -39.92 -25.21 -40.72
CA ASP E 21 -40.97 -25.47 -41.69
C ASP E 21 -41.72 -24.15 -42.02
N MET E 22 -41.52 -23.13 -41.18
CA MET E 22 -42.16 -21.83 -41.36
C MET E 22 -41.30 -20.90 -42.22
N GLY E 23 -40.14 -21.41 -42.62
CA GLY E 23 -39.23 -20.64 -43.45
C GLY E 23 -39.82 -20.13 -44.76
N PRO E 24 -40.47 -20.98 -45.55
CA PRO E 24 -41.06 -20.53 -46.83
C PRO E 24 -41.96 -19.32 -46.68
N SER E 25 -42.85 -19.35 -45.70
CA SER E 25 -43.76 -18.24 -45.51
C SER E 25 -43.12 -17.03 -44.87
N ALA E 26 -42.08 -17.24 -44.07
CA ALA E 26 -41.38 -16.13 -43.43
C ALA E 26 -40.72 -15.30 -44.53
N MET E 27 -40.16 -15.98 -45.54
CA MET E 27 -39.54 -15.30 -46.68
C MET E 27 -40.59 -14.67 -47.58
N ARG E 28 -41.76 -15.31 -47.73
CA ARG E 28 -42.85 -14.73 -48.52
C ARG E 28 -43.25 -13.43 -47.85
N TYR E 29 -43.39 -13.48 -46.52
CA TYR E 29 -43.76 -12.30 -45.75
C TYR E 29 -42.66 -11.24 -45.77
N ALA E 30 -41.42 -11.65 -46.04
CA ALA E 30 -40.31 -10.70 -46.10
C ALA E 30 -40.33 -10.02 -47.48
N GLY E 31 -41.33 -10.37 -48.27
CA GLY E 31 -41.52 -9.76 -49.59
C GLY E 31 -40.78 -10.32 -50.78
N VAL E 32 -40.59 -11.63 -50.83
CA VAL E 32 -39.87 -12.25 -51.92
C VAL E 32 -40.48 -12.02 -53.31
N ILE E 33 -41.81 -12.06 -53.40
CA ILE E 33 -42.49 -11.86 -54.67
C ILE E 33 -42.34 -10.43 -55.18
N GLU E 34 -42.69 -9.44 -54.36
CA GLU E 34 -42.57 -8.06 -54.78
C GLU E 34 -41.15 -7.69 -55.15
N ARG E 35 -40.20 -8.18 -54.36
CA ARG E 35 -38.80 -7.90 -54.59
C ARG E 35 -38.40 -8.34 -56.00
N LEU E 36 -38.85 -9.53 -56.39
CA LEU E 36 -38.54 -10.08 -57.70
C LEU E 36 -39.35 -9.46 -58.84
N GLU E 37 -40.60 -9.10 -58.57
CA GLU E 37 -41.44 -8.48 -59.57
C GLU E 37 -40.83 -7.15 -59.96
N ARG E 38 -40.26 -6.45 -58.98
CA ARG E 38 -39.62 -5.15 -59.21
C ARG E 38 -38.46 -5.25 -60.19
N LEU E 39 -37.84 -6.43 -60.26
CA LEU E 39 -36.73 -6.64 -61.18
C LEU E 39 -37.29 -6.99 -62.56
N HIS E 40 -38.60 -6.82 -62.71
CA HIS E 40 -39.30 -7.10 -63.97
C HIS E 40 -39.43 -8.56 -64.32
N TYR E 41 -39.34 -9.42 -63.33
CA TYR E 41 -39.47 -10.84 -63.58
C TYR E 41 -40.90 -11.29 -63.68
N ASP E 42 -41.10 -12.36 -64.44
CA ASP E 42 -42.41 -13.01 -64.55
C ASP E 42 -42.24 -14.04 -63.43
N ILE E 43 -42.81 -13.72 -62.28
CA ILE E 43 -42.68 -14.59 -61.12
C ILE E 43 -44.00 -15.24 -60.81
N GLU E 44 -43.89 -16.52 -60.51
CA GLU E 44 -45.03 -17.36 -60.20
C GLU E 44 -44.73 -18.13 -58.91
N ASP E 45 -45.71 -18.23 -58.03
CA ASP E 45 -45.54 -18.94 -56.77
C ASP E 45 -46.38 -20.21 -56.82
N LEU E 46 -45.73 -21.34 -57.01
CA LEU E 46 -46.44 -22.61 -57.08
C LEU E 46 -46.86 -23.18 -55.73
N GLY E 47 -46.79 -22.38 -54.68
CA GLY E 47 -47.19 -22.85 -53.36
C GLY E 47 -46.21 -23.77 -52.65
N ASP E 48 -46.74 -24.59 -51.76
CA ASP E 48 -45.92 -25.52 -50.97
C ASP E 48 -46.09 -27.00 -51.24
N ILE E 49 -44.98 -27.72 -51.11
CA ILE E 49 -44.96 -29.15 -51.27
C ILE E 49 -45.52 -29.75 -49.99
N PRO E 50 -46.46 -30.68 -50.12
CA PRO E 50 -47.07 -31.32 -48.96
C PRO E 50 -46.02 -32.17 -48.24
N ILE E 51 -45.84 -31.95 -46.94
CA ILE E 51 -44.87 -32.74 -46.17
C ILE E 51 -45.64 -33.62 -45.20
N GLY E 52 -45.29 -34.91 -45.16
CA GLY E 52 -45.97 -35.82 -44.26
C GLY E 52 -45.38 -35.79 -42.86
N LYS E 53 -46.05 -36.43 -41.92
CA LYS E 53 -45.58 -36.49 -40.54
C LYS E 53 -44.78 -37.79 -40.41
N ALA E 54 -43.62 -37.76 -39.77
CA ALA E 54 -42.81 -38.97 -39.63
C ALA E 54 -43.47 -40.12 -38.86
N GLU E 55 -42.95 -41.32 -39.05
CA GLU E 55 -43.50 -42.48 -38.35
C GLU E 55 -42.89 -42.52 -36.96
N ARG E 56 -43.46 -43.33 -36.08
CA ARG E 56 -42.95 -43.47 -34.71
C ARG E 56 -41.45 -43.71 -34.77
N LEU E 57 -40.71 -42.90 -34.02
CA LEU E 57 -39.26 -43.00 -34.00
C LEU E 57 -38.83 -44.41 -33.62
N HIS E 58 -39.56 -45.02 -32.70
CA HIS E 58 -39.24 -46.37 -32.25
C HIS E 58 -39.45 -47.46 -33.30
N GLU E 59 -40.44 -47.30 -34.17
CA GLU E 59 -40.69 -48.29 -35.21
C GLU E 59 -40.07 -47.85 -36.53
N GLN E 60 -39.20 -46.86 -36.44
CA GLN E 60 -38.50 -46.30 -37.58
C GLN E 60 -37.27 -47.14 -37.94
N GLY E 61 -36.98 -47.22 -39.24
CA GLY E 61 -35.86 -48.01 -39.72
C GLY E 61 -34.46 -47.80 -39.14
N ASP E 62 -33.89 -46.60 -39.32
CA ASP E 62 -32.55 -46.30 -38.83
C ASP E 62 -32.46 -45.05 -37.94
N SER E 63 -31.80 -45.22 -36.79
CA SER E 63 -31.62 -44.11 -35.84
C SER E 63 -30.64 -43.10 -36.41
N ARG E 64 -29.86 -43.57 -37.36
CA ARG E 64 -28.85 -42.78 -38.04
C ARG E 64 -29.47 -42.09 -39.26
N LEU E 65 -30.75 -42.33 -39.47
CA LEU E 65 -31.46 -41.74 -40.58
C LEU E 65 -32.86 -41.35 -40.11
N ARG E 66 -32.93 -40.39 -39.21
CA ARG E 66 -34.19 -39.94 -38.66
C ARG E 66 -35.20 -39.43 -39.71
N ASN E 67 -36.44 -39.90 -39.60
CA ASN E 67 -37.54 -39.53 -40.48
C ASN E 67 -37.29 -39.82 -41.97
N LEU E 68 -36.51 -40.87 -42.24
CA LEU E 68 -36.14 -41.24 -43.61
C LEU E 68 -37.30 -41.35 -44.60
N LYS E 69 -38.38 -42.02 -44.22
CA LYS E 69 -39.52 -42.20 -45.11
C LYS E 69 -40.19 -40.89 -45.50
N ALA E 70 -40.53 -40.09 -44.48
CA ALA E 70 -41.19 -38.80 -44.69
C ALA E 70 -40.31 -37.84 -45.50
N VAL E 71 -39.02 -37.86 -45.21
CA VAL E 71 -38.06 -37.01 -45.90
C VAL E 71 -37.90 -37.46 -47.36
N ALA E 72 -37.81 -38.78 -47.57
CA ALA E 72 -37.66 -39.30 -48.93
C ALA E 72 -38.94 -39.04 -49.77
N GLU E 73 -40.10 -39.16 -49.15
CA GLU E 73 -41.34 -38.95 -49.86
C GLU E 73 -41.53 -37.49 -50.23
N ALA E 74 -41.32 -36.59 -49.27
CA ALA E 74 -41.45 -35.15 -49.53
C ALA E 74 -40.47 -34.75 -50.65
N ASN E 75 -39.28 -35.36 -50.64
CA ASN E 75 -38.29 -35.05 -51.65
C ASN E 75 -38.69 -35.55 -53.04
N GLU E 76 -39.42 -36.67 -53.08
CA GLU E 76 -39.89 -37.20 -54.37
C GLU E 76 -40.84 -36.18 -54.97
N LYS E 77 -41.77 -35.70 -54.14
CA LYS E 77 -42.71 -34.69 -54.58
C LYS E 77 -42.00 -33.45 -55.08
N LEU E 78 -41.02 -32.97 -54.32
CA LEU E 78 -40.28 -31.77 -54.68
C LEU E 78 -39.57 -31.94 -56.01
N ALA E 79 -38.95 -33.10 -56.18
CA ALA E 79 -38.21 -33.40 -57.40
C ALA E 79 -39.12 -33.30 -58.60
N ALA E 80 -40.34 -33.80 -58.45
CA ALA E 80 -41.30 -33.78 -59.55
C ALA E 80 -41.74 -32.37 -59.90
N ALA E 81 -42.03 -31.57 -58.88
CA ALA E 81 -42.48 -30.19 -59.09
C ALA E 81 -41.37 -29.38 -59.75
N VAL E 82 -40.14 -29.62 -59.30
CA VAL E 82 -38.99 -28.90 -59.83
C VAL E 82 -38.73 -29.29 -61.28
N ASP E 83 -38.82 -30.60 -61.52
CA ASP E 83 -38.61 -31.16 -62.85
C ASP E 83 -39.57 -30.50 -63.82
N GLN E 84 -40.82 -30.33 -63.40
CA GLN E 84 -41.84 -29.72 -64.25
C GLN E 84 -41.54 -28.25 -64.57
N VAL E 85 -41.11 -27.50 -63.57
CA VAL E 85 -40.77 -26.09 -63.76
C VAL E 85 -39.66 -25.94 -64.80
N VAL E 86 -38.63 -26.77 -64.69
CA VAL E 86 -37.52 -26.72 -65.62
C VAL E 86 -38.03 -27.06 -67.02
N GLN E 87 -38.88 -28.10 -67.11
CA GLN E 87 -39.45 -28.50 -68.38
C GLN E 87 -40.26 -27.36 -68.98
N ARG E 88 -40.86 -26.54 -68.13
CA ARG E 88 -41.63 -25.39 -68.63
C ARG E 88 -40.71 -24.23 -69.04
N GLY E 89 -39.41 -24.44 -68.92
CA GLY E 89 -38.44 -23.40 -69.27
C GLY E 89 -38.32 -22.29 -68.24
N ARG E 90 -38.67 -22.59 -66.99
CA ARG E 90 -38.60 -21.58 -65.94
C ARG E 90 -37.51 -21.92 -64.94
N PHE E 91 -37.08 -20.88 -64.21
CA PHE E 91 -36.06 -21.00 -63.17
C PHE E 91 -36.71 -21.49 -61.87
N PRO E 92 -36.25 -22.59 -61.31
CA PRO E 92 -36.85 -23.06 -60.07
C PRO E 92 -36.18 -22.41 -58.86
N LEU E 93 -36.97 -21.68 -58.08
CA LEU E 93 -36.48 -21.01 -56.88
C LEU E 93 -37.17 -21.72 -55.70
N VAL E 94 -36.43 -22.57 -55.02
CA VAL E 94 -36.97 -23.34 -53.91
C VAL E 94 -36.69 -22.68 -52.54
N LEU E 95 -37.76 -22.49 -51.76
CA LEU E 95 -37.65 -21.89 -50.42
C LEU E 95 -37.88 -22.93 -49.32
N GLY E 96 -36.91 -23.10 -48.43
CA GLY E 96 -37.03 -24.08 -47.35
C GLY E 96 -37.34 -23.46 -45.99
N GLY E 97 -37.43 -24.26 -44.92
CA GLY E 97 -37.25 -25.70 -45.00
C GLY E 97 -35.80 -26.09 -44.73
N ASP E 98 -35.57 -27.20 -44.03
CA ASP E 98 -34.18 -27.58 -43.78
C ASP E 98 -33.47 -28.03 -45.05
N HIS E 99 -32.14 -28.11 -44.98
CA HIS E 99 -31.32 -28.47 -46.13
C HIS E 99 -31.55 -29.84 -46.78
N SER E 100 -32.30 -30.72 -46.13
CA SER E 100 -32.57 -32.04 -46.70
C SER E 100 -33.38 -31.93 -47.98
N ILE E 101 -34.01 -30.78 -48.22
CA ILE E 101 -34.80 -30.59 -49.44
C ILE E 101 -33.92 -30.45 -50.69
N ALA E 102 -32.63 -30.21 -50.48
CA ALA E 102 -31.67 -30.10 -51.59
C ALA E 102 -31.68 -31.40 -52.39
N ILE E 103 -31.94 -32.50 -51.71
CA ILE E 103 -31.98 -33.81 -52.34
C ILE E 103 -33.04 -33.78 -53.42
N GLY E 104 -34.21 -33.25 -53.08
CA GLY E 104 -35.30 -33.15 -54.04
C GLY E 104 -35.07 -32.10 -55.12
N THR E 105 -34.51 -30.96 -54.75
CA THR E 105 -34.25 -29.90 -55.72
C THR E 105 -33.27 -30.38 -56.80
N LEU E 106 -32.14 -30.94 -56.36
CA LEU E 106 -31.13 -31.45 -57.27
C LEU E 106 -31.66 -32.59 -58.13
N ALA E 107 -32.55 -33.40 -57.56
CA ALA E 107 -33.14 -34.52 -58.30
C ALA E 107 -34.01 -34.02 -59.45
N GLY E 108 -34.68 -32.87 -59.25
CA GLY E 108 -35.54 -32.35 -60.30
C GLY E 108 -34.78 -31.58 -61.36
N VAL E 109 -33.63 -31.05 -60.97
CA VAL E 109 -32.82 -30.24 -61.86
C VAL E 109 -31.74 -30.97 -62.64
N ALA E 110 -30.92 -31.73 -61.92
CA ALA E 110 -29.78 -32.40 -62.51
C ALA E 110 -30.02 -33.17 -63.81
N LYS E 111 -31.14 -33.88 -63.88
CA LYS E 111 -31.49 -34.66 -65.06
C LYS E 111 -31.51 -33.82 -66.34
N HIS E 112 -31.64 -32.51 -66.20
CA HIS E 112 -31.71 -31.61 -67.35
C HIS E 112 -30.37 -31.03 -67.79
N TYR E 113 -29.28 -31.45 -67.17
CA TYR E 113 -27.98 -30.92 -67.51
C TYR E 113 -26.96 -32.02 -67.69
N GLU E 114 -26.03 -31.79 -68.62
CA GLU E 114 -24.94 -32.73 -68.92
C GLU E 114 -23.98 -32.78 -67.75
N ARG E 115 -23.68 -31.59 -67.22
CA ARG E 115 -22.76 -31.44 -66.11
C ARG E 115 -23.20 -30.31 -65.19
N LEU E 116 -24.13 -30.62 -64.29
CA LEU E 116 -24.62 -29.61 -63.35
C LEU E 116 -23.60 -29.33 -62.24
N GLY E 117 -23.25 -28.05 -62.09
CA GLY E 117 -22.36 -27.65 -61.03
C GLY E 117 -23.17 -27.24 -59.82
N VAL E 118 -22.54 -27.22 -58.65
CA VAL E 118 -23.21 -26.83 -57.43
C VAL E 118 -22.34 -25.95 -56.55
N ILE E 119 -22.91 -24.84 -56.08
CA ILE E 119 -22.23 -23.96 -55.14
C ILE E 119 -22.99 -24.18 -53.81
N TRP E 120 -22.29 -24.71 -52.82
CA TRP E 120 -22.88 -24.99 -51.53
C TRP E 120 -22.38 -23.91 -50.57
N TYR E 121 -23.19 -22.85 -50.39
CA TYR E 121 -22.90 -21.69 -49.51
C TYR E 121 -23.42 -22.13 -48.14
N ASP E 122 -22.50 -22.48 -47.25
CA ASP E 122 -22.92 -23.09 -45.99
C ASP E 122 -21.76 -23.09 -44.98
N ALA E 123 -22.10 -23.22 -43.70
CA ALA E 123 -21.12 -23.30 -42.61
C ALA E 123 -20.66 -24.75 -42.41
N HIS E 124 -21.45 -25.67 -42.92
CA HIS E 124 -21.20 -27.10 -42.81
C HIS E 124 -21.00 -27.70 -44.20
N GLY E 125 -20.63 -28.99 -44.22
CA GLY E 125 -20.39 -29.70 -45.47
C GLY E 125 -21.60 -30.45 -46.00
N ASP E 126 -22.46 -30.91 -45.11
CA ASP E 126 -23.65 -31.65 -45.49
C ASP E 126 -23.34 -32.90 -46.34
N VAL E 127 -22.19 -33.51 -46.08
CA VAL E 127 -21.75 -34.70 -46.80
C VAL E 127 -21.64 -35.93 -45.89
N ASN E 128 -22.50 -36.01 -44.88
CA ASN E 128 -22.51 -37.15 -43.97
C ASN E 128 -23.36 -38.29 -44.55
N THR E 129 -23.18 -39.48 -43.99
CA THR E 129 -23.94 -40.67 -44.36
C THR E 129 -24.40 -41.20 -43.01
N ALA E 130 -25.24 -42.22 -43.01
CA ALA E 130 -25.72 -42.81 -41.77
C ALA E 130 -24.52 -43.30 -40.98
N GLU E 131 -23.46 -43.68 -41.69
CA GLU E 131 -22.23 -44.17 -41.06
C GLU E 131 -21.41 -43.05 -40.42
N THR E 132 -21.32 -41.91 -41.09
CA THR E 132 -20.54 -40.80 -40.56
C THR E 132 -21.29 -39.78 -39.74
N SER E 133 -22.61 -39.73 -39.89
CA SER E 133 -23.40 -38.74 -39.16
C SER E 133 -23.36 -38.86 -37.67
N PRO E 134 -23.04 -37.75 -37.00
CA PRO E 134 -22.97 -37.73 -35.55
C PRO E 134 -24.36 -37.47 -34.94
N SER E 135 -25.33 -37.11 -35.77
CA SER E 135 -26.67 -36.78 -35.29
C SER E 135 -27.84 -37.60 -35.87
N GLY E 136 -27.65 -38.15 -37.06
CA GLY E 136 -28.72 -38.91 -37.68
C GLY E 136 -29.69 -37.97 -38.36
N ASN E 137 -29.36 -36.67 -38.38
CA ASN E 137 -30.22 -35.69 -39.03
C ASN E 137 -29.92 -35.66 -40.52
N ILE E 138 -30.93 -35.94 -41.35
CA ILE E 138 -30.73 -35.97 -42.78
C ILE E 138 -30.33 -34.63 -43.42
N HIS E 139 -30.57 -33.51 -42.74
CA HIS E 139 -30.22 -32.21 -43.31
C HIS E 139 -28.70 -32.05 -43.37
N GLY E 140 -27.99 -33.00 -42.79
CA GLY E 140 -26.54 -32.98 -42.80
C GLY E 140 -25.99 -33.98 -43.81
N MET E 141 -26.87 -34.52 -44.65
CA MET E 141 -26.51 -35.51 -45.68
C MET E 141 -26.88 -35.24 -47.15
N PRO E 142 -27.64 -34.16 -47.45
CA PRO E 142 -28.03 -33.90 -48.85
C PRO E 142 -26.98 -33.82 -49.93
N LEU E 143 -25.83 -33.23 -49.61
CA LEU E 143 -24.77 -33.10 -50.60
C LEU E 143 -24.18 -34.47 -50.96
N ALA E 144 -23.89 -35.26 -49.93
CA ALA E 144 -23.36 -36.61 -50.09
C ALA E 144 -24.38 -37.43 -50.87
N ALA E 145 -25.63 -37.40 -50.41
CA ALA E 145 -26.72 -38.13 -51.07
C ALA E 145 -26.83 -37.79 -52.55
N SER E 146 -26.71 -36.50 -52.86
CA SER E 146 -26.80 -36.05 -54.26
C SER E 146 -25.61 -36.52 -55.08
N LEU E 147 -24.49 -36.75 -54.42
CA LEU E 147 -23.28 -37.22 -55.08
C LEU E 147 -23.32 -38.74 -55.26
N GLY E 148 -24.39 -39.35 -54.75
CA GLY E 148 -24.57 -40.78 -54.85
C GLY E 148 -24.15 -41.54 -53.62
N PHE E 149 -23.84 -40.85 -52.53
CA PHE E 149 -23.39 -41.52 -51.33
C PHE E 149 -24.36 -41.43 -50.17
N GLY E 150 -24.97 -42.56 -49.83
CA GLY E 150 -25.92 -42.61 -48.74
C GLY E 150 -26.97 -43.67 -48.93
N HIS E 151 -28.05 -43.56 -48.16
CA HIS E 151 -29.14 -44.52 -48.23
C HIS E 151 -29.81 -44.38 -49.58
N PRO E 152 -30.07 -45.51 -50.25
CA PRO E 152 -30.72 -45.57 -51.56
C PRO E 152 -32.05 -44.82 -51.64
N ALA E 153 -32.75 -44.74 -50.52
CA ALA E 153 -34.03 -44.01 -50.46
C ALA E 153 -33.76 -42.53 -50.75
N LEU E 154 -32.55 -42.09 -50.42
CA LEU E 154 -32.17 -40.72 -50.66
C LEU E 154 -31.41 -40.54 -51.96
N THR E 155 -30.50 -41.45 -52.25
CA THR E 155 -29.68 -41.35 -53.47
C THR E 155 -30.43 -41.62 -54.75
N GLN E 156 -31.54 -42.33 -54.66
CA GLN E 156 -32.31 -42.68 -55.85
C GLN E 156 -33.53 -41.81 -56.14
N ILE E 157 -33.67 -40.71 -55.40
CA ILE E 157 -34.81 -39.83 -55.59
C ILE E 157 -34.85 -39.40 -57.07
N GLY E 158 -36.03 -39.45 -57.67
CA GLY E 158 -36.15 -39.07 -59.07
C GLY E 158 -35.81 -40.22 -60.00
N GLY E 159 -35.37 -41.34 -59.43
CA GLY E 159 -35.03 -42.52 -60.20
C GLY E 159 -33.69 -42.56 -60.93
N TYR E 160 -32.70 -41.85 -60.40
CA TYR E 160 -31.37 -41.85 -61.02
C TYR E 160 -30.32 -41.35 -60.04
N SER E 161 -29.05 -41.67 -60.33
CA SER E 161 -27.95 -41.26 -59.47
C SER E 161 -26.63 -41.47 -60.18
N PRO E 162 -25.64 -40.62 -59.89
CA PRO E 162 -25.76 -39.53 -58.93
C PRO E 162 -26.27 -38.31 -59.68
N LYS E 163 -26.72 -37.29 -58.96
CA LYS E 163 -27.21 -36.08 -59.59
C LYS E 163 -26.07 -35.20 -60.09
N ILE E 164 -24.95 -35.17 -59.35
CA ILE E 164 -23.79 -34.36 -59.75
C ILE E 164 -22.51 -35.09 -59.40
N LYS E 165 -21.39 -34.60 -59.94
CA LYS E 165 -20.06 -35.17 -59.70
C LYS E 165 -19.29 -34.26 -58.73
N PRO E 166 -18.39 -34.83 -57.92
CA PRO E 166 -17.58 -34.11 -56.93
C PRO E 166 -16.79 -32.95 -57.50
N GLU E 167 -16.29 -33.14 -58.71
CA GLU E 167 -15.48 -32.13 -59.37
C GLU E 167 -16.29 -30.94 -59.86
N HIS E 168 -17.60 -31.01 -59.68
CA HIS E 168 -18.46 -29.94 -60.12
C HIS E 168 -19.10 -29.26 -58.93
N VAL E 169 -18.55 -29.51 -57.75
CA VAL E 169 -19.06 -28.93 -56.51
C VAL E 169 -18.04 -27.98 -55.88
N VAL E 170 -18.54 -26.88 -55.34
CA VAL E 170 -17.68 -25.91 -54.63
C VAL E 170 -18.39 -25.50 -53.34
N LEU E 171 -17.73 -25.77 -52.22
CA LEU E 171 -18.25 -25.42 -50.90
C LEU E 171 -17.65 -24.07 -50.50
N ILE E 172 -18.51 -23.15 -50.06
CA ILE E 172 -18.07 -21.83 -49.62
C ILE E 172 -18.59 -21.44 -48.22
N GLY E 173 -17.67 -21.02 -47.35
CA GLY E 173 -18.01 -20.56 -46.03
C GLY E 173 -17.98 -21.59 -44.94
N VAL E 174 -17.51 -22.79 -45.26
CA VAL E 174 -17.46 -23.88 -44.28
C VAL E 174 -16.60 -23.59 -43.07
N ARG E 175 -17.10 -23.96 -41.90
CA ARG E 175 -16.37 -23.72 -40.67
C ARG E 175 -16.70 -24.79 -39.64
N SER E 176 -17.40 -25.82 -40.09
CA SER E 176 -17.77 -26.91 -39.18
C SER E 176 -17.97 -28.21 -39.93
N LEU E 177 -16.93 -29.03 -39.96
CA LEU E 177 -16.96 -30.31 -40.65
C LEU E 177 -16.69 -31.45 -39.68
N ASP E 178 -17.46 -32.52 -39.79
CA ASP E 178 -17.25 -33.68 -38.95
C ASP E 178 -16.06 -34.42 -39.58
N GLU E 179 -15.34 -35.21 -38.78
CA GLU E 179 -14.18 -35.92 -39.27
C GLU E 179 -14.42 -36.75 -40.53
N GLY E 180 -15.55 -37.47 -40.55
CA GLY E 180 -15.90 -38.27 -41.71
C GLY E 180 -16.08 -37.39 -42.92
N GLU E 181 -16.62 -36.19 -42.70
CA GLU E 181 -16.85 -35.24 -43.79
C GLU E 181 -15.56 -34.73 -44.36
N LYS E 182 -14.61 -34.41 -43.50
CA LYS E 182 -13.32 -33.92 -43.95
C LYS E 182 -12.65 -34.99 -44.82
N LYS E 183 -12.81 -36.25 -44.42
CA LYS E 183 -12.24 -37.37 -45.16
C LYS E 183 -12.93 -37.48 -46.54
N PHE E 184 -14.26 -37.39 -46.51
CA PHE E 184 -15.08 -37.45 -47.71
C PHE E 184 -14.68 -36.38 -48.71
N ILE E 185 -14.62 -35.14 -48.25
CA ILE E 185 -14.27 -34.00 -49.11
C ILE E 185 -12.87 -34.17 -49.69
N ARG E 186 -11.95 -34.61 -48.85
CA ARG E 186 -10.57 -34.82 -49.21
C ARG E 186 -10.43 -35.87 -50.27
N GLU E 187 -11.03 -37.01 -49.99
CA GLU E 187 -10.97 -38.15 -50.89
C GLU E 187 -11.77 -37.99 -52.17
N LYS E 188 -12.93 -37.32 -52.12
CA LYS E 188 -13.71 -37.15 -53.35
C LYS E 188 -13.16 -35.96 -54.14
N GLY E 189 -12.19 -35.26 -53.55
CA GLY E 189 -11.58 -34.13 -54.23
C GLY E 189 -12.54 -32.99 -54.50
N ILE E 190 -13.39 -32.68 -53.52
CA ILE E 190 -14.34 -31.59 -53.64
C ILE E 190 -13.68 -30.25 -53.30
N LYS E 191 -13.85 -29.27 -54.20
CA LYS E 191 -13.28 -27.94 -54.04
C LYS E 191 -13.98 -27.27 -52.86
N ILE E 192 -13.20 -26.79 -51.90
CA ILE E 192 -13.75 -26.17 -50.71
C ILE E 192 -13.01 -24.94 -50.22
N TYR E 193 -13.80 -23.89 -49.96
CA TYR E 193 -13.28 -22.65 -49.42
C TYR E 193 -13.88 -22.49 -48.01
N THR E 194 -13.09 -22.82 -47.00
CA THR E 194 -13.52 -22.67 -45.63
C THR E 194 -13.31 -21.21 -45.24
N MET E 195 -13.70 -20.84 -44.02
CA MET E 195 -13.50 -19.48 -43.58
C MET E 195 -12.03 -19.07 -43.60
N HIS E 196 -11.13 -20.05 -43.53
CA HIS E 196 -9.70 -19.75 -43.56
C HIS E 196 -9.35 -19.13 -44.89
N GLU E 197 -9.84 -19.73 -45.97
CA GLU E 197 -9.58 -19.23 -47.31
C GLU E 197 -10.31 -17.91 -47.56
N VAL E 198 -11.53 -17.80 -47.02
CA VAL E 198 -12.30 -16.57 -47.20
C VAL E 198 -11.54 -15.43 -46.49
N ASP E 199 -11.05 -15.72 -45.29
CA ASP E 199 -10.30 -14.74 -44.51
C ASP E 199 -8.95 -14.42 -45.16
N ARG E 200 -8.29 -15.46 -45.64
CA ARG E 200 -6.99 -15.32 -46.25
C ARG E 200 -7.01 -14.72 -47.65
N LEU E 201 -7.94 -15.17 -48.48
CA LEU E 201 -8.02 -14.74 -49.87
C LEU E 201 -8.97 -13.58 -50.14
N GLY E 202 -10.01 -13.49 -49.31
CA GLY E 202 -11.01 -12.46 -49.51
C GLY E 202 -12.13 -13.01 -50.39
N MET E 203 -13.37 -12.58 -50.13
CA MET E 203 -14.53 -13.06 -50.88
C MET E 203 -14.44 -12.82 -52.39
N THR E 204 -13.93 -11.67 -52.80
CA THR E 204 -13.78 -11.39 -54.24
C THR E 204 -13.03 -12.52 -54.94
N ARG E 205 -11.83 -12.86 -54.44
CA ARG E 205 -11.05 -13.92 -55.06
C ARG E 205 -11.68 -15.30 -54.99
N VAL E 206 -12.31 -15.60 -53.87
CA VAL E 206 -12.97 -16.89 -53.72
C VAL E 206 -14.07 -17.02 -54.79
N MET E 207 -14.84 -15.96 -54.98
CA MET E 207 -15.90 -15.97 -55.96
C MET E 207 -15.35 -16.01 -57.37
N GLU E 208 -14.31 -15.24 -57.65
CA GLU E 208 -13.72 -15.23 -59.00
C GLU E 208 -13.29 -16.65 -59.37
N GLU E 209 -12.59 -17.29 -58.42
CA GLU E 209 -12.10 -18.64 -58.64
C GLU E 209 -13.24 -19.64 -58.81
N THR E 210 -14.25 -19.54 -57.94
CA THR E 210 -15.38 -20.44 -57.99
C THR E 210 -16.11 -20.30 -59.34
N ILE E 211 -16.41 -19.07 -59.74
CA ILE E 211 -17.10 -18.82 -60.98
C ILE E 211 -16.31 -19.34 -62.18
N ALA E 212 -15.03 -19.06 -62.22
CA ALA E 212 -14.18 -19.51 -63.32
C ALA E 212 -14.05 -21.03 -63.38
N TYR E 213 -13.90 -21.65 -62.22
CA TYR E 213 -13.77 -23.08 -62.14
C TYR E 213 -14.99 -23.82 -62.68
N LEU E 214 -16.18 -23.39 -62.26
CA LEU E 214 -17.41 -24.02 -62.68
C LEU E 214 -17.77 -23.68 -64.09
N LYS E 215 -17.62 -22.40 -64.44
CA LYS E 215 -17.94 -21.92 -65.79
C LYS E 215 -17.16 -22.71 -66.82
N GLU E 216 -15.98 -23.15 -66.41
CA GLU E 216 -15.09 -23.89 -67.26
C GLU E 216 -15.44 -25.38 -67.42
N ARG E 217 -16.36 -25.89 -66.62
CA ARG E 217 -16.66 -27.32 -66.75
C ARG E 217 -18.07 -27.78 -66.54
N THR E 218 -19.01 -26.84 -66.43
CA THR E 218 -20.41 -27.19 -66.22
C THR E 218 -21.31 -26.50 -67.23
N ASP E 219 -22.51 -27.05 -67.41
CA ASP E 219 -23.47 -26.45 -68.34
C ASP E 219 -24.65 -25.82 -67.59
N GLY E 220 -24.54 -25.81 -66.28
CA GLY E 220 -25.57 -25.23 -65.43
C GLY E 220 -25.02 -25.23 -64.02
N VAL E 221 -25.43 -24.25 -63.23
CA VAL E 221 -24.97 -24.18 -61.83
C VAL E 221 -26.15 -23.96 -60.89
N HIS E 222 -26.23 -24.82 -59.88
CA HIS E 222 -27.26 -24.73 -58.87
C HIS E 222 -26.70 -24.09 -57.58
N LEU E 223 -27.36 -23.05 -57.08
CA LEU E 223 -26.94 -22.38 -55.86
C LEU E 223 -27.77 -22.92 -54.73
N SER E 224 -27.10 -23.58 -53.79
CA SER E 224 -27.76 -24.13 -52.63
C SER E 224 -27.22 -23.33 -51.44
N LEU E 225 -27.99 -22.32 -51.04
CA LEU E 225 -27.62 -21.42 -49.96
C LEU E 225 -28.34 -21.68 -48.65
N ASP E 226 -27.53 -21.98 -47.64
CA ASP E 226 -28.00 -22.23 -46.28
C ASP E 226 -27.67 -20.94 -45.53
N LEU E 227 -28.68 -20.38 -44.89
CA LEU E 227 -28.47 -19.12 -44.18
C LEU E 227 -27.45 -19.24 -43.05
N ASP E 228 -27.18 -20.46 -42.59
CA ASP E 228 -26.19 -20.62 -41.52
C ASP E 228 -24.79 -20.30 -42.03
N GLY E 229 -24.67 -20.12 -43.35
CA GLY E 229 -23.40 -19.77 -43.94
C GLY E 229 -23.02 -18.36 -43.51
N LEU E 230 -24.01 -17.53 -43.20
CA LEU E 230 -23.72 -16.19 -42.73
C LEU E 230 -23.51 -16.28 -41.22
N ASP E 231 -22.83 -15.30 -40.66
CA ASP E 231 -22.57 -15.26 -39.23
C ASP E 231 -23.91 -15.15 -38.48
N PRO E 232 -24.04 -15.82 -37.33
CA PRO E 232 -25.27 -15.79 -36.53
C PRO E 232 -25.69 -14.36 -36.19
N SER E 233 -24.74 -13.43 -36.15
CA SER E 233 -25.07 -12.04 -35.86
C SER E 233 -25.84 -11.40 -37.02
N ASP E 234 -25.65 -11.95 -38.22
CA ASP E 234 -26.34 -11.47 -39.40
C ASP E 234 -27.56 -12.29 -39.70
N ALA E 235 -27.49 -13.57 -39.37
CA ALA E 235 -28.60 -14.48 -39.63
C ALA E 235 -28.80 -15.40 -38.41
N PRO E 236 -29.39 -14.86 -37.34
CA PRO E 236 -29.61 -15.66 -36.12
C PRO E 236 -30.66 -16.76 -36.23
N GLY E 237 -31.61 -16.61 -37.15
CA GLY E 237 -32.68 -17.60 -37.33
C GLY E 237 -32.37 -18.92 -38.00
N VAL E 238 -31.41 -19.69 -37.46
CA VAL E 238 -31.03 -20.98 -38.02
C VAL E 238 -30.87 -21.98 -36.88
N GLY E 239 -31.03 -23.26 -37.18
CA GLY E 239 -30.94 -24.28 -36.16
C GLY E 239 -29.53 -24.70 -35.81
N THR E 240 -28.59 -24.51 -36.74
CA THR E 240 -27.19 -24.89 -36.48
C THR E 240 -26.24 -23.72 -36.73
N PRO E 241 -26.32 -22.69 -35.88
CA PRO E 241 -25.45 -21.53 -36.04
C PRO E 241 -23.99 -21.83 -35.64
N VAL E 242 -23.05 -21.18 -36.30
CA VAL E 242 -21.64 -21.35 -35.99
C VAL E 242 -21.02 -19.97 -36.13
N ILE E 243 -20.39 -19.47 -35.07
CA ILE E 243 -19.79 -18.15 -35.12
C ILE E 243 -18.61 -18.01 -36.11
N GLY E 244 -18.20 -16.78 -36.38
CA GLY E 244 -17.12 -16.49 -37.29
C GLY E 244 -17.51 -16.80 -38.72
N GLY E 245 -18.70 -16.36 -39.12
CA GLY E 245 -19.19 -16.60 -40.46
C GLY E 245 -19.10 -15.46 -41.44
N LEU E 246 -19.63 -15.69 -42.63
CA LEU E 246 -19.62 -14.69 -43.67
C LEU E 246 -20.50 -13.50 -43.29
N THR E 247 -20.08 -12.29 -43.63
CA THR E 247 -20.85 -11.09 -43.31
C THR E 247 -21.97 -10.81 -44.31
N TYR E 248 -22.80 -9.84 -43.96
CA TYR E 248 -23.91 -9.42 -44.78
C TYR E 248 -23.38 -8.94 -46.14
N ARG E 249 -22.37 -8.08 -46.09
CA ARG E 249 -21.75 -7.54 -47.29
C ARG E 249 -21.06 -8.58 -48.18
N GLU E 250 -20.31 -9.51 -47.59
CA GLU E 250 -19.64 -10.55 -48.36
C GLU E 250 -20.69 -11.37 -49.11
N SER E 251 -21.81 -11.64 -48.45
CA SER E 251 -22.90 -12.40 -49.05
C SER E 251 -23.55 -11.66 -50.20
N HIS E 252 -23.71 -10.34 -50.06
CA HIS E 252 -24.30 -9.59 -51.16
C HIS E 252 -23.31 -9.55 -52.31
N LEU E 253 -22.02 -9.38 -52.00
CA LEU E 253 -20.99 -9.34 -53.03
C LEU E 253 -21.01 -10.65 -53.81
N ALA E 254 -21.05 -11.78 -53.10
CA ALA E 254 -21.10 -13.10 -53.72
C ALA E 254 -22.28 -13.18 -54.68
N MET E 255 -23.47 -12.79 -54.22
CA MET E 255 -24.67 -12.85 -55.06
C MET E 255 -24.51 -11.94 -56.28
N GLU E 256 -23.94 -10.76 -56.08
CA GLU E 256 -23.74 -9.81 -57.15
C GLU E 256 -22.77 -10.32 -58.21
N MET E 257 -21.73 -11.00 -57.76
CA MET E 257 -20.75 -11.54 -58.69
C MET E 257 -21.35 -12.73 -59.44
N LEU E 258 -22.24 -13.48 -58.78
CA LEU E 258 -22.88 -14.62 -59.46
C LEU E 258 -23.83 -14.07 -60.52
N ALA E 259 -24.62 -13.06 -60.16
CA ALA E 259 -25.57 -12.44 -61.07
C ALA E 259 -24.82 -11.96 -62.31
N GLU E 260 -23.72 -11.26 -62.07
CA GLU E 260 -22.86 -10.74 -63.12
C GLU E 260 -22.38 -11.85 -64.08
N ALA E 261 -21.96 -12.97 -63.49
CA ALA E 261 -21.45 -14.13 -64.23
C ALA E 261 -22.50 -14.86 -65.03
N GLN E 262 -23.74 -14.69 -64.63
CA GLN E 262 -24.86 -15.34 -65.30
C GLN E 262 -24.72 -16.86 -65.40
N ILE E 263 -24.23 -17.50 -64.34
CA ILE E 263 -24.09 -18.95 -64.35
C ILE E 263 -25.12 -19.70 -63.51
N ILE E 264 -25.88 -19.00 -62.67
CA ILE E 264 -26.87 -19.66 -61.82
C ILE E 264 -28.14 -20.00 -62.58
N THR E 265 -28.45 -21.30 -62.66
CA THR E 265 -29.62 -21.79 -63.39
C THR E 265 -30.74 -22.34 -62.51
N SER E 266 -30.48 -22.42 -61.21
CA SER E 266 -31.47 -22.87 -60.22
C SER E 266 -30.95 -22.48 -58.84
N ALA E 267 -31.86 -22.29 -57.89
CA ALA E 267 -31.40 -21.88 -56.57
C ALA E 267 -32.38 -22.25 -55.46
N GLU E 268 -31.87 -22.32 -54.24
CA GLU E 268 -32.68 -22.61 -53.08
C GLU E 268 -32.06 -21.94 -51.86
N PHE E 269 -32.93 -21.36 -51.03
CA PHE E 269 -32.53 -20.68 -49.81
C PHE E 269 -33.19 -21.46 -48.70
N VAL E 270 -32.38 -22.01 -47.81
CA VAL E 270 -32.89 -22.87 -46.76
C VAL E 270 -32.47 -22.57 -45.33
N GLU E 271 -33.11 -23.29 -44.42
CA GLU E 271 -32.88 -23.23 -42.99
C GLU E 271 -33.36 -21.98 -42.25
N VAL E 272 -34.17 -21.16 -42.93
CA VAL E 272 -34.72 -19.98 -42.28
C VAL E 272 -35.71 -20.50 -41.22
N ASN E 273 -35.50 -20.15 -39.95
CA ASN E 273 -36.38 -20.59 -38.87
C ASN E 273 -36.82 -19.34 -38.09
N PRO E 274 -38.07 -18.85 -38.35
CA PRO E 274 -38.66 -17.66 -37.71
C PRO E 274 -38.72 -17.77 -36.19
N ILE E 275 -38.85 -19.01 -35.72
CA ILE E 275 -38.95 -19.28 -34.31
C ILE E 275 -37.66 -19.16 -33.50
N LEU E 276 -36.52 -19.13 -34.20
CA LEU E 276 -35.23 -18.96 -33.54
C LEU E 276 -34.62 -17.61 -33.93
N ASP E 277 -35.40 -16.84 -34.68
CA ASP E 277 -35.01 -15.54 -35.22
C ASP E 277 -35.41 -14.32 -34.40
N GLU E 278 -34.94 -13.14 -34.84
CA GLU E 278 -35.28 -11.87 -34.22
C GLU E 278 -36.04 -10.99 -35.21
N ARG E 279 -37.36 -10.94 -35.06
CA ARG E 279 -38.20 -10.14 -35.92
C ARG E 279 -38.01 -10.41 -37.41
N ASN E 280 -37.95 -11.69 -37.80
CA ASN E 280 -37.80 -12.09 -39.19
C ASN E 280 -36.53 -11.62 -39.92
N LYS E 281 -35.50 -11.31 -39.15
CA LYS E 281 -34.22 -10.84 -39.67
C LYS E 281 -33.62 -11.75 -40.72
N THR E 282 -33.60 -13.05 -40.43
CA THR E 282 -33.04 -14.05 -41.32
C THR E 282 -33.79 -14.18 -42.66
N ALA E 283 -35.12 -14.18 -42.61
CA ALA E 283 -35.90 -14.28 -43.83
C ALA E 283 -35.64 -13.03 -44.67
N SER E 284 -35.47 -11.90 -44.00
CA SER E 284 -35.21 -10.65 -44.68
C SER E 284 -33.88 -10.67 -45.42
N VAL E 285 -32.86 -11.23 -44.77
CA VAL E 285 -31.52 -11.35 -45.36
C VAL E 285 -31.62 -12.20 -46.62
N ALA E 286 -32.33 -13.31 -46.52
CA ALA E 286 -32.51 -14.24 -47.64
C ALA E 286 -33.14 -13.54 -48.83
N VAL E 287 -34.19 -12.78 -48.56
CA VAL E 287 -34.88 -12.06 -49.61
C VAL E 287 -33.96 -11.00 -50.24
N ALA E 288 -33.16 -10.33 -49.41
CA ALA E 288 -32.26 -9.29 -49.91
C ALA E 288 -31.17 -9.95 -50.79
N LEU E 289 -30.67 -11.10 -50.34
CA LEU E 289 -29.65 -11.84 -51.11
C LEU E 289 -30.27 -12.30 -52.42
N MET E 290 -31.51 -12.75 -52.40
CA MET E 290 -32.18 -13.17 -53.63
C MET E 290 -32.26 -11.98 -54.59
N GLY E 291 -32.54 -10.80 -54.04
CA GLY E 291 -32.61 -9.60 -54.87
C GLY E 291 -31.31 -9.34 -55.63
N SER E 292 -30.19 -9.53 -54.95
CA SER E 292 -28.87 -9.32 -55.54
C SER E 292 -28.62 -10.41 -56.56
N LEU E 293 -28.90 -11.66 -56.18
CA LEU E 293 -28.69 -12.79 -57.07
C LEU E 293 -29.43 -12.59 -58.38
N PHE E 294 -30.68 -12.12 -58.30
CA PHE E 294 -31.48 -11.94 -59.49
C PHE E 294 -31.29 -10.63 -60.25
N GLY E 295 -30.20 -9.94 -59.96
CA GLY E 295 -29.91 -8.75 -60.73
C GLY E 295 -29.93 -7.35 -60.18
N GLU E 296 -30.32 -7.16 -58.93
CA GLU E 296 -30.33 -5.82 -58.37
C GLU E 296 -28.94 -5.23 -58.41
N LYS E 297 -28.87 -3.93 -58.70
CA LYS E 297 -27.60 -3.25 -58.76
C LYS E 297 -27.74 -1.92 -58.05
N LEU E 298 -26.70 -1.57 -57.29
CA LEU E 298 -26.70 -0.32 -56.53
C LEU E 298 -26.52 0.88 -57.44
N MET E 299 -25.72 0.70 -58.49
CA MET E 299 -25.42 1.74 -59.48
C MET E 299 -26.35 1.66 -60.69
N LYS F 2 -2.55 24.51 -42.15
CA LYS F 2 -3.44 25.70 -42.35
C LYS F 2 -4.44 25.81 -41.21
N PRO F 3 -4.65 27.03 -40.69
CA PRO F 3 -5.59 27.23 -39.59
C PRO F 3 -6.99 26.79 -40.01
N ILE F 4 -7.77 26.33 -39.03
CA ILE F 4 -9.12 25.87 -39.29
C ILE F 4 -10.14 26.80 -38.62
N SER F 5 -11.25 26.99 -39.30
CA SER F 5 -12.35 27.79 -38.79
C SER F 5 -13.59 26.93 -38.89
N ILE F 6 -14.21 26.67 -37.74
CA ILE F 6 -15.42 25.87 -37.67
C ILE F 6 -16.64 26.74 -37.80
N ILE F 7 -17.59 26.26 -38.59
CA ILE F 7 -18.85 26.96 -38.78
C ILE F 7 -19.95 25.93 -38.59
N GLY F 8 -20.77 26.15 -37.55
CA GLY F 8 -21.89 25.27 -37.29
C GLY F 8 -23.11 25.73 -38.10
N VAL F 9 -23.88 24.80 -38.63
CA VAL F 9 -25.06 25.13 -39.43
C VAL F 9 -26.18 24.25 -38.93
N PRO F 10 -26.90 24.71 -37.90
CA PRO F 10 -28.03 24.02 -37.26
C PRO F 10 -29.26 23.92 -38.18
N MET F 11 -29.08 23.22 -39.29
CA MET F 11 -30.11 23.03 -40.30
C MET F 11 -30.84 21.69 -40.26
N ASP F 12 -32.18 21.73 -40.31
CA ASP F 12 -32.99 20.51 -40.37
C ASP F 12 -34.11 20.64 -41.42
N LEU F 13 -34.16 21.80 -42.07
CA LEU F 13 -35.16 22.11 -43.09
C LEU F 13 -34.95 21.37 -44.41
N GLY F 14 -33.80 20.71 -44.54
CA GLY F 14 -33.53 19.97 -45.75
C GLY F 14 -34.21 18.62 -45.76
N GLN F 15 -34.77 18.26 -44.61
CA GLN F 15 -35.47 16.99 -44.45
C GLN F 15 -36.57 17.14 -43.39
N THR F 16 -37.20 16.03 -43.03
CA THR F 16 -38.31 16.10 -42.08
C THR F 16 -38.10 15.67 -40.63
N ARG F 17 -37.01 14.98 -40.35
CA ARG F 17 -36.76 14.51 -38.97
C ARG F 17 -36.14 15.60 -38.13
N ARG F 18 -36.78 15.93 -37.02
CA ARG F 18 -36.24 16.98 -36.16
C ARG F 18 -35.04 16.47 -35.35
N GLY F 19 -34.18 17.39 -34.95
CA GLY F 19 -33.01 17.02 -34.17
C GLY F 19 -31.67 17.14 -34.86
N VAL F 20 -31.63 17.02 -36.20
CA VAL F 20 -30.38 17.13 -36.93
C VAL F 20 -29.80 18.53 -36.85
N ASP F 21 -30.61 19.46 -36.36
CA ASP F 21 -30.14 20.82 -36.18
C ASP F 21 -29.25 20.86 -34.93
N MET F 22 -29.31 19.79 -34.14
CA MET F 22 -28.51 19.69 -32.92
C MET F 22 -27.14 19.08 -33.22
N GLY F 23 -26.93 18.69 -34.47
CA GLY F 23 -25.66 18.09 -34.85
C GLY F 23 -24.41 18.89 -34.52
N PRO F 24 -24.35 20.17 -34.91
CA PRO F 24 -23.16 20.99 -34.64
C PRO F 24 -22.73 20.95 -33.19
N SER F 25 -23.70 21.09 -32.30
CA SER F 25 -23.36 21.11 -30.88
C SER F 25 -23.08 19.75 -30.30
N ALA F 26 -23.65 18.72 -30.89
CA ALA F 26 -23.41 17.36 -30.41
C ALA F 26 -21.94 17.07 -30.72
N MET F 27 -21.48 17.56 -31.88
CA MET F 27 -20.09 17.37 -32.27
C MET F 27 -19.15 18.23 -31.42
N ARG F 28 -19.60 19.43 -31.08
CA ARG F 28 -18.78 20.30 -30.22
C ARG F 28 -18.66 19.62 -28.85
N TYR F 29 -19.75 19.03 -28.39
CA TYR F 29 -19.75 18.33 -27.11
C TYR F 29 -18.96 17.04 -27.18
N ALA F 30 -18.75 16.51 -28.38
CA ALA F 30 -17.97 15.30 -28.55
C ALA F 30 -16.48 15.66 -28.53
N GLY F 31 -16.19 16.95 -28.37
CA GLY F 31 -14.82 17.41 -28.28
C GLY F 31 -14.06 17.77 -29.54
N VAL F 32 -14.75 18.30 -30.55
CA VAL F 32 -14.11 18.63 -31.80
C VAL F 32 -13.00 19.65 -31.65
N ILE F 33 -13.15 20.64 -30.79
CA ILE F 33 -12.10 21.67 -30.64
C ILE F 33 -10.81 21.15 -30.00
N GLU F 34 -10.99 20.44 -28.89
CA GLU F 34 -9.89 19.85 -28.12
C GLU F 34 -9.10 18.90 -29.01
N ARG F 35 -9.83 18.08 -29.75
CA ARG F 35 -9.28 17.08 -30.65
C ARG F 35 -8.34 17.70 -31.67
N LEU F 36 -8.77 18.81 -32.25
CA LEU F 36 -8.00 19.52 -33.27
C LEU F 36 -6.89 20.39 -32.69
N GLU F 37 -7.13 20.91 -31.48
CA GLU F 37 -6.12 21.72 -30.82
C GLU F 37 -4.91 20.83 -30.50
N ARG F 38 -5.19 19.59 -30.11
CA ARG F 38 -4.15 18.61 -29.80
C ARG F 38 -3.24 18.34 -30.98
N LEU F 39 -3.76 18.52 -32.18
CA LEU F 39 -2.97 18.30 -33.40
C LEU F 39 -2.19 19.55 -33.73
N HIS F 40 -2.15 20.46 -32.76
CA HIS F 40 -1.43 21.73 -32.83
C HIS F 40 -2.01 22.73 -33.84
N TYR F 41 -3.30 22.61 -34.09
CA TYR F 41 -3.90 23.53 -35.04
C TYR F 41 -4.31 24.83 -34.41
N ASP F 42 -4.38 25.87 -35.24
CA ASP F 42 -4.87 27.17 -34.82
C ASP F 42 -6.33 26.97 -35.23
N ILE F 43 -7.16 26.62 -34.25
CA ILE F 43 -8.56 26.34 -34.52
C ILE F 43 -9.44 27.43 -33.94
N GLU F 44 -10.38 27.87 -34.75
CA GLU F 44 -11.30 28.94 -34.41
C GLU F 44 -12.74 28.49 -34.64
N ASP F 45 -13.62 28.78 -33.69
CA ASP F 45 -15.03 28.39 -33.83
C ASP F 45 -15.86 29.64 -34.12
N LEU F 46 -16.25 29.85 -35.37
CA LEU F 46 -17.06 31.03 -35.74
C LEU F 46 -18.54 30.93 -35.36
N GLY F 47 -18.89 29.92 -34.57
CA GLY F 47 -20.27 29.76 -34.13
C GLY F 47 -21.22 29.17 -35.16
N ASP F 48 -22.51 29.51 -35.04
CA ASP F 48 -23.52 28.99 -35.94
C ASP F 48 -24.19 29.99 -36.85
N ILE F 49 -24.56 29.51 -38.05
CA ILE F 49 -25.27 30.31 -39.03
C ILE F 49 -26.73 30.33 -38.56
N PRO F 50 -27.35 31.51 -38.58
CA PRO F 50 -28.73 31.68 -38.16
C PRO F 50 -29.62 31.01 -39.21
N ILE F 51 -30.51 30.14 -38.78
CA ILE F 51 -31.40 29.45 -39.70
C ILE F 51 -32.82 29.91 -39.41
N GLY F 52 -33.55 30.25 -40.48
CA GLY F 52 -34.92 30.71 -40.34
C GLY F 52 -35.92 29.57 -40.25
N LYS F 53 -37.15 29.89 -39.88
CA LYS F 53 -38.20 28.88 -39.76
C LYS F 53 -39.06 28.80 -41.02
N ALA F 54 -39.78 27.68 -41.16
CA ALA F 54 -40.63 27.41 -42.34
C ALA F 54 -41.99 28.12 -42.44
N GLU F 55 -42.38 28.43 -43.69
CA GLU F 55 -43.67 29.10 -43.95
C GLU F 55 -44.81 28.08 -44.00
N ARG F 56 -46.05 28.56 -44.04
CA ARG F 56 -47.24 27.69 -44.10
C ARG F 56 -47.04 26.61 -45.13
N LEU F 57 -47.25 25.36 -44.71
CA LEU F 57 -47.10 24.20 -45.58
C LEU F 57 -47.94 24.42 -46.84
N HIS F 58 -49.17 24.88 -46.63
CA HIS F 58 -50.10 25.14 -47.73
C HIS F 58 -49.74 26.40 -48.53
N GLU F 59 -49.16 27.38 -47.85
CA GLU F 59 -48.76 28.64 -48.46
C GLU F 59 -47.40 28.48 -49.15
N GLN F 60 -46.73 27.37 -48.87
CA GLN F 60 -45.42 27.06 -49.43
C GLN F 60 -45.51 26.70 -50.91
N GLY F 61 -44.49 27.12 -51.67
CA GLY F 61 -44.45 26.90 -53.10
C GLY F 61 -44.48 25.52 -53.76
N ASP F 62 -43.53 24.66 -53.42
CA ASP F 62 -43.46 23.34 -54.03
C ASP F 62 -43.38 22.21 -53.02
N SER F 63 -44.25 21.21 -53.19
CA SER F 63 -44.22 20.04 -52.31
C SER F 63 -43.06 19.16 -52.77
N ARG F 64 -42.39 19.56 -53.85
CA ARG F 64 -41.26 18.83 -54.39
C ARG F 64 -39.98 19.54 -53.99
N LEU F 65 -40.12 20.69 -53.33
CA LEU F 65 -38.99 21.47 -52.84
C LEU F 65 -39.37 22.05 -51.50
N ARG F 66 -39.53 21.18 -50.51
CA ARG F 66 -39.89 21.61 -49.16
C ARG F 66 -38.93 22.62 -48.52
N ASN F 67 -39.50 23.67 -47.93
CA ASN F 67 -38.75 24.73 -47.24
C ASN F 67 -37.69 25.42 -48.09
N LEU F 68 -37.95 25.51 -49.40
CA LEU F 68 -37.02 26.11 -50.37
C LEU F 68 -36.46 27.47 -50.00
N LYS F 69 -37.32 28.38 -49.59
CA LYS F 69 -36.87 29.72 -49.25
C LYS F 69 -35.96 29.76 -48.05
N ALA F 70 -36.37 29.12 -46.95
CA ALA F 70 -35.56 29.09 -45.74
C ALA F 70 -34.21 28.38 -45.97
N VAL F 71 -34.24 27.32 -46.78
CA VAL F 71 -33.04 26.55 -47.10
C VAL F 71 -32.12 27.38 -47.97
N ALA F 72 -32.68 28.10 -48.93
CA ALA F 72 -31.87 28.92 -49.80
C ALA F 72 -31.26 30.09 -49.03
N GLU F 73 -32.03 30.69 -48.14
CA GLU F 73 -31.51 31.82 -47.37
C GLU F 73 -30.40 31.42 -46.43
N ALA F 74 -30.60 30.32 -45.70
CA ALA F 74 -29.60 29.83 -44.77
C ALA F 74 -28.32 29.49 -45.56
N ASN F 75 -28.50 28.94 -46.76
CA ASN F 75 -27.36 28.61 -47.60
C ASN F 75 -26.62 29.84 -48.12
N GLU F 76 -27.33 30.94 -48.31
CA GLU F 76 -26.70 32.17 -48.77
C GLU F 76 -25.77 32.65 -47.67
N LYS F 77 -26.28 32.61 -46.44
CA LYS F 77 -25.51 33.03 -45.29
C LYS F 77 -24.27 32.17 -45.12
N LEU F 78 -24.46 30.86 -45.26
CA LEU F 78 -23.36 29.93 -45.11
C LEU F 78 -22.27 30.17 -46.15
N ALA F 79 -22.70 30.38 -47.39
CA ALA F 79 -21.80 30.63 -48.51
C ALA F 79 -20.93 31.84 -48.21
N ALA F 80 -21.53 32.87 -47.65
CA ALA F 80 -20.81 34.10 -47.32
C ALA F 80 -19.76 33.87 -46.23
N ALA F 81 -20.17 33.18 -45.17
CA ALA F 81 -19.28 32.90 -44.05
C ALA F 81 -18.10 32.04 -44.49
N VAL F 82 -18.37 31.08 -45.35
CA VAL F 82 -17.34 30.18 -45.84
C VAL F 82 -16.37 30.93 -46.76
N ASP F 83 -16.94 31.73 -47.65
CA ASP F 83 -16.18 32.53 -48.61
C ASP F 83 -15.16 33.36 -47.84
N GLN F 84 -15.63 33.99 -46.76
CA GLN F 84 -14.81 34.82 -45.92
C GLN F 84 -13.64 34.03 -45.31
N VAL F 85 -13.93 32.84 -44.77
CA VAL F 85 -12.89 31.99 -44.16
C VAL F 85 -11.78 31.65 -45.17
N VAL F 86 -12.18 31.30 -46.38
CA VAL F 86 -11.24 30.96 -47.43
C VAL F 86 -10.39 32.17 -47.76
N GLN F 87 -11.02 33.33 -47.87
CA GLN F 87 -10.31 34.56 -48.17
C GLN F 87 -9.32 34.90 -47.08
N ARG F 88 -9.63 34.51 -45.85
CA ARG F 88 -8.71 34.75 -44.75
C ARG F 88 -7.61 33.71 -44.76
N GLY F 89 -7.61 32.81 -45.75
CA GLY F 89 -6.58 31.79 -45.85
C GLY F 89 -6.69 30.65 -44.83
N ARG F 90 -7.90 30.41 -44.37
CA ARG F 90 -8.13 29.34 -43.40
C ARG F 90 -8.95 28.22 -44.05
N PHE F 91 -8.88 27.05 -43.44
CA PHE F 91 -9.61 25.87 -43.88
C PHE F 91 -11.02 25.90 -43.29
N PRO F 92 -12.06 25.85 -44.14
CA PRO F 92 -13.42 25.87 -43.60
C PRO F 92 -13.89 24.45 -43.24
N LEU F 93 -14.22 24.25 -41.96
CA LEU F 93 -14.73 22.98 -41.46
C LEU F 93 -16.17 23.24 -41.02
N VAL F 94 -17.10 22.81 -41.85
CA VAL F 94 -18.52 23.01 -41.62
C VAL F 94 -19.19 21.82 -40.93
N LEU F 95 -19.88 22.08 -39.83
CA LEU F 95 -20.58 21.04 -39.07
C LEU F 95 -22.11 21.18 -39.22
N GLY F 96 -22.77 20.14 -39.68
CA GLY F 96 -24.20 20.18 -39.88
C GLY F 96 -24.98 19.44 -38.80
N GLY F 97 -26.31 19.38 -38.91
CA GLY F 97 -27.04 19.99 -40.02
C GLY F 97 -27.25 18.98 -41.14
N ASP F 98 -28.42 19.01 -41.79
CA ASP F 98 -28.64 18.06 -42.87
C ASP F 98 -27.81 18.44 -44.10
N HIS F 99 -27.65 17.48 -45.00
CA HIS F 99 -26.83 17.65 -46.19
C HIS F 99 -27.15 18.82 -47.13
N SER F 100 -28.28 19.48 -46.96
CA SER F 100 -28.60 20.58 -47.87
C SER F 100 -27.63 21.73 -47.71
N ILE F 101 -26.89 21.74 -46.59
CA ILE F 101 -25.92 22.81 -46.34
C ILE F 101 -24.71 22.76 -47.25
N ALA F 102 -24.50 21.62 -47.91
CA ALA F 102 -23.39 21.47 -48.85
C ALA F 102 -23.55 22.50 -49.97
N ILE F 103 -24.80 22.86 -50.28
CA ILE F 103 -25.06 23.85 -51.32
C ILE F 103 -24.34 25.14 -50.95
N GLY F 104 -24.49 25.55 -49.69
CA GLY F 104 -23.84 26.76 -49.22
C GLY F 104 -22.33 26.64 -49.05
N THR F 105 -21.85 25.50 -48.58
CA THR F 105 -20.43 25.28 -48.38
C THR F 105 -19.72 25.35 -49.72
N LEU F 106 -20.18 24.57 -50.69
CA LEU F 106 -19.60 24.56 -52.04
C LEU F 106 -19.68 25.91 -52.72
N ALA F 107 -20.74 26.65 -52.42
CA ALA F 107 -20.93 27.99 -52.99
C ALA F 107 -19.85 28.96 -52.49
N GLY F 108 -19.44 28.82 -51.23
CA GLY F 108 -18.42 29.69 -50.67
C GLY F 108 -16.99 29.27 -51.00
N VAL F 109 -16.82 27.99 -51.30
CA VAL F 109 -15.50 27.43 -51.60
C VAL F 109 -15.11 27.41 -53.07
N ALA F 110 -16.00 26.86 -53.89
CA ALA F 110 -15.76 26.69 -55.32
C ALA F 110 -15.22 27.89 -56.07
N LYS F 111 -15.74 29.07 -55.77
CA LYS F 111 -15.31 30.29 -56.46
C LYS F 111 -13.82 30.53 -56.35
N HIS F 112 -13.19 29.94 -55.34
CA HIS F 112 -11.77 30.11 -55.12
C HIS F 112 -10.87 29.09 -55.82
N TYR F 113 -11.47 28.18 -56.58
CA TYR F 113 -10.72 27.15 -57.26
C TYR F 113 -11.04 27.08 -58.74
N GLU F 114 -10.01 26.74 -59.52
CA GLU F 114 -10.11 26.59 -60.97
C GLU F 114 -10.90 25.33 -61.28
N ARG F 115 -10.57 24.28 -60.55
CA ARG F 115 -11.22 22.99 -60.71
C ARG F 115 -11.37 22.29 -59.37
N LEU F 116 -12.40 22.65 -58.60
CA LEU F 116 -12.64 22.04 -57.31
C LEU F 116 -13.19 20.63 -57.47
N GLY F 117 -12.55 19.68 -56.79
CA GLY F 117 -12.99 18.30 -56.81
C GLY F 117 -13.85 18.07 -55.58
N VAL F 118 -14.68 17.04 -55.62
CA VAL F 118 -15.55 16.73 -54.49
C VAL F 118 -15.59 15.23 -54.27
N ILE F 119 -15.47 14.84 -53.01
CA ILE F 119 -15.59 13.45 -52.59
C ILE F 119 -16.87 13.46 -51.74
N TRP F 120 -17.88 12.73 -52.21
CA TRP F 120 -19.17 12.64 -51.51
C TRP F 120 -19.24 11.25 -50.82
N TYR F 121 -18.85 11.21 -49.54
CA TYR F 121 -18.82 10.01 -48.69
C TYR F 121 -20.27 9.90 -48.16
N ASP F 122 -21.03 8.96 -48.72
CA ASP F 122 -22.46 8.94 -48.44
C ASP F 122 -23.09 7.62 -48.87
N ALA F 123 -24.26 7.28 -48.32
CA ALA F 123 -24.98 6.05 -48.69
C ALA F 123 -25.91 6.34 -49.87
N HIS F 124 -26.15 7.63 -50.08
CA HIS F 124 -27.02 8.10 -51.14
C HIS F 124 -26.26 8.94 -52.15
N GLY F 125 -26.93 9.33 -53.23
CA GLY F 125 -26.28 10.14 -54.24
C GLY F 125 -26.50 11.63 -54.12
N ASP F 126 -27.63 12.01 -53.52
CA ASP F 126 -27.99 13.42 -53.33
C ASP F 126 -27.98 14.23 -54.62
N VAL F 127 -28.36 13.56 -55.72
CA VAL F 127 -28.40 14.20 -57.04
C VAL F 127 -29.79 14.26 -57.64
N ASN F 128 -30.78 14.45 -56.79
CA ASN F 128 -32.16 14.57 -57.24
C ASN F 128 -32.48 16.03 -57.51
N THR F 129 -33.57 16.23 -58.22
CA THR F 129 -34.10 17.54 -58.55
C THR F 129 -35.54 17.44 -58.12
N ALA F 130 -36.30 18.52 -58.28
CA ALA F 130 -37.71 18.50 -57.89
C ALA F 130 -38.44 17.48 -58.75
N GLU F 131 -37.95 17.30 -59.97
CA GLU F 131 -38.57 16.34 -60.89
C GLU F 131 -38.29 14.90 -60.53
N THR F 132 -37.09 14.62 -60.04
CA THR F 132 -36.76 13.25 -59.72
C THR F 132 -36.94 12.90 -58.26
N SER F 133 -36.90 13.88 -57.39
CA SER F 133 -37.00 13.61 -55.96
C SER F 133 -38.27 12.89 -55.60
N PRO F 134 -38.14 11.78 -54.84
CA PRO F 134 -39.30 10.99 -54.40
C PRO F 134 -39.87 11.51 -53.09
N SER F 135 -39.18 12.48 -52.49
CA SER F 135 -39.58 13.00 -51.19
C SER F 135 -39.78 14.50 -51.09
N GLY F 136 -39.12 15.26 -51.97
CA GLY F 136 -39.25 16.69 -51.92
C GLY F 136 -38.30 17.29 -50.88
N ASN F 137 -37.48 16.44 -50.27
CA ASN F 137 -36.52 16.89 -49.28
C ASN F 137 -35.25 17.38 -49.98
N ILE F 138 -34.91 18.64 -49.73
CA ILE F 138 -33.74 19.25 -50.36
C ILE F 138 -32.38 18.62 -49.97
N HIS F 139 -32.30 17.92 -48.83
CA HIS F 139 -31.02 17.30 -48.44
C HIS F 139 -30.64 16.16 -49.42
N GLY F 140 -31.56 15.83 -50.32
CA GLY F 140 -31.30 14.80 -51.29
C GLY F 140 -30.98 15.41 -52.65
N MET F 141 -30.73 16.71 -52.69
CA MET F 141 -30.45 17.42 -53.93
C MET F 141 -29.20 18.31 -53.99
N PRO F 142 -28.45 18.47 -52.88
CA PRO F 142 -27.26 19.34 -52.90
C PRO F 142 -26.18 19.07 -53.93
N LEU F 143 -25.87 17.80 -54.21
CA LEU F 143 -24.84 17.49 -55.20
C LEU F 143 -25.31 17.95 -56.60
N ALA F 144 -26.52 17.58 -56.99
CA ALA F 144 -27.08 17.99 -58.29
C ALA F 144 -27.13 19.51 -58.38
N ALA F 145 -27.65 20.16 -57.35
CA ALA F 145 -27.76 21.60 -57.33
C ALA F 145 -26.39 22.26 -57.50
N SER F 146 -25.37 21.70 -56.86
CA SER F 146 -24.02 22.24 -56.94
C SER F 146 -23.44 22.03 -58.35
N LEU F 147 -23.90 20.99 -59.04
CA LEU F 147 -23.47 20.67 -60.40
C LEU F 147 -24.26 21.53 -61.39
N GLY F 148 -25.12 22.40 -60.86
CA GLY F 148 -25.94 23.29 -61.69
C GLY F 148 -27.30 22.73 -62.11
N PHE F 149 -27.73 21.62 -61.54
CA PHE F 149 -29.02 21.02 -61.88
C PHE F 149 -30.03 21.09 -60.74
N GLY F 150 -31.09 21.87 -60.95
CA GLY F 150 -32.11 22.03 -59.93
C GLY F 150 -32.74 23.41 -59.96
N HIS F 151 -33.47 23.74 -58.91
CA HIS F 151 -34.13 25.02 -58.84
C HIS F 151 -33.08 26.13 -58.75
N PRO F 152 -33.27 27.21 -59.52
CA PRO F 152 -32.36 28.35 -59.55
C PRO F 152 -32.06 28.94 -58.19
N ALA F 153 -33.02 28.84 -57.28
CA ALA F 153 -32.82 29.38 -55.93
C ALA F 153 -31.69 28.63 -55.24
N LEU F 154 -31.49 27.39 -55.66
CA LEU F 154 -30.45 26.57 -55.08
C LEU F 154 -29.18 26.57 -55.95
N THR F 155 -29.34 26.56 -57.27
CA THR F 155 -28.20 26.50 -58.17
C THR F 155 -27.45 27.80 -58.28
N GLN F 156 -28.10 28.91 -57.92
CA GLN F 156 -27.47 30.22 -58.02
C GLN F 156 -26.94 30.81 -56.74
N ILE F 157 -26.97 30.05 -55.66
CA ILE F 157 -26.46 30.53 -54.38
C ILE F 157 -25.05 31.07 -54.60
N GLY F 158 -24.77 32.21 -53.99
CA GLY F 158 -23.45 32.81 -54.14
C GLY F 158 -23.31 33.58 -55.43
N GLY F 159 -24.35 33.54 -56.27
CA GLY F 159 -24.33 34.25 -57.54
C GLY F 159 -23.55 33.70 -58.71
N TYR F 160 -23.38 32.37 -58.77
CA TYR F 160 -22.67 31.75 -59.89
C TYR F 160 -23.01 30.27 -59.94
N SER F 161 -22.77 29.66 -61.09
CA SER F 161 -23.05 28.25 -61.28
C SER F 161 -22.36 27.74 -62.53
N PRO F 162 -21.95 26.46 -62.56
CA PRO F 162 -22.13 25.52 -61.46
C PRO F 162 -20.91 25.67 -60.58
N LYS F 163 -20.96 25.12 -59.38
CA LYS F 163 -19.83 25.22 -58.49
C LYS F 163 -18.74 24.20 -58.87
N ILE F 164 -19.13 23.03 -59.36
CA ILE F 164 -18.16 22.00 -59.76
C ILE F 164 -18.66 21.27 -61.00
N LYS F 165 -17.76 20.50 -61.63
CA LYS F 165 -18.08 19.72 -62.84
C LYS F 165 -18.17 18.23 -62.47
N PRO F 166 -19.03 17.48 -63.17
CA PRO F 166 -19.26 16.03 -62.95
C PRO F 166 -18.00 15.19 -62.90
N GLU F 167 -17.07 15.53 -63.77
CA GLU F 167 -15.82 14.80 -63.90
C GLU F 167 -14.90 15.05 -62.72
N HIS F 168 -15.31 15.93 -61.82
CA HIS F 168 -14.50 16.23 -60.66
C HIS F 168 -15.16 15.76 -59.38
N VAL F 169 -16.13 14.88 -59.53
CA VAL F 169 -16.85 14.34 -58.38
C VAL F 169 -16.64 12.83 -58.26
N VAL F 170 -16.50 12.36 -57.01
CA VAL F 170 -16.35 10.92 -56.74
C VAL F 170 -17.25 10.59 -55.55
N LEU F 171 -18.22 9.70 -55.79
CA LEU F 171 -19.14 9.26 -54.76
C LEU F 171 -18.57 7.96 -54.18
N ILE F 172 -18.58 7.85 -52.85
CA ILE F 172 -18.04 6.67 -52.17
C ILE F 172 -19.00 6.16 -51.08
N GLY F 173 -19.29 4.85 -51.15
CA GLY F 173 -20.16 4.19 -50.18
C GLY F 173 -21.63 4.15 -50.49
N VAL F 174 -22.00 4.51 -51.71
CA VAL F 174 -23.41 4.56 -52.12
C VAL F 174 -24.07 3.21 -52.12
N ARG F 175 -25.28 3.17 -51.58
CA ARG F 175 -26.01 1.93 -51.51
C ARG F 175 -27.53 2.17 -51.63
N SER F 176 -27.91 3.40 -51.97
CA SER F 176 -29.33 3.72 -52.15
C SER F 176 -29.51 4.89 -53.11
N LEU F 177 -29.77 4.56 -54.37
CA LEU F 177 -29.97 5.58 -55.40
C LEU F 177 -31.34 5.47 -56.00
N ASP F 178 -32.02 6.59 -56.18
CA ASP F 178 -33.34 6.58 -56.82
C ASP F 178 -33.07 6.41 -58.31
N GLU F 179 -34.02 5.85 -59.06
CA GLU F 179 -33.84 5.64 -60.50
C GLU F 179 -33.37 6.87 -61.25
N GLY F 180 -33.96 8.01 -60.94
CA GLY F 180 -33.58 9.25 -61.60
C GLY F 180 -32.12 9.58 -61.33
N GLU F 181 -31.67 9.25 -60.13
CA GLU F 181 -30.30 9.51 -59.75
C GLU F 181 -29.33 8.58 -60.49
N LYS F 182 -29.72 7.33 -60.67
CA LYS F 182 -28.87 6.37 -61.37
C LYS F 182 -28.66 6.86 -62.80
N LYS F 183 -29.73 7.39 -63.37
CA LYS F 183 -29.70 7.93 -64.73
C LYS F 183 -28.79 9.14 -64.78
N PHE F 184 -28.97 10.06 -63.82
CA PHE F 184 -28.19 11.28 -63.70
C PHE F 184 -26.70 10.99 -63.61
N ILE F 185 -26.33 10.10 -62.70
CA ILE F 185 -24.93 9.72 -62.47
C ILE F 185 -24.32 9.09 -63.72
N ARG F 186 -25.06 8.16 -64.30
CA ARG F 186 -24.60 7.49 -65.49
C ARG F 186 -24.42 8.45 -66.66
N GLU F 187 -25.42 9.31 -66.87
CA GLU F 187 -25.37 10.27 -67.96
C GLU F 187 -24.39 11.42 -67.75
N LYS F 188 -24.24 11.93 -66.54
CA LYS F 188 -23.28 13.01 -66.33
C LYS F 188 -21.89 12.41 -66.20
N GLY F 189 -21.81 11.08 -66.21
CA GLY F 189 -20.53 10.40 -66.12
C GLY F 189 -19.79 10.63 -64.80
N ILE F 190 -20.53 10.62 -63.70
CA ILE F 190 -19.93 10.84 -62.37
C ILE F 190 -19.31 9.57 -61.85
N LYS F 191 -18.05 9.67 -61.41
CA LYS F 191 -17.32 8.52 -60.87
C LYS F 191 -17.98 8.07 -59.54
N ILE F 192 -18.30 6.78 -59.43
CA ILE F 192 -18.98 6.28 -58.26
C ILE F 192 -18.55 4.89 -57.82
N TYR F 193 -18.30 4.77 -56.53
CA TYR F 193 -17.93 3.51 -55.91
C TYR F 193 -19.02 3.18 -54.93
N THR F 194 -19.92 2.28 -55.33
CA THR F 194 -21.00 1.83 -54.46
C THR F 194 -20.43 0.77 -53.52
N MET F 195 -21.27 0.23 -52.64
CA MET F 195 -20.80 -0.79 -51.71
C MET F 195 -20.29 -2.04 -52.46
N HIS F 196 -20.76 -2.23 -53.69
CA HIS F 196 -20.32 -3.36 -54.48
C HIS F 196 -18.83 -3.20 -54.77
N GLU F 197 -18.44 -1.99 -55.19
CA GLU F 197 -17.04 -1.76 -55.48
C GLU F 197 -16.19 -1.75 -54.23
N VAL F 198 -16.74 -1.25 -53.13
CA VAL F 198 -15.99 -1.23 -51.87
C VAL F 198 -15.80 -2.68 -51.40
N ASP F 199 -16.85 -3.48 -51.53
CA ASP F 199 -16.77 -4.89 -51.16
C ASP F 199 -15.85 -5.64 -52.09
N ARG F 200 -15.96 -5.35 -53.38
CA ARG F 200 -15.18 -6.05 -54.39
C ARG F 200 -13.69 -5.65 -54.47
N LEU F 201 -13.43 -4.35 -54.43
CA LEU F 201 -12.08 -3.83 -54.54
C LEU F 201 -11.39 -3.57 -53.21
N GLY F 202 -12.17 -3.31 -52.15
CA GLY F 202 -11.58 -3.02 -50.87
C GLY F 202 -11.39 -1.54 -50.74
N MET F 203 -11.51 -1.01 -49.52
CA MET F 203 -11.38 0.43 -49.31
C MET F 203 -10.05 1.03 -49.73
N THR F 204 -8.95 0.30 -49.53
CA THR F 204 -7.63 0.81 -49.89
C THR F 204 -7.58 1.17 -51.36
N ARG F 205 -7.99 0.23 -52.20
CA ARG F 205 -8.00 0.44 -53.64
C ARG F 205 -8.94 1.56 -54.08
N VAL F 206 -10.12 1.61 -53.45
CA VAL F 206 -11.09 2.63 -53.77
C VAL F 206 -10.49 4.00 -53.48
N MET F 207 -9.87 4.12 -52.32
CA MET F 207 -9.25 5.39 -51.93
C MET F 207 -8.07 5.75 -52.82
N GLU F 208 -7.23 4.77 -53.14
CA GLU F 208 -6.08 5.01 -54.00
C GLU F 208 -6.50 5.59 -55.34
N GLU F 209 -7.49 4.95 -55.95
CA GLU F 209 -8.01 5.39 -57.24
C GLU F 209 -8.69 6.76 -57.15
N THR F 210 -9.42 6.99 -56.07
CA THR F 210 -10.11 8.24 -55.88
C THR F 210 -9.11 9.39 -55.79
N ILE F 211 -8.10 9.19 -54.95
CA ILE F 211 -7.07 10.20 -54.71
C ILE F 211 -6.30 10.51 -55.98
N ALA F 212 -5.95 9.47 -56.73
CA ALA F 212 -5.20 9.63 -57.95
C ALA F 212 -6.01 10.35 -59.00
N TYR F 213 -7.26 9.92 -59.14
CA TYR F 213 -8.18 10.50 -60.10
C TYR F 213 -8.35 12.01 -59.90
N LEU F 214 -8.57 12.42 -58.66
CA LEU F 214 -8.79 13.81 -58.35
C LEU F 214 -7.50 14.61 -58.38
N LYS F 215 -6.45 14.06 -57.79
CA LYS F 215 -5.17 14.74 -57.71
C LYS F 215 -4.69 15.11 -59.12
N GLU F 216 -5.07 14.25 -60.06
CA GLU F 216 -4.72 14.39 -61.45
C GLU F 216 -5.50 15.44 -62.23
N ARG F 217 -6.58 15.98 -61.66
CA ARG F 217 -7.32 16.96 -62.42
C ARG F 217 -7.96 18.10 -61.68
N THR F 218 -7.71 18.21 -60.38
CA THR F 218 -8.30 19.28 -59.59
C THR F 218 -7.27 20.12 -58.87
N ASP F 219 -7.64 21.31 -58.44
CA ASP F 219 -6.70 22.15 -57.73
C ASP F 219 -7.08 22.32 -56.27
N GLY F 220 -8.13 21.60 -55.88
CA GLY F 220 -8.62 21.64 -54.51
C GLY F 220 -9.63 20.53 -54.38
N VAL F 221 -9.75 19.95 -53.20
CA VAL F 221 -10.73 18.88 -53.02
C VAL F 221 -11.56 19.09 -51.75
N HIS F 222 -12.88 19.09 -51.92
CA HIS F 222 -13.80 19.26 -50.82
C HIS F 222 -14.35 17.91 -50.40
N LEU F 223 -14.26 17.61 -49.12
CA LEU F 223 -14.80 16.36 -48.56
C LEU F 223 -16.17 16.68 -47.98
N SER F 224 -17.19 16.03 -48.53
CA SER F 224 -18.54 16.21 -48.04
C SER F 224 -18.94 14.86 -47.44
N LEU F 225 -18.78 14.73 -46.12
CA LEU F 225 -19.08 13.49 -45.45
C LEU F 225 -20.39 13.42 -44.69
N ASP F 226 -21.26 12.52 -45.16
CA ASP F 226 -22.57 12.26 -44.55
C ASP F 226 -22.33 11.02 -43.67
N LEU F 227 -22.65 11.14 -42.39
CA LEU F 227 -22.46 10.04 -41.47
C LEU F 227 -23.29 8.82 -41.87
N ASP F 228 -24.31 9.00 -42.70
CA ASP F 228 -25.10 7.84 -43.11
C ASP F 228 -24.27 6.92 -44.03
N GLY F 229 -23.10 7.42 -44.43
CA GLY F 229 -22.20 6.65 -45.27
C GLY F 229 -21.69 5.45 -44.46
N LEU F 230 -21.60 5.60 -43.15
CA LEU F 230 -21.17 4.49 -42.30
C LEU F 230 -22.41 3.63 -42.00
N ASP F 231 -22.16 2.37 -41.66
CA ASP F 231 -23.23 1.45 -41.31
C ASP F 231 -23.98 1.97 -40.08
N PRO F 232 -25.31 1.79 -40.04
CA PRO F 232 -26.13 2.23 -38.91
C PRO F 232 -25.66 1.67 -37.56
N SER F 233 -24.94 0.54 -37.59
CA SER F 233 -24.45 -0.05 -36.34
C SER F 233 -23.29 0.79 -35.82
N ASP F 234 -22.64 1.52 -36.71
CA ASP F 234 -21.52 2.36 -36.32
C ASP F 234 -21.98 3.79 -36.11
N ALA F 235 -22.93 4.22 -36.94
CA ALA F 235 -23.44 5.60 -36.85
C ALA F 235 -24.99 5.59 -36.90
N PRO F 236 -25.62 5.19 -35.77
CA PRO F 236 -27.09 5.12 -35.69
C PRO F 236 -27.83 6.46 -35.76
N GLY F 237 -27.16 7.53 -35.36
CA GLY F 237 -27.78 8.84 -35.34
C GLY F 237 -27.92 9.63 -36.61
N VAL F 238 -28.62 9.06 -37.59
CA VAL F 238 -28.86 9.70 -38.89
C VAL F 238 -30.32 9.47 -39.25
N GLY F 239 -30.88 10.39 -40.05
CA GLY F 239 -32.27 10.30 -40.42
C GLY F 239 -32.57 9.34 -41.55
N THR F 240 -31.57 9.04 -42.38
CA THR F 240 -31.75 8.11 -43.50
C THR F 240 -30.75 6.95 -43.46
N PRO F 241 -30.86 6.10 -42.45
CA PRO F 241 -29.92 4.97 -42.34
C PRO F 241 -30.16 3.90 -43.39
N VAL F 242 -29.09 3.25 -43.85
CA VAL F 242 -29.20 2.17 -44.85
C VAL F 242 -28.20 1.10 -44.42
N ILE F 243 -28.67 -0.10 -44.18
CA ILE F 243 -27.76 -1.17 -43.74
C ILE F 243 -26.71 -1.58 -44.78
N GLY F 244 -25.70 -2.33 -44.33
CA GLY F 244 -24.63 -2.77 -45.21
C GLY F 244 -23.71 -1.63 -45.60
N GLY F 245 -23.38 -0.77 -44.65
CA GLY F 245 -22.50 0.35 -44.94
C GLY F 245 -21.05 0.20 -44.60
N LEU F 246 -20.33 1.30 -44.76
CA LEU F 246 -18.90 1.34 -44.46
C LEU F 246 -18.67 1.19 -42.94
N THR F 247 -17.62 0.44 -42.59
CA THR F 247 -17.28 0.19 -41.20
C THR F 247 -16.51 1.37 -40.58
N TYR F 248 -16.39 1.33 -39.26
CA TYR F 248 -15.66 2.32 -38.50
C TYR F 248 -14.21 2.36 -39.01
N ARG F 249 -13.60 1.19 -39.18
CA ARG F 249 -12.23 1.07 -39.65
C ARG F 249 -11.99 1.52 -41.10
N GLU F 250 -12.89 1.16 -41.99
CA GLU F 250 -12.75 1.58 -43.39
C GLU F 250 -12.80 3.09 -43.47
N SER F 251 -13.62 3.72 -42.64
CA SER F 251 -13.76 5.17 -42.61
C SER F 251 -12.50 5.84 -42.07
N HIS F 252 -11.90 5.26 -41.03
CA HIS F 252 -10.69 5.84 -40.50
C HIS F 252 -9.57 5.71 -41.53
N LEU F 253 -9.51 4.56 -42.20
CA LEU F 253 -8.49 4.32 -43.23
C LEU F 253 -8.65 5.39 -44.33
N ALA F 254 -9.90 5.62 -44.75
CA ALA F 254 -10.20 6.59 -45.79
C ALA F 254 -9.70 7.97 -45.38
N MET F 255 -9.99 8.37 -44.15
CA MET F 255 -9.57 9.68 -43.65
C MET F 255 -8.05 9.73 -43.56
N GLU F 256 -7.43 8.63 -43.16
CA GLU F 256 -5.99 8.58 -43.01
C GLU F 256 -5.28 8.67 -44.35
N MET F 257 -5.87 8.05 -45.38
CA MET F 257 -5.29 8.08 -46.71
C MET F 257 -5.47 9.45 -47.34
N LEU F 258 -6.54 10.13 -46.97
CA LEU F 258 -6.78 11.46 -47.48
C LEU F 258 -5.79 12.43 -46.83
N ALA F 259 -5.56 12.25 -45.53
CA ALA F 259 -4.63 13.09 -44.79
C ALA F 259 -3.25 12.95 -45.40
N GLU F 260 -2.85 11.71 -45.64
CA GLU F 260 -1.55 11.41 -46.22
C GLU F 260 -1.39 12.09 -47.59
N ALA F 261 -2.44 12.03 -48.40
CA ALA F 261 -2.45 12.61 -49.73
C ALA F 261 -2.41 14.12 -49.75
N GLN F 262 -2.83 14.74 -48.65
CA GLN F 262 -2.84 16.19 -48.55
C GLN F 262 -3.63 16.86 -49.65
N ILE F 263 -4.77 16.29 -50.03
CA ILE F 263 -5.58 16.90 -51.09
C ILE F 263 -6.84 17.61 -50.62
N ILE F 264 -7.26 17.36 -49.38
CA ILE F 264 -8.49 17.97 -48.88
C ILE F 264 -8.27 19.42 -48.48
N THR F 265 -9.02 20.32 -49.12
CA THR F 265 -8.92 21.75 -48.88
C THR F 265 -10.10 22.40 -48.16
N SER F 266 -11.13 21.61 -47.92
CA SER F 266 -12.32 22.04 -47.18
C SER F 266 -13.13 20.78 -46.84
N ALA F 267 -13.93 20.85 -45.78
CA ALA F 267 -14.70 19.67 -45.42
C ALA F 267 -15.94 20.01 -44.60
N GLU F 268 -16.90 19.09 -44.61
CA GLU F 268 -18.12 19.22 -43.84
C GLU F 268 -18.57 17.83 -43.41
N PHE F 269 -19.02 17.75 -42.18
CA PHE F 269 -19.53 16.52 -41.58
C PHE F 269 -20.98 16.81 -41.25
N VAL F 270 -21.89 16.08 -41.90
CA VAL F 270 -23.30 16.35 -41.78
C VAL F 270 -24.21 15.20 -41.35
N GLU F 271 -25.47 15.56 -41.08
CA GLU F 271 -26.53 14.64 -40.71
C GLU F 271 -26.49 14.03 -39.31
N VAL F 272 -25.59 14.51 -38.46
CA VAL F 272 -25.53 14.01 -37.11
C VAL F 272 -26.84 14.41 -36.37
N ASN F 273 -27.59 13.43 -35.91
CA ASN F 273 -28.85 13.72 -35.22
C ASN F 273 -28.81 13.05 -33.85
N PRO F 274 -28.53 13.83 -32.79
CA PRO F 274 -28.44 13.37 -31.40
C PRO F 274 -29.73 12.69 -30.92
N ILE F 275 -30.84 13.15 -31.47
CA ILE F 275 -32.14 12.65 -31.08
C ILE F 275 -32.49 11.27 -31.61
N LEU F 276 -31.72 10.77 -32.58
CA LEU F 276 -31.95 9.43 -33.15
C LEU F 276 -30.74 8.58 -32.83
N ASP F 277 -29.86 9.12 -32.00
CA ASP F 277 -28.61 8.47 -31.64
C ASP F 277 -28.64 7.76 -30.30
N GLU F 278 -27.55 7.05 -30.00
CA GLU F 278 -27.35 6.34 -28.76
C GLU F 278 -26.17 6.98 -28.05
N ARG F 279 -26.45 7.75 -27.01
CA ARG F 279 -25.42 8.43 -26.23
C ARG F 279 -24.35 9.17 -27.05
N ASN F 280 -24.78 9.93 -28.03
CA ASN F 280 -23.87 10.74 -28.86
C ASN F 280 -22.83 9.97 -29.67
N LYS F 281 -23.09 8.68 -29.90
CA LYS F 281 -22.18 7.80 -30.64
C LYS F 281 -21.79 8.34 -32.02
N THR F 282 -22.77 8.84 -32.76
CA THR F 282 -22.54 9.36 -34.09
C THR F 282 -21.71 10.63 -34.11
N ALA F 283 -21.95 11.54 -33.16
CA ALA F 283 -21.17 12.77 -33.09
C ALA F 283 -19.71 12.38 -32.77
N SER F 284 -19.55 11.36 -31.95
CA SER F 284 -18.23 10.92 -31.55
C SER F 284 -17.44 10.37 -32.74
N VAL F 285 -18.12 9.59 -33.57
CA VAL F 285 -17.52 8.97 -34.74
C VAL F 285 -17.05 10.08 -35.65
N ALA F 286 -17.88 11.09 -35.84
CA ALA F 286 -17.55 12.21 -36.72
C ALA F 286 -16.28 12.92 -36.23
N VAL F 287 -16.22 13.18 -34.92
CA VAL F 287 -15.07 13.84 -34.33
C VAL F 287 -13.80 12.99 -34.46
N ALA F 288 -13.94 11.67 -34.28
CA ALA F 288 -12.82 10.76 -34.41
C ALA F 288 -12.31 10.78 -35.86
N LEU F 289 -13.24 10.78 -36.81
CA LEU F 289 -12.95 10.81 -38.25
C LEU F 289 -12.24 12.11 -38.59
N MET F 290 -12.71 13.22 -38.03
CA MET F 290 -12.05 14.52 -38.25
C MET F 290 -10.61 14.44 -37.70
N GLY F 291 -10.41 13.74 -36.58
CA GLY F 291 -9.08 13.60 -36.00
C GLY F 291 -8.12 12.93 -36.98
N SER F 292 -8.60 11.91 -37.66
CA SER F 292 -7.80 11.20 -38.64
C SER F 292 -7.57 12.08 -39.87
N LEU F 293 -8.65 12.70 -40.35
CA LEU F 293 -8.58 13.56 -41.53
C LEU F 293 -7.55 14.64 -41.35
N PHE F 294 -7.52 15.23 -40.16
CA PHE F 294 -6.59 16.31 -39.86
C PHE F 294 -5.20 15.93 -39.40
N GLY F 295 -4.83 14.67 -39.63
CA GLY F 295 -3.48 14.27 -39.30
C GLY F 295 -3.13 13.31 -38.19
N GLU F 296 -4.09 12.86 -37.39
CA GLU F 296 -3.77 11.91 -36.33
C GLU F 296 -3.12 10.67 -36.92
N LYS F 297 -2.14 10.15 -36.21
CA LYS F 297 -1.47 8.94 -36.65
C LYS F 297 -1.29 8.00 -35.47
N LEU F 298 -1.57 6.72 -35.69
CA LEU F 298 -1.42 5.71 -34.64
C LEU F 298 0.03 5.44 -34.29
N MET F 299 0.90 5.51 -35.29
CA MET F 299 2.33 5.26 -35.17
C MET F 299 3.11 6.56 -34.96
#